data_6HQ9
# 
_entry.id   6HQ9 
# 
_audit_conform.dict_name       mmcif_pdbx.dic 
_audit_conform.dict_version    5.383 
_audit_conform.dict_location   http://mmcif.pdb.org/dictionaries/ascii/mmcif_pdbx.dic 
# 
loop_
_database_2.database_id 
_database_2.database_code 
_database_2.pdbx_database_accession 
_database_2.pdbx_DOI 
PDB   6HQ9         pdb_00006hq9 10.2210/pdb6hq9/pdb 
WWPDB D_1200012073 ?            ?                   
# 
loop_
_pdbx_audit_revision_history.ordinal 
_pdbx_audit_revision_history.data_content_type 
_pdbx_audit_revision_history.major_revision 
_pdbx_audit_revision_history.minor_revision 
_pdbx_audit_revision_history.revision_date 
1 'Structure model' 1 0 2018-10-17 
2 'Structure model' 1 1 2024-01-24 
# 
_pdbx_audit_revision_details.ordinal             1 
_pdbx_audit_revision_details.revision_ordinal    1 
_pdbx_audit_revision_details.data_content_type   'Structure model' 
_pdbx_audit_revision_details.provider            repository 
_pdbx_audit_revision_details.type                'Initial release' 
_pdbx_audit_revision_details.description         ? 
_pdbx_audit_revision_details.details             ? 
# 
loop_
_pdbx_audit_revision_group.ordinal 
_pdbx_audit_revision_group.revision_ordinal 
_pdbx_audit_revision_group.data_content_type 
_pdbx_audit_revision_group.group 
1 2 'Structure model' 'Data collection'        
2 2 'Structure model' 'Database references'    
3 2 'Structure model' 'Refinement description' 
4 2 'Structure model' 'Structure summary'      
# 
loop_
_pdbx_audit_revision_category.ordinal 
_pdbx_audit_revision_category.revision_ordinal 
_pdbx_audit_revision_category.data_content_type 
_pdbx_audit_revision_category.category 
1 2 'Structure model' chem_comp_atom                
2 2 'Structure model' chem_comp_bond                
3 2 'Structure model' database_2                    
4 2 'Structure model' entity                        
5 2 'Structure model' pdbx_initial_refinement_model 
# 
loop_
_pdbx_audit_revision_item.ordinal 
_pdbx_audit_revision_item.revision_ordinal 
_pdbx_audit_revision_item.data_content_type 
_pdbx_audit_revision_item.item 
1 2 'Structure model' '_database_2.pdbx_DOI'                
2 2 'Structure model' '_database_2.pdbx_database_accession' 
3 2 'Structure model' '_entity.formula_weight'              
# 
_pdbx_database_status.status_code                     REL 
_pdbx_database_status.status_code_sf                  REL 
_pdbx_database_status.status_code_mr                  ? 
_pdbx_database_status.entry_id                        6HQ9 
_pdbx_database_status.recvd_initial_deposition_date   2018-09-24 
_pdbx_database_status.SG_entry                        N 
_pdbx_database_status.deposit_site                    PDBE 
_pdbx_database_status.process_site                    PDBE 
_pdbx_database_status.status_code_cs                  ? 
_pdbx_database_status.methods_development_category    ? 
_pdbx_database_status.pdb_format_compatible           Y 
_pdbx_database_status.status_code_nmr_data            ? 
# 
loop_
_audit_author.name 
_audit_author.pdbx_ordinal 
_audit_author.identifier_ORCID 
'Newman, J.A.'     1 ? 
'Gavard, A.E.'     2 ? 
'Nathan, W.J.'     3 ? 
'Pinkas, D.M.'     4 ? 
'von Delft, F.'    5 ? 
'Arrowsmith, C.H.' 6 ? 
'Edwards, A.'      7 ? 
'Bountra, C.'      8 ? 
'Gileadi, O.'      9 ? 
# 
_citation.abstract                  ? 
_citation.abstract_id_CAS           ? 
_citation.book_id_ISBN              ? 
_citation.book_publisher            ? 
_citation.book_publisher_city       ? 
_citation.book_title                ? 
_citation.coordinate_linkage        ? 
_citation.country                   ? 
_citation.database_id_Medline       ? 
_citation.details                   ? 
_citation.id                        primary 
_citation.journal_abbrev            'To Be Published' 
_citation.journal_id_ASTM           ? 
_citation.journal_id_CSD            0353 
_citation.journal_id_ISSN           ? 
_citation.journal_full              ? 
_citation.journal_issue             ? 
_citation.journal_volume            ? 
_citation.language                  ? 
_citation.page_first                ? 
_citation.page_last                 ? 
_citation.title                     'Crystal structure of the Tudor domain of human ERCC6-L2' 
_citation.year                      ? 
_citation.database_id_CSD           ? 
_citation.pdbx_database_id_DOI      ? 
_citation.pdbx_database_id_PubMed   ? 
_citation.unpublished_flag          ? 
# 
loop_
_citation_author.citation_id 
_citation_author.name 
_citation_author.ordinal 
_citation_author.identifier_ORCID 
primary 'Newman, J.A.'     1 ? 
primary 'Gavard, A.E.'     2 ? 
primary 'Nathan, W.J.'     3 ? 
primary 'Pinkas, D.M.'     4 ? 
primary 'von Delft, F.'    5 ? 
primary 'Arrowsmith, C.H.' 6 ? 
primary 'Edwards, A.'      7 ? 
primary 'Bountra, C.'      8 ? 
primary 'Gileadi, O.'      9 ? 
# 
loop_
_entity.id 
_entity.type 
_entity.src_method 
_entity.pdbx_description 
_entity.formula_weight 
_entity.pdbx_number_of_molecules 
_entity.pdbx_ec 
_entity.pdbx_mutation 
_entity.pdbx_fragment 
_entity.details 
1 polymer man 'DNA excision repair protein ERCC-6-like 2' 7832.019 2  3.6.4.- ? ? 'first residue remains after cleavage of tag' 
2 water   nat water                                       18.015   39 ?       ? ? ?                                             
# 
_entity_name_com.entity_id   1 
_entity_name_com.name        'DNA repair and recombination protein RAD26-like' 
# 
_entity_poly.entity_id                      1 
_entity_poly.type                           'polypeptide(L)' 
_entity_poly.nstd_linkage                   no 
_entity_poly.nstd_monomer                   no 
_entity_poly.pdbx_seq_one_letter_code       SMKDIWHPGERCLAPSPDNGKLCEASIKSITVDENGKSFAVVLYADFQERKIPLKQLQEVKFVKDCPRN 
_entity_poly.pdbx_seq_one_letter_code_can   SMKDIWHPGERCLAPSPDNGKLCEASIKSITVDENGKSFAVVLYADFQERKIPLKQLQEVKFVKDCPRN 
_entity_poly.pdbx_strand_id                 A,B 
_entity_poly.pdbx_target_identifier         ? 
# 
_pdbx_entity_nonpoly.entity_id   2 
_pdbx_entity_nonpoly.name        water 
_pdbx_entity_nonpoly.comp_id     HOH 
# 
loop_
_entity_poly_seq.entity_id 
_entity_poly_seq.num 
_entity_poly_seq.mon_id 
_entity_poly_seq.hetero 
1 1  SER n 
1 2  MET n 
1 3  LYS n 
1 4  ASP n 
1 5  ILE n 
1 6  TRP n 
1 7  HIS n 
1 8  PRO n 
1 9  GLY n 
1 10 GLU n 
1 11 ARG n 
1 12 CYS n 
1 13 LEU n 
1 14 ALA n 
1 15 PRO n 
1 16 SER n 
1 17 PRO n 
1 18 ASP n 
1 19 ASN n 
1 20 GLY n 
1 21 LYS n 
1 22 LEU n 
1 23 CYS n 
1 24 GLU n 
1 25 ALA n 
1 26 SER n 
1 27 ILE n 
1 28 LYS n 
1 29 SER n 
1 30 ILE n 
1 31 THR n 
1 32 VAL n 
1 33 ASP n 
1 34 GLU n 
1 35 ASN n 
1 36 GLY n 
1 37 LYS n 
1 38 SER n 
1 39 PHE n 
1 40 ALA n 
1 41 VAL n 
1 42 VAL n 
1 43 LEU n 
1 44 TYR n 
1 45 ALA n 
1 46 ASP n 
1 47 PHE n 
1 48 GLN n 
1 49 GLU n 
1 50 ARG n 
1 51 LYS n 
1 52 ILE n 
1 53 PRO n 
1 54 LEU n 
1 55 LYS n 
1 56 GLN n 
1 57 LEU n 
1 58 GLN n 
1 59 GLU n 
1 60 VAL n 
1 61 LYS n 
1 62 PHE n 
1 63 VAL n 
1 64 LYS n 
1 65 ASP n 
1 66 CYS n 
1 67 PRO n 
1 68 ARG n 
1 69 ASN n 
# 
_entity_src_gen.entity_id                          1 
_entity_src_gen.pdbx_src_id                        1 
_entity_src_gen.pdbx_alt_source_flag               sample 
_entity_src_gen.pdbx_seq_type                      'Biological sequence' 
_entity_src_gen.pdbx_beg_seq_num                   1 
_entity_src_gen.pdbx_end_seq_num                   69 
_entity_src_gen.gene_src_common_name               Human 
_entity_src_gen.gene_src_genus                     ? 
_entity_src_gen.pdbx_gene_src_gene                 'ERCC6L2, C9orf102, RAD26L' 
_entity_src_gen.gene_src_species                   ? 
_entity_src_gen.gene_src_strain                    ? 
_entity_src_gen.gene_src_tissue                    ? 
_entity_src_gen.gene_src_tissue_fraction           ? 
_entity_src_gen.gene_src_details                   ? 
_entity_src_gen.pdbx_gene_src_fragment             ? 
_entity_src_gen.pdbx_gene_src_scientific_name      'Homo sapiens' 
_entity_src_gen.pdbx_gene_src_ncbi_taxonomy_id     9606 
_entity_src_gen.pdbx_gene_src_variant              ? 
_entity_src_gen.pdbx_gene_src_cell_line            ? 
_entity_src_gen.pdbx_gene_src_atcc                 ? 
_entity_src_gen.pdbx_gene_src_organ                ? 
_entity_src_gen.pdbx_gene_src_organelle            ? 
_entity_src_gen.pdbx_gene_src_cell                 ? 
_entity_src_gen.pdbx_gene_src_cellular_location    ? 
_entity_src_gen.host_org_common_name               ? 
_entity_src_gen.pdbx_host_org_scientific_name      'Escherichia coli' 
_entity_src_gen.pdbx_host_org_ncbi_taxonomy_id     562 
_entity_src_gen.host_org_genus                     ? 
_entity_src_gen.pdbx_host_org_gene                 ? 
_entity_src_gen.pdbx_host_org_organ                ? 
_entity_src_gen.host_org_species                   ? 
_entity_src_gen.pdbx_host_org_tissue               ? 
_entity_src_gen.pdbx_host_org_tissue_fraction      ? 
_entity_src_gen.pdbx_host_org_strain               ? 
_entity_src_gen.pdbx_host_org_variant              ? 
_entity_src_gen.pdbx_host_org_cell_line            ? 
_entity_src_gen.pdbx_host_org_atcc                 ? 
_entity_src_gen.pdbx_host_org_culture_collection   ? 
_entity_src_gen.pdbx_host_org_cell                 ? 
_entity_src_gen.pdbx_host_org_organelle            ? 
_entity_src_gen.pdbx_host_org_cellular_location    ? 
_entity_src_gen.pdbx_host_org_vector_type          ? 
_entity_src_gen.pdbx_host_org_vector               ? 
_entity_src_gen.host_org_details                   ? 
_entity_src_gen.expression_system_id               ? 
_entity_src_gen.plasmid_name                       ? 
_entity_src_gen.plasmid_details                    ? 
_entity_src_gen.pdbx_description                   ? 
# 
loop_
_chem_comp.id 
_chem_comp.type 
_chem_comp.mon_nstd_flag 
_chem_comp.name 
_chem_comp.pdbx_synonyms 
_chem_comp.formula 
_chem_comp.formula_weight 
ALA 'L-peptide linking' y ALANINE         ? 'C3 H7 N O2'     89.093  
ARG 'L-peptide linking' y ARGININE        ? 'C6 H15 N4 O2 1' 175.209 
ASN 'L-peptide linking' y ASPARAGINE      ? 'C4 H8 N2 O3'    132.118 
ASP 'L-peptide linking' y 'ASPARTIC ACID' ? 'C4 H7 N O4'     133.103 
CYS 'L-peptide linking' y CYSTEINE        ? 'C3 H7 N O2 S'   121.158 
GLN 'L-peptide linking' y GLUTAMINE       ? 'C5 H10 N2 O3'   146.144 
GLU 'L-peptide linking' y 'GLUTAMIC ACID' ? 'C5 H9 N O4'     147.129 
GLY 'peptide linking'   y GLYCINE         ? 'C2 H5 N O2'     75.067  
HIS 'L-peptide linking' y HISTIDINE       ? 'C6 H10 N3 O2 1' 156.162 
HOH non-polymer         . WATER           ? 'H2 O'           18.015  
ILE 'L-peptide linking' y ISOLEUCINE      ? 'C6 H13 N O2'    131.173 
LEU 'L-peptide linking' y LEUCINE         ? 'C6 H13 N O2'    131.173 
LYS 'L-peptide linking' y LYSINE          ? 'C6 H15 N2 O2 1' 147.195 
MET 'L-peptide linking' y METHIONINE      ? 'C5 H11 N O2 S'  149.211 
PHE 'L-peptide linking' y PHENYLALANINE   ? 'C9 H11 N O2'    165.189 
PRO 'L-peptide linking' y PROLINE         ? 'C5 H9 N O2'     115.130 
SER 'L-peptide linking' y SERINE          ? 'C3 H7 N O3'     105.093 
THR 'L-peptide linking' y THREONINE       ? 'C4 H9 N O3'     119.119 
TRP 'L-peptide linking' y TRYPTOPHAN      ? 'C11 H12 N2 O2'  204.225 
TYR 'L-peptide linking' y TYROSINE        ? 'C9 H11 N O3'    181.189 
VAL 'L-peptide linking' y VALINE          ? 'C5 H11 N O2'    117.146 
# 
loop_
_pdbx_poly_seq_scheme.asym_id 
_pdbx_poly_seq_scheme.entity_id 
_pdbx_poly_seq_scheme.seq_id 
_pdbx_poly_seq_scheme.mon_id 
_pdbx_poly_seq_scheme.ndb_seq_num 
_pdbx_poly_seq_scheme.pdb_seq_num 
_pdbx_poly_seq_scheme.auth_seq_num 
_pdbx_poly_seq_scheme.pdb_mon_id 
_pdbx_poly_seq_scheme.auth_mon_id 
_pdbx_poly_seq_scheme.pdb_strand_id 
_pdbx_poly_seq_scheme.pdb_ins_code 
_pdbx_poly_seq_scheme.hetero 
A 1 1  SER 1  24 ?  ?   ?   A . n 
A 1 2  MET 2  25 25 MET MET A . n 
A 1 3  LYS 3  26 26 LYS LYS A . n 
A 1 4  ASP 4  27 27 ASP ASP A . n 
A 1 5  ILE 5  28 28 ILE ILE A . n 
A 1 6  TRP 6  29 29 TRP TRP A . n 
A 1 7  HIS 7  30 30 HIS HIS A . n 
A 1 8  PRO 8  31 31 PRO PRO A . n 
A 1 9  GLY 9  32 32 GLY GLY A . n 
A 1 10 GLU 10 33 33 GLU GLU A . n 
A 1 11 ARG 11 34 34 ARG ARG A . n 
A 1 12 CYS 12 35 35 CYS CYS A . n 
A 1 13 LEU 13 36 36 LEU LEU A . n 
A 1 14 ALA 14 37 37 ALA ALA A . n 
A 1 15 PRO 15 38 38 PRO PRO A . n 
A 1 16 SER 16 39 39 SER SER A . n 
A 1 17 PRO 17 40 40 PRO PRO A . n 
A 1 18 ASP 18 41 41 ASP ASP A . n 
A 1 19 ASN 19 42 42 ASN ASN A . n 
A 1 20 GLY 20 43 43 GLY GLY A . n 
A 1 21 LYS 21 44 44 LYS LYS A . n 
A 1 22 LEU 22 45 45 LEU LEU A . n 
A 1 23 CYS 23 46 46 CYS CYS A . n 
A 1 24 GLU 24 47 47 GLU GLU A . n 
A 1 25 ALA 25 48 48 ALA ALA A . n 
A 1 26 SER 26 49 49 SER SER A . n 
A 1 27 ILE 27 50 50 ILE ILE A . n 
A 1 28 LYS 28 51 51 LYS LYS A . n 
A 1 29 SER 29 52 52 SER SER A . n 
A 1 30 ILE 30 53 53 ILE ILE A . n 
A 1 31 THR 31 54 54 THR THR A . n 
A 1 32 VAL 32 55 55 VAL VAL A . n 
A 1 33 ASP 33 56 56 ASP ASP A . n 
A 1 34 GLU 34 57 57 GLU GLU A . n 
A 1 35 ASN 35 58 58 ASN ASN A . n 
A 1 36 GLY 36 59 59 GLY GLY A . n 
A 1 37 LYS 37 60 60 LYS LYS A . n 
A 1 38 SER 38 61 61 SER SER A . n 
A 1 39 PHE 39 62 62 PHE PHE A . n 
A 1 40 ALA 40 63 63 ALA ALA A . n 
A 1 41 VAL 41 64 64 VAL VAL A . n 
A 1 42 VAL 42 65 65 VAL VAL A . n 
A 1 43 LEU 43 66 66 LEU LEU A . n 
A 1 44 TYR 44 67 67 TYR TYR A . n 
A 1 45 ALA 45 68 68 ALA ALA A . n 
A 1 46 ASP 46 69 69 ASP ASP A . n 
A 1 47 PHE 47 70 70 PHE PHE A . n 
A 1 48 GLN 48 71 71 GLN GLN A . n 
A 1 49 GLU 49 72 72 GLU GLU A . n 
A 1 50 ARG 50 73 73 ARG ARG A . n 
A 1 51 LYS 51 74 74 LYS LYS A . n 
A 1 52 ILE 52 75 75 ILE ILE A . n 
A 1 53 PRO 53 76 76 PRO PRO A . n 
A 1 54 LEU 54 77 77 LEU LEU A . n 
A 1 55 LYS 55 78 78 LYS LYS A . n 
A 1 56 GLN 56 79 79 GLN GLN A . n 
A 1 57 LEU 57 80 80 LEU LEU A . n 
A 1 58 GLN 58 81 81 GLN GLN A . n 
A 1 59 GLU 59 82 82 GLU GLU A . n 
A 1 60 VAL 60 83 83 VAL VAL A . n 
A 1 61 LYS 61 84 84 LYS LYS A . n 
A 1 62 PHE 62 85 ?  ?   ?   A . n 
A 1 63 VAL 63 86 ?  ?   ?   A . n 
A 1 64 LYS 64 87 ?  ?   ?   A . n 
A 1 65 ASP 65 88 ?  ?   ?   A . n 
A 1 66 CYS 66 89 ?  ?   ?   A . n 
A 1 67 PRO 67 90 ?  ?   ?   A . n 
A 1 68 ARG 68 91 ?  ?   ?   A . n 
A 1 69 ASN 69 92 ?  ?   ?   A . n 
B 1 1  SER 1  24 ?  ?   ?   B . n 
B 1 2  MET 2  25 25 MET MET B . n 
B 1 3  LYS 3  26 26 LYS LYS B . n 
B 1 4  ASP 4  27 27 ASP ASP B . n 
B 1 5  ILE 5  28 28 ILE ILE B . n 
B 1 6  TRP 6  29 29 TRP TRP B . n 
B 1 7  HIS 7  30 30 HIS HIS B . n 
B 1 8  PRO 8  31 31 PRO PRO B . n 
B 1 9  GLY 9  32 32 GLY GLY B . n 
B 1 10 GLU 10 33 33 GLU GLU B . n 
B 1 11 ARG 11 34 34 ARG ARG B . n 
B 1 12 CYS 12 35 35 CYS CYS B . n 
B 1 13 LEU 13 36 36 LEU LEU B . n 
B 1 14 ALA 14 37 37 ALA ALA B . n 
B 1 15 PRO 15 38 38 PRO PRO B . n 
B 1 16 SER 16 39 39 SER SER B . n 
B 1 17 PRO 17 40 40 PRO PRO B . n 
B 1 18 ASP 18 41 ?  ?   ?   B . n 
B 1 19 ASN 19 42 ?  ?   ?   B . n 
B 1 20 GLY 20 43 43 GLY GLY B . n 
B 1 21 LYS 21 44 44 LYS LYS B . n 
B 1 22 LEU 22 45 45 LEU LEU B . n 
B 1 23 CYS 23 46 46 CYS CYS B . n 
B 1 24 GLU 24 47 47 GLU GLU B . n 
B 1 25 ALA 25 48 48 ALA ALA B . n 
B 1 26 SER 26 49 49 SER SER B . n 
B 1 27 ILE 27 50 50 ILE ILE B . n 
B 1 28 LYS 28 51 51 LYS LYS B . n 
B 1 29 SER 29 52 52 SER SER B . n 
B 1 30 ILE 30 53 53 ILE ILE B . n 
B 1 31 THR 31 54 54 THR THR B . n 
B 1 32 VAL 32 55 55 VAL VAL B . n 
B 1 33 ASP 33 56 56 ASP ASP B . n 
B 1 34 GLU 34 57 57 GLU GLU B . n 
B 1 35 ASN 35 58 58 ASN ASN B . n 
B 1 36 GLY 36 59 59 GLY GLY B . n 
B 1 37 LYS 37 60 60 LYS LYS B . n 
B 1 38 SER 38 61 61 SER SER B . n 
B 1 39 PHE 39 62 62 PHE PHE B . n 
B 1 40 ALA 40 63 63 ALA ALA B . n 
B 1 41 VAL 41 64 64 VAL VAL B . n 
B 1 42 VAL 42 65 65 VAL VAL B . n 
B 1 43 LEU 43 66 66 LEU LEU B . n 
B 1 44 TYR 44 67 67 TYR TYR B . n 
B 1 45 ALA 45 68 68 ALA ALA B . n 
B 1 46 ASP 46 69 69 ASP ASP B . n 
B 1 47 PHE 47 70 70 PHE PHE B . n 
B 1 48 GLN 48 71 71 GLN GLN B . n 
B 1 49 GLU 49 72 72 GLU GLU B . n 
B 1 50 ARG 50 73 73 ARG ARG B . n 
B 1 51 LYS 51 74 74 LYS LYS B . n 
B 1 52 ILE 52 75 75 ILE ILE B . n 
B 1 53 PRO 53 76 76 PRO PRO B . n 
B 1 54 LEU 54 77 77 LEU LEU B . n 
B 1 55 LYS 55 78 78 LYS LYS B . n 
B 1 56 GLN 56 79 79 GLN GLN B . n 
B 1 57 LEU 57 80 80 LEU LEU B . n 
B 1 58 GLN 58 81 81 GLN GLN B . n 
B 1 59 GLU 59 82 82 GLU GLU B . n 
B 1 60 VAL 60 83 83 VAL VAL B . n 
B 1 61 LYS 61 84 84 LYS LYS B . n 
B 1 62 PHE 62 85 ?  ?   ?   B . n 
B 1 63 VAL 63 86 ?  ?   ?   B . n 
B 1 64 LYS 64 87 ?  ?   ?   B . n 
B 1 65 ASP 65 88 ?  ?   ?   B . n 
B 1 66 CYS 66 89 ?  ?   ?   B . n 
B 1 67 PRO 67 90 ?  ?   ?   B . n 
B 1 68 ARG 68 91 ?  ?   ?   B . n 
B 1 69 ASN 69 92 ?  ?   ?   B . n 
# 
loop_
_pdbx_nonpoly_scheme.asym_id 
_pdbx_nonpoly_scheme.entity_id 
_pdbx_nonpoly_scheme.mon_id 
_pdbx_nonpoly_scheme.ndb_seq_num 
_pdbx_nonpoly_scheme.pdb_seq_num 
_pdbx_nonpoly_scheme.auth_seq_num 
_pdbx_nonpoly_scheme.pdb_mon_id 
_pdbx_nonpoly_scheme.auth_mon_id 
_pdbx_nonpoly_scheme.pdb_strand_id 
_pdbx_nonpoly_scheme.pdb_ins_code 
C 2 HOH 1  101 11 HOH HOH A . 
C 2 HOH 2  102 20 HOH HOH A . 
C 2 HOH 3  103 4  HOH HOH A . 
C 2 HOH 4  104 29 HOH HOH A . 
C 2 HOH 5  105 6  HOH HOH A . 
C 2 HOH 6  106 13 HOH HOH A . 
C 2 HOH 7  107 16 HOH HOH A . 
C 2 HOH 8  108 41 HOH HOH A . 
C 2 HOH 9  109 5  HOH HOH A . 
C 2 HOH 10 110 9  HOH HOH A . 
C 2 HOH 11 111 7  HOH HOH A . 
C 2 HOH 12 112 3  HOH HOH A . 
C 2 HOH 13 113 44 HOH HOH A . 
C 2 HOH 14 114 1  HOH HOH A . 
C 2 HOH 15 115 23 HOH HOH A . 
C 2 HOH 16 116 28 HOH HOH A . 
C 2 HOH 17 117 15 HOH HOH A . 
C 2 HOH 18 118 43 HOH HOH A . 
C 2 HOH 19 119 42 HOH HOH A . 
C 2 HOH 20 120 37 HOH HOH A . 
C 2 HOH 21 121 39 HOH HOH A . 
C 2 HOH 22 122 36 HOH HOH A . 
C 2 HOH 23 123 26 HOH HOH A . 
C 2 HOH 24 124 18 HOH HOH A . 
D 2 HOH 1  101 27 HOH HOH B . 
D 2 HOH 2  102 31 HOH HOH B . 
D 2 HOH 3  103 14 HOH HOH B . 
D 2 HOH 4  104 2  HOH HOH B . 
D 2 HOH 5  105 34 HOH HOH B . 
D 2 HOH 6  106 8  HOH HOH B . 
D 2 HOH 7  107 35 HOH HOH B . 
D 2 HOH 8  108 33 HOH HOH B . 
D 2 HOH 9  109 10 HOH HOH B . 
D 2 HOH 10 110 25 HOH HOH B . 
D 2 HOH 11 111 19 HOH HOH B . 
D 2 HOH 12 112 30 HOH HOH B . 
D 2 HOH 13 113 17 HOH HOH B . 
D 2 HOH 14 114 38 HOH HOH B . 
D 2 HOH 15 115 40 HOH HOH B . 
# 
loop_
_pdbx_unobs_or_zero_occ_atoms.id 
_pdbx_unobs_or_zero_occ_atoms.PDB_model_num 
_pdbx_unobs_or_zero_occ_atoms.polymer_flag 
_pdbx_unobs_or_zero_occ_atoms.occupancy_flag 
_pdbx_unobs_or_zero_occ_atoms.auth_asym_id 
_pdbx_unobs_or_zero_occ_atoms.auth_comp_id 
_pdbx_unobs_or_zero_occ_atoms.auth_seq_id 
_pdbx_unobs_or_zero_occ_atoms.PDB_ins_code 
_pdbx_unobs_or_zero_occ_atoms.auth_atom_id 
_pdbx_unobs_or_zero_occ_atoms.label_alt_id 
_pdbx_unobs_or_zero_occ_atoms.label_asym_id 
_pdbx_unobs_or_zero_occ_atoms.label_comp_id 
_pdbx_unobs_or_zero_occ_atoms.label_seq_id 
_pdbx_unobs_or_zero_occ_atoms.label_atom_id 
1  1 Y 1 A MET 25 ? CG  ? A MET 2  CG  
2  1 Y 1 A MET 25 ? SD  ? A MET 2  SD  
3  1 Y 1 A MET 25 ? CE  ? A MET 2  CE  
4  1 Y 1 A LYS 60 ? CG  ? A LYS 37 CG  
5  1 Y 1 A LYS 60 ? CD  ? A LYS 37 CD  
6  1 Y 1 A LYS 60 ? CE  ? A LYS 37 CE  
7  1 Y 1 A LYS 60 ? NZ  ? A LYS 37 NZ  
8  1 Y 1 A LYS 84 ? CG  ? A LYS 61 CG  
9  1 Y 1 A LYS 84 ? CD  ? A LYS 61 CD  
10 1 Y 1 A LYS 84 ? CE  ? A LYS 61 CE  
11 1 Y 1 A LYS 84 ? NZ  ? A LYS 61 NZ  
12 1 Y 1 B MET 25 ? CG  ? B MET 2  CG  
13 1 Y 1 B MET 25 ? SD  ? B MET 2  SD  
14 1 Y 1 B MET 25 ? CE  ? B MET 2  CE  
15 1 Y 1 B LYS 44 ? CG  ? B LYS 21 CG  
16 1 Y 1 B LYS 44 ? CD  ? B LYS 21 CD  
17 1 Y 1 B LYS 44 ? CE  ? B LYS 21 CE  
18 1 Y 1 B LYS 44 ? NZ  ? B LYS 21 NZ  
19 1 Y 1 B GLU 82 ? CG  ? B GLU 59 CG  
20 1 Y 1 B GLU 82 ? CD  ? B GLU 59 CD  
21 1 Y 1 B GLU 82 ? OE1 ? B GLU 59 OE1 
22 1 Y 1 B GLU 82 ? OE2 ? B GLU 59 OE2 
23 1 Y 1 B LYS 84 ? CG  ? B LYS 61 CG  
24 1 Y 1 B LYS 84 ? CD  ? B LYS 61 CD  
25 1 Y 1 B LYS 84 ? CE  ? B LYS 61 CE  
26 1 Y 1 B LYS 84 ? NZ  ? B LYS 61 NZ  
# 
loop_
_software.citation_id 
_software.classification 
_software.compiler_name 
_software.compiler_version 
_software.contact_author 
_software.contact_author_email 
_software.date 
_software.description 
_software.dependencies 
_software.hardware 
_software.language 
_software.location 
_software.mods 
_software.name 
_software.os 
_software.os_version 
_software.type 
_software.version 
_software.pdbx_ordinal 
? refinement       ? ? ? ? ? ? ? ? ? ? ? PHENIX  ? ? ? '(1.13_2998: ???)' 1 
? 'data reduction' ? ? ? ? ? ? ? ? ? ? ? DIALS   ? ? ? .                  2 
? 'data scaling'   ? ? ? ? ? ? ? ? ? ? ? Aimless ? ? ? .                  3 
? phasing          ? ? ? ? ? ? ? ? ? ? ? PHASER  ? ? ? .                  4 
# 
_cell.angle_alpha                  90.00 
_cell.angle_alpha_esd              ? 
_cell.angle_beta                   90.00 
_cell.angle_beta_esd               ? 
_cell.angle_gamma                  90.00 
_cell.angle_gamma_esd              ? 
_cell.entry_id                     6HQ9 
_cell.details                      ? 
_cell.formula_units_Z              ? 
_cell.length_a                     23.539 
_cell.length_a_esd                 ? 
_cell.length_b                     54.399 
_cell.length_b_esd                 ? 
_cell.length_c                     108.825 
_cell.length_c_esd                 ? 
_cell.volume                       ? 
_cell.volume_esd                   ? 
_cell.Z_PDB                        8 
_cell.reciprocal_angle_alpha       ? 
_cell.reciprocal_angle_beta        ? 
_cell.reciprocal_angle_gamma       ? 
_cell.reciprocal_angle_alpha_esd   ? 
_cell.reciprocal_angle_beta_esd    ? 
_cell.reciprocal_angle_gamma_esd   ? 
_cell.reciprocal_length_a          ? 
_cell.reciprocal_length_b          ? 
_cell.reciprocal_length_c          ? 
_cell.reciprocal_length_a_esd      ? 
_cell.reciprocal_length_b_esd      ? 
_cell.reciprocal_length_c_esd      ? 
_cell.pdbx_unique_axis             ? 
# 
_symmetry.entry_id                         6HQ9 
_symmetry.cell_setting                     ? 
_symmetry.Int_Tables_number                19 
_symmetry.space_group_name_Hall            ? 
_symmetry.space_group_name_H-M             'P 21 21 21' 
_symmetry.pdbx_full_space_group_name_H-M   ? 
# 
_exptl.absorpt_coefficient_mu     ? 
_exptl.absorpt_correction_T_max   ? 
_exptl.absorpt_correction_T_min   ? 
_exptl.absorpt_correction_type    ? 
_exptl.absorpt_process_details    ? 
_exptl.entry_id                   6HQ9 
_exptl.crystals_number            1 
_exptl.details                    ? 
_exptl.method                     'X-RAY DIFFRACTION' 
_exptl.method_details             ? 
# 
_exptl_crystal.colour                      ? 
_exptl_crystal.density_diffrn              ? 
_exptl_crystal.density_Matthews            2.22 
_exptl_crystal.density_method              ? 
_exptl_crystal.density_percent_sol         44.70 
_exptl_crystal.description                 ? 
_exptl_crystal.F_000                       ? 
_exptl_crystal.id                          1 
_exptl_crystal.preparation                 ? 
_exptl_crystal.size_max                    ? 
_exptl_crystal.size_mid                    ? 
_exptl_crystal.size_min                    ? 
_exptl_crystal.size_rad                    ? 
_exptl_crystal.colour_lustre               ? 
_exptl_crystal.colour_modifier             ? 
_exptl_crystal.colour_primary              ? 
_exptl_crystal.density_meas                ? 
_exptl_crystal.density_meas_esd            ? 
_exptl_crystal.density_meas_gt             ? 
_exptl_crystal.density_meas_lt             ? 
_exptl_crystal.density_meas_temp           ? 
_exptl_crystal.density_meas_temp_esd       ? 
_exptl_crystal.density_meas_temp_gt        ? 
_exptl_crystal.density_meas_temp_lt        ? 
_exptl_crystal.pdbx_crystal_image_url      ? 
_exptl_crystal.pdbx_crystal_image_format   ? 
_exptl_crystal.pdbx_mosaicity              ? 
_exptl_crystal.pdbx_mosaicity_esd          ? 
# 
_exptl_crystal_grow.apparatus       ? 
_exptl_crystal_grow.atmosphere      ? 
_exptl_crystal_grow.crystal_id      1 
_exptl_crystal_grow.details         ? 
_exptl_crystal_grow.method          'VAPOR DIFFUSION, SITTING DROP' 
_exptl_crystal_grow.method_ref      ? 
_exptl_crystal_grow.pH              ? 
_exptl_crystal_grow.pressure        ? 
_exptl_crystal_grow.pressure_esd    ? 
_exptl_crystal_grow.seeding         ? 
_exptl_crystal_grow.seeding_ref     ? 
_exptl_crystal_grow.temp            277 
_exptl_crystal_grow.temp_details    ? 
_exptl_crystal_grow.temp_esd        ? 
_exptl_crystal_grow.time            ? 
_exptl_crystal_grow.pdbx_details    '0.2 M Ammonium sulphate, 0.1 M Acetate pH 4.5, 18% PEG 4000' 
_exptl_crystal_grow.pdbx_pH_range   ? 
# 
_diffrn.ambient_environment              ? 
_diffrn.ambient_temp                     100 
_diffrn.ambient_temp_details             ? 
_diffrn.ambient_temp_esd                 ? 
_diffrn.crystal_id                       1 
_diffrn.crystal_support                  ? 
_diffrn.crystal_treatment                ? 
_diffrn.details                          ? 
_diffrn.id                               1 
_diffrn.ambient_pressure                 ? 
_diffrn.ambient_pressure_esd             ? 
_diffrn.ambient_pressure_gt              ? 
_diffrn.ambient_pressure_lt              ? 
_diffrn.ambient_temp_gt                  ? 
_diffrn.ambient_temp_lt                  ? 
_diffrn.pdbx_serial_crystal_experiment   ? 
# 
_diffrn_detector.details                      ? 
_diffrn_detector.detector                     PIXEL 
_diffrn_detector.diffrn_id                    1 
_diffrn_detector.type                         'DECTRIS PILATUS3 6M' 
_diffrn_detector.area_resol_mean              ? 
_diffrn_detector.dtime                        ? 
_diffrn_detector.pdbx_frames_total            ? 
_diffrn_detector.pdbx_collection_time_total   ? 
_diffrn_detector.pdbx_collection_date         2018-07-08 
_diffrn_detector.pdbx_frequency               ? 
# 
_diffrn_radiation.collimation                      ? 
_diffrn_radiation.diffrn_id                        1 
_diffrn_radiation.filter_edge                      ? 
_diffrn_radiation.inhomogeneity                    ? 
_diffrn_radiation.monochromator                    ? 
_diffrn_radiation.polarisn_norm                    ? 
_diffrn_radiation.polarisn_ratio                   ? 
_diffrn_radiation.probe                            ? 
_diffrn_radiation.type                             ? 
_diffrn_radiation.xray_symbol                      ? 
_diffrn_radiation.wavelength_id                    1 
_diffrn_radiation.pdbx_monochromatic_or_laue_m_l   M 
_diffrn_radiation.pdbx_wavelength_list             ? 
_diffrn_radiation.pdbx_wavelength                  ? 
_diffrn_radiation.pdbx_diffrn_protocol             'SINGLE WAVELENGTH' 
_diffrn_radiation.pdbx_analyzer                    ? 
_diffrn_radiation.pdbx_scattering_type             x-ray 
# 
_diffrn_radiation_wavelength.id           1 
_diffrn_radiation_wavelength.wavelength   0.976 
_diffrn_radiation_wavelength.wt           1.0 
# 
_diffrn_source.current                     ? 
_diffrn_source.details                     ? 
_diffrn_source.diffrn_id                   1 
_diffrn_source.power                       ? 
_diffrn_source.size                        ? 
_diffrn_source.source                      SYNCHROTRON 
_diffrn_source.target                      ? 
_diffrn_source.type                        'DIAMOND BEAMLINE I03' 
_diffrn_source.voltage                     ? 
_diffrn_source.take-off_angle              ? 
_diffrn_source.pdbx_wavelength_list        0.976 
_diffrn_source.pdbx_wavelength             ? 
_diffrn_source.pdbx_synchrotron_beamline   I03 
_diffrn_source.pdbx_synchrotron_site       Diamond 
# 
_reflns.B_iso_Wilson_estimate            ? 
_reflns.entry_id                         6HQ9 
_reflns.data_reduction_details           ? 
_reflns.data_reduction_method            ? 
_reflns.d_resolution_high                1.98 
_reflns.d_resolution_low                 54.41 
_reflns.details                          ? 
_reflns.limit_h_max                      ? 
_reflns.limit_h_min                      ? 
_reflns.limit_k_max                      ? 
_reflns.limit_k_min                      ? 
_reflns.limit_l_max                      ? 
_reflns.limit_l_min                      ? 
_reflns.number_all                       ? 
_reflns.number_obs                       10359 
_reflns.observed_criterion               ? 
_reflns.observed_criterion_F_max         ? 
_reflns.observed_criterion_F_min         ? 
_reflns.observed_criterion_I_max         ? 
_reflns.observed_criterion_I_min         ? 
_reflns.observed_criterion_sigma_F       ? 
_reflns.observed_criterion_sigma_I       ? 
_reflns.percent_possible_obs             100 
_reflns.R_free_details                   ? 
_reflns.Rmerge_F_all                     ? 
_reflns.Rmerge_F_obs                     ? 
_reflns.Friedel_coverage                 ? 
_reflns.number_gt                        ? 
_reflns.threshold_expression             ? 
_reflns.pdbx_redundancy                  31.5 
_reflns.pdbx_Rmerge_I_obs                0.193 
_reflns.pdbx_Rmerge_I_all                ? 
_reflns.pdbx_Rsym_value                  ? 
_reflns.pdbx_netI_over_av_sigmaI         ? 
_reflns.pdbx_netI_over_sigmaI            12.8 
_reflns.pdbx_res_netI_over_av_sigmaI_2   ? 
_reflns.pdbx_res_netI_over_sigmaI_2      ? 
_reflns.pdbx_chi_squared                 ? 
_reflns.pdbx_scaling_rejects             ? 
_reflns.pdbx_d_res_high_opt              ? 
_reflns.pdbx_d_res_low_opt               ? 
_reflns.pdbx_d_res_opt_method            ? 
_reflns.phase_calculation_details        ? 
_reflns.pdbx_Rrim_I_all                  ? 
_reflns.pdbx_Rpim_I_all                  0.035 
_reflns.pdbx_d_opt                       ? 
_reflns.pdbx_number_measured_all         ? 
_reflns.pdbx_diffrn_id                   1 
_reflns.pdbx_ordinal                     1 
_reflns.pdbx_CC_half                     0.999 
_reflns.pdbx_R_split                     ? 
# 
_reflns_shell.d_res_high                  1.98 
_reflns_shell.d_res_low                   2.03 
_reflns_shell.meanI_over_sigI_all         ? 
_reflns_shell.meanI_over_sigI_obs         2.1 
_reflns_shell.number_measured_all         ? 
_reflns_shell.number_measured_obs         ? 
_reflns_shell.number_possible             ? 
_reflns_shell.number_unique_all           ? 
_reflns_shell.number_unique_obs           719 
_reflns_shell.percent_possible_all        100.0 
_reflns_shell.percent_possible_obs        ? 
_reflns_shell.Rmerge_F_all                ? 
_reflns_shell.Rmerge_F_obs                ? 
_reflns_shell.Rmerge_I_all                ? 
_reflns_shell.Rmerge_I_obs                4.040 
_reflns_shell.meanI_over_sigI_gt          ? 
_reflns_shell.meanI_over_uI_all           ? 
_reflns_shell.meanI_over_uI_gt            ? 
_reflns_shell.number_measured_gt          ? 
_reflns_shell.number_unique_gt            ? 
_reflns_shell.percent_possible_gt         ? 
_reflns_shell.Rmerge_F_gt                 ? 
_reflns_shell.Rmerge_I_gt                 ? 
_reflns_shell.pdbx_redundancy             32.8 
_reflns_shell.pdbx_Rsym_value             ? 
_reflns_shell.pdbx_chi_squared            ? 
_reflns_shell.pdbx_netI_over_sigmaI_all   ? 
_reflns_shell.pdbx_netI_over_sigmaI_obs   ? 
_reflns_shell.pdbx_Rrim_I_all             ? 
_reflns_shell.pdbx_Rpim_I_all             0.710 
_reflns_shell.pdbx_rejects                ? 
_reflns_shell.pdbx_ordinal                1 
_reflns_shell.pdbx_diffrn_id              1 
_reflns_shell.pdbx_CC_half                0.936 
_reflns_shell.pdbx_R_split                ? 
# 
_refine.aniso_B[1][1]                            ? 
_refine.aniso_B[1][2]                            ? 
_refine.aniso_B[1][3]                            ? 
_refine.aniso_B[2][2]                            ? 
_refine.aniso_B[2][3]                            ? 
_refine.aniso_B[3][3]                            ? 
_refine.B_iso_max                                ? 
_refine.B_iso_mean                               ? 
_refine.B_iso_min                                ? 
_refine.correlation_coeff_Fo_to_Fc               ? 
_refine.correlation_coeff_Fo_to_Fc_free          ? 
_refine.details                                  ? 
_refine.diff_density_max                         ? 
_refine.diff_density_max_esd                     ? 
_refine.diff_density_min                         ? 
_refine.diff_density_min_esd                     ? 
_refine.diff_density_rms                         ? 
_refine.diff_density_rms_esd                     ? 
_refine.entry_id                                 6HQ9 
_refine.pdbx_refine_id                           'X-RAY DIFFRACTION' 
_refine.ls_abs_structure_details                 ? 
_refine.ls_abs_structure_Flack                   ? 
_refine.ls_abs_structure_Flack_esd               ? 
_refine.ls_abs_structure_Rogers                  ? 
_refine.ls_abs_structure_Rogers_esd              ? 
_refine.ls_d_res_high                            1.982 
_refine.ls_d_res_low                             54.41 
_refine.ls_extinction_coef                       ? 
_refine.ls_extinction_coef_esd                   ? 
_refine.ls_extinction_expression                 ? 
_refine.ls_extinction_method                     ? 
_refine.ls_goodness_of_fit_all                   ? 
_refine.ls_goodness_of_fit_all_esd               ? 
_refine.ls_goodness_of_fit_obs                   ? 
_refine.ls_goodness_of_fit_obs_esd               ? 
_refine.ls_hydrogen_treatment                    ? 
_refine.ls_matrix_type                           ? 
_refine.ls_number_constraints                    ? 
_refine.ls_number_parameters                     ? 
_refine.ls_number_reflns_all                     ? 
_refine.ls_number_reflns_obs                     10216 
_refine.ls_number_reflns_R_free                  506 
_refine.ls_number_reflns_R_work                  ? 
_refine.ls_number_restraints                     ? 
_refine.ls_percent_reflns_obs                    99.06 
_refine.ls_percent_reflns_R_free                 4.95 
_refine.ls_R_factor_all                          ? 
_refine.ls_R_factor_obs                          0.2255 
_refine.ls_R_factor_R_free                       0.2473 
_refine.ls_R_factor_R_free_error                 ? 
_refine.ls_R_factor_R_free_error_details         ? 
_refine.ls_R_factor_R_work                       0.2243 
_refine.ls_R_Fsqd_factor_obs                     ? 
_refine.ls_R_I_factor_obs                        ? 
_refine.ls_redundancy_reflns_all                 ? 
_refine.ls_redundancy_reflns_obs                 ? 
_refine.ls_restrained_S_all                      ? 
_refine.ls_restrained_S_obs                      ? 
_refine.ls_shift_over_esd_max                    ? 
_refine.ls_shift_over_esd_mean                   ? 
_refine.ls_structure_factor_coef                 ? 
_refine.ls_weighting_details                     ? 
_refine.ls_weighting_scheme                      ? 
_refine.ls_wR_factor_all                         ? 
_refine.ls_wR_factor_obs                         ? 
_refine.ls_wR_factor_R_free                      ? 
_refine.ls_wR_factor_R_work                      ? 
_refine.occupancy_max                            ? 
_refine.occupancy_min                            ? 
_refine.solvent_model_details                    ? 
_refine.solvent_model_param_bsol                 ? 
_refine.solvent_model_param_ksol                 ? 
_refine.ls_R_factor_gt                           ? 
_refine.ls_goodness_of_fit_gt                    ? 
_refine.ls_goodness_of_fit_ref                   ? 
_refine.ls_shift_over_su_max                     ? 
_refine.ls_shift_over_su_max_lt                  ? 
_refine.ls_shift_over_su_mean                    ? 
_refine.ls_shift_over_su_mean_lt                 ? 
_refine.pdbx_ls_sigma_I                          ? 
_refine.pdbx_ls_sigma_F                          1.33 
_refine.pdbx_ls_sigma_Fsqd                       ? 
_refine.pdbx_data_cutoff_high_absF               ? 
_refine.pdbx_data_cutoff_high_rms_absF           ? 
_refine.pdbx_data_cutoff_low_absF                ? 
_refine.pdbx_isotropic_thermal_model             ? 
_refine.pdbx_ls_cross_valid_method               'FREE R-VALUE' 
_refine.pdbx_method_to_determine_struct          'MOLECULAR REPLACEMENT' 
_refine.pdbx_starting_model                      3fdr 
_refine.pdbx_stereochemistry_target_values       ? 
_refine.pdbx_R_Free_selection_details            ? 
_refine.pdbx_stereochem_target_val_spec_case     ? 
_refine.pdbx_overall_ESU_R                       ? 
_refine.pdbx_overall_ESU_R_Free                  ? 
_refine.pdbx_solvent_vdw_probe_radii             1.11 
_refine.pdbx_solvent_ion_probe_radii             ? 
_refine.pdbx_solvent_shrinkage_radii             0.90 
_refine.pdbx_real_space_R                        ? 
_refine.pdbx_density_correlation                 ? 
_refine.pdbx_pd_number_of_powder_patterns        ? 
_refine.pdbx_pd_number_of_points                 ? 
_refine.pdbx_pd_meas_number_of_points            ? 
_refine.pdbx_pd_proc_ls_prof_R_factor            ? 
_refine.pdbx_pd_proc_ls_prof_wR_factor           ? 
_refine.pdbx_pd_Marquardt_correlation_coeff      ? 
_refine.pdbx_pd_Fsqrd_R_factor                   ? 
_refine.pdbx_pd_ls_matrix_band_width             ? 
_refine.pdbx_overall_phase_error                 31.74 
_refine.pdbx_overall_SU_R_free_Cruickshank_DPI   ? 
_refine.pdbx_overall_SU_R_free_Blow_DPI          ? 
_refine.pdbx_overall_SU_R_Blow_DPI               ? 
_refine.pdbx_TLS_residual_ADP_flag               ? 
_refine.pdbx_diffrn_id                           1 
_refine.overall_SU_B                             ? 
_refine.overall_SU_ML                            0.21 
_refine.overall_SU_R_Cruickshank_DPI             ? 
_refine.overall_SU_R_free                        ? 
_refine.overall_FOM_free_R_set                   ? 
_refine.overall_FOM_work_R_set                   ? 
_refine.pdbx_average_fsc_overall                 ? 
_refine.pdbx_average_fsc_work                    ? 
_refine.pdbx_average_fsc_free                    ? 
# 
_refine_hist.pdbx_refine_id                   'X-RAY DIFFRACTION' 
_refine_hist.cycle_id                         LAST 
_refine_hist.pdbx_number_atoms_protein        906 
_refine_hist.pdbx_number_atoms_nucleic_acid   0 
_refine_hist.pdbx_number_atoms_ligand         0 
_refine_hist.number_atoms_solvent             39 
_refine_hist.number_atoms_total               945 
_refine_hist.d_res_high                       1.982 
_refine_hist.d_res_low                        54.41 
# 
loop_
_refine_ls_restr.pdbx_refine_id 
_refine_ls_restr.criterion 
_refine_ls_restr.dev_ideal 
_refine_ls_restr.dev_ideal_target 
_refine_ls_restr.number 
_refine_ls_restr.rejects 
_refine_ls_restr.type 
_refine_ls_restr.weight 
_refine_ls_restr.pdbx_restraint_function 
'X-RAY DIFFRACTION' ? 0.003  ? 932  ? f_bond_d           ? ? 
'X-RAY DIFFRACTION' ? 0.524  ? 1262 ? f_angle_d          ? ? 
'X-RAY DIFFRACTION' ? 17.422 ? 574  ? f_dihedral_angle_d ? ? 
'X-RAY DIFFRACTION' ? 0.049  ? 141  ? f_chiral_restr     ? ? 
'X-RAY DIFFRACTION' ? 0.005  ? 164  ? f_plane_restr      ? ? 
# 
loop_
_refine_ls_shell.pdbx_refine_id 
_refine_ls_shell.d_res_high 
_refine_ls_shell.d_res_low 
_refine_ls_shell.number_reflns_all 
_refine_ls_shell.number_reflns_obs 
_refine_ls_shell.number_reflns_R_free 
_refine_ls_shell.number_reflns_R_work 
_refine_ls_shell.percent_reflns_obs 
_refine_ls_shell.percent_reflns_R_free 
_refine_ls_shell.R_factor_all 
_refine_ls_shell.R_factor_obs 
_refine_ls_shell.R_factor_R_free 
_refine_ls_shell.R_factor_R_free_error 
_refine_ls_shell.R_factor_R_work 
_refine_ls_shell.redundancy_reflns_all 
_refine_ls_shell.redundancy_reflns_obs 
_refine_ls_shell.wR_factor_all 
_refine_ls_shell.wR_factor_obs 
_refine_ls_shell.wR_factor_R_free 
_refine_ls_shell.wR_factor_R_work 
_refine_ls_shell.pdbx_total_number_of_bins_used 
_refine_ls_shell.pdbx_phase_error 
_refine_ls_shell.pdbx_fsc_work 
_refine_ls_shell.pdbx_fsc_free 
'X-RAY DIFFRACTION' 1.9821 2.1816  . . 119 2355 98.00  . . . 0.2796 . 0.2440 . . . . . . . . . . 
'X-RAY DIFFRACTION' 2.1816 2.4973  . . 109 2364 99.00  . . . 0.2472 . 0.2263 . . . . . . . . . . 
'X-RAY DIFFRACTION' 2.4973 3.1463  . . 141 2400 99.00  . . . 0.2995 . 0.2493 . . . . . . . . . . 
'X-RAY DIFFRACTION' 3.1463 54.4330 . . 137 2591 100.00 . . . 0.2228 . 0.2124 . . . . . . . . . . 
# 
_struct.entry_id                     6HQ9 
_struct.title                        'Crystal structure of the Tudor domain of human ERCC6-L2' 
_struct.pdbx_model_details           ? 
_struct.pdbx_formula_weight          ? 
_struct.pdbx_formula_weight_method   ? 
_struct.pdbx_model_type_details      ? 
_struct.pdbx_CASP_flag               N 
# 
_struct_keywords.entry_id        6HQ9 
_struct_keywords.text            'DNA Damage, Tudor domain, HEBO, excision repair, hydrolase' 
_struct_keywords.pdbx_keywords   HYDROLASE 
# 
loop_
_struct_asym.id 
_struct_asym.pdbx_blank_PDB_chainid_flag 
_struct_asym.pdbx_modified 
_struct_asym.entity_id 
_struct_asym.details 
A N N 1 ? 
B N N 1 ? 
C N N 2 ? 
D N N 2 ? 
# 
_struct_ref.id                         1 
_struct_ref.db_name                    UNP 
_struct_ref.db_code                    ER6L2_HUMAN 
_struct_ref.pdbx_db_accession          Q5T890 
_struct_ref.pdbx_db_isoform            ? 
_struct_ref.entity_id                  1 
_struct_ref.pdbx_seq_one_letter_code   KDIWHPGERCLAPSPDNGKLCEASIKSITVDENGKSFAVVLYADFQERKIPLKQLQEVKFVKDCPRN 
_struct_ref.pdbx_align_begin           26 
# 
loop_
_struct_ref_seq.align_id 
_struct_ref_seq.ref_id 
_struct_ref_seq.pdbx_PDB_id_code 
_struct_ref_seq.pdbx_strand_id 
_struct_ref_seq.seq_align_beg 
_struct_ref_seq.pdbx_seq_align_beg_ins_code 
_struct_ref_seq.seq_align_end 
_struct_ref_seq.pdbx_seq_align_end_ins_code 
_struct_ref_seq.pdbx_db_accession 
_struct_ref_seq.db_align_beg 
_struct_ref_seq.pdbx_db_align_beg_ins_code 
_struct_ref_seq.db_align_end 
_struct_ref_seq.pdbx_db_align_end_ins_code 
_struct_ref_seq.pdbx_auth_seq_align_beg 
_struct_ref_seq.pdbx_auth_seq_align_end 
1 1 6HQ9 A 3 ? 69 ? Q5T890 26 ? 92 ? 26 92 
2 1 6HQ9 B 3 ? 69 ? Q5T890 26 ? 92 ? 26 92 
# 
loop_
_struct_ref_seq_dif.align_id 
_struct_ref_seq_dif.pdbx_pdb_id_code 
_struct_ref_seq_dif.mon_id 
_struct_ref_seq_dif.pdbx_pdb_strand_id 
_struct_ref_seq_dif.seq_num 
_struct_ref_seq_dif.pdbx_pdb_ins_code 
_struct_ref_seq_dif.pdbx_seq_db_name 
_struct_ref_seq_dif.pdbx_seq_db_accession_code 
_struct_ref_seq_dif.db_mon_id 
_struct_ref_seq_dif.pdbx_seq_db_seq_num 
_struct_ref_seq_dif.details 
_struct_ref_seq_dif.pdbx_auth_seq_num 
_struct_ref_seq_dif.pdbx_ordinal 
1 6HQ9 SER A 1 ? UNP Q5T890 ? ? 'expression tag' 24 1 
1 6HQ9 MET A 2 ? UNP Q5T890 ? ? 'expression tag' 25 2 
2 6HQ9 SER B 1 ? UNP Q5T890 ? ? 'expression tag' 24 3 
2 6HQ9 MET B 2 ? UNP Q5T890 ? ? 'expression tag' 25 4 
# 
loop_
_pdbx_struct_assembly.id 
_pdbx_struct_assembly.details 
_pdbx_struct_assembly.method_details 
_pdbx_struct_assembly.oligomeric_details 
_pdbx_struct_assembly.oligomeric_count 
1 author_and_software_defined_assembly PISA monomeric 1 
2 author_and_software_defined_assembly PISA monomeric 1 
# 
loop_
_pdbx_struct_assembly_gen.assembly_id 
_pdbx_struct_assembly_gen.oper_expression 
_pdbx_struct_assembly_gen.asym_id_list 
1 1 A,C 
2 1 B,D 
# 
_pdbx_struct_assembly_auth_evidence.id                     1 
_pdbx_struct_assembly_auth_evidence.assembly_id            1 
_pdbx_struct_assembly_auth_evidence.experimental_support   'gel filtration' 
_pdbx_struct_assembly_auth_evidence.details                ? 
# 
_pdbx_struct_oper_list.id                   1 
_pdbx_struct_oper_list.type                 'identity operation' 
_pdbx_struct_oper_list.name                 1_555 
_pdbx_struct_oper_list.symmetry_operation   x,y,z 
_pdbx_struct_oper_list.matrix[1][1]         1.0000000000 
_pdbx_struct_oper_list.matrix[1][2]         0.0000000000 
_pdbx_struct_oper_list.matrix[1][3]         0.0000000000 
_pdbx_struct_oper_list.vector[1]            0.0000000000 
_pdbx_struct_oper_list.matrix[2][1]         0.0000000000 
_pdbx_struct_oper_list.matrix[2][2]         1.0000000000 
_pdbx_struct_oper_list.matrix[2][3]         0.0000000000 
_pdbx_struct_oper_list.vector[2]            0.0000000000 
_pdbx_struct_oper_list.matrix[3][1]         0.0000000000 
_pdbx_struct_oper_list.matrix[3][2]         0.0000000000 
_pdbx_struct_oper_list.matrix[3][3]         1.0000000000 
_pdbx_struct_oper_list.vector[3]            0.0000000000 
# 
loop_
_struct_conf.conf_type_id 
_struct_conf.id 
_struct_conf.pdbx_PDB_helix_id 
_struct_conf.beg_label_comp_id 
_struct_conf.beg_label_asym_id 
_struct_conf.beg_label_seq_id 
_struct_conf.pdbx_beg_PDB_ins_code 
_struct_conf.end_label_comp_id 
_struct_conf.end_label_asym_id 
_struct_conf.end_label_seq_id 
_struct_conf.pdbx_end_PDB_ins_code 
_struct_conf.beg_auth_comp_id 
_struct_conf.beg_auth_asym_id 
_struct_conf.beg_auth_seq_id 
_struct_conf.end_auth_comp_id 
_struct_conf.end_auth_asym_id 
_struct_conf.end_auth_seq_id 
_struct_conf.pdbx_PDB_helix_class 
_struct_conf.details 
_struct_conf.pdbx_PDB_helix_length 
HELX_P HELX_P1 AA1 LYS A 55 ? LEU A 57 ? LYS A 78 LEU A 80 5 ? 3 
HELX_P HELX_P2 AA2 LYS B 55 ? LEU B 57 ? LYS B 78 LEU B 80 5 ? 3 
# 
_struct_conf_type.id          HELX_P 
_struct_conf_type.criteria    ? 
_struct_conf_type.reference   ? 
# 
loop_
_struct_sheet.id 
_struct_sheet.type 
_struct_sheet.number_strands 
_struct_sheet.details 
AA1 ? 4 ? 
AA2 ? 6 ? 
# 
loop_
_struct_sheet_order.sheet_id 
_struct_sheet_order.range_id_1 
_struct_sheet_order.range_id_2 
_struct_sheet_order.offset 
_struct_sheet_order.sense 
AA1 1 2 ? anti-parallel 
AA1 2 3 ? anti-parallel 
AA1 3 4 ? anti-parallel 
AA2 1 2 ? anti-parallel 
AA2 2 3 ? anti-parallel 
AA2 3 4 ? anti-parallel 
AA2 4 5 ? anti-parallel 
AA2 5 6 ? anti-parallel 
# 
loop_
_struct_sheet_range.sheet_id 
_struct_sheet_range.id 
_struct_sheet_range.beg_label_comp_id 
_struct_sheet_range.beg_label_asym_id 
_struct_sheet_range.beg_label_seq_id 
_struct_sheet_range.pdbx_beg_PDB_ins_code 
_struct_sheet_range.end_label_comp_id 
_struct_sheet_range.end_label_asym_id 
_struct_sheet_range.end_label_seq_id 
_struct_sheet_range.pdbx_end_PDB_ins_code 
_struct_sheet_range.beg_auth_comp_id 
_struct_sheet_range.beg_auth_asym_id 
_struct_sheet_range.beg_auth_seq_id 
_struct_sheet_range.end_auth_comp_id 
_struct_sheet_range.end_auth_asym_id 
_struct_sheet_range.end_auth_seq_id 
AA1 1 ARG A 11 ? PRO A 15 ? ARG A 34 PRO A 38 
AA1 2 LEU A 22 ? ASP A 33 ? LEU A 45 ASP A 56 
AA1 3 LEU B 22 ? ASP B 33 ? LEU B 45 ASP B 56 
AA1 4 ARG B 11 ? PRO B 15 ? ARG B 34 PRO B 38 
AA2 1 GLU A 49 ? PRO A 53 ? GLU A 72 PRO A 76 
AA2 2 SER A 38 ? LEU A 43 ? SER A 61 LEU A 66 
AA2 3 LEU A 22 ? ASP A 33 ? LEU A 45 ASP A 56 
AA2 4 LEU B 22 ? ASP B 33 ? LEU B 45 ASP B 56 
AA2 5 SER B 38 ? TYR B 44 ? SER B 61 TYR B 67 
AA2 6 GLU B 49 ? PRO B 53 ? GLU B 72 PRO B 76 
# 
loop_
_pdbx_struct_sheet_hbond.sheet_id 
_pdbx_struct_sheet_hbond.range_id_1 
_pdbx_struct_sheet_hbond.range_id_2 
_pdbx_struct_sheet_hbond.range_1_label_atom_id 
_pdbx_struct_sheet_hbond.range_1_label_comp_id 
_pdbx_struct_sheet_hbond.range_1_label_asym_id 
_pdbx_struct_sheet_hbond.range_1_label_seq_id 
_pdbx_struct_sheet_hbond.range_1_PDB_ins_code 
_pdbx_struct_sheet_hbond.range_1_auth_atom_id 
_pdbx_struct_sheet_hbond.range_1_auth_comp_id 
_pdbx_struct_sheet_hbond.range_1_auth_asym_id 
_pdbx_struct_sheet_hbond.range_1_auth_seq_id 
_pdbx_struct_sheet_hbond.range_2_label_atom_id 
_pdbx_struct_sheet_hbond.range_2_label_comp_id 
_pdbx_struct_sheet_hbond.range_2_label_asym_id 
_pdbx_struct_sheet_hbond.range_2_label_seq_id 
_pdbx_struct_sheet_hbond.range_2_PDB_ins_code 
_pdbx_struct_sheet_hbond.range_2_auth_atom_id 
_pdbx_struct_sheet_hbond.range_2_auth_comp_id 
_pdbx_struct_sheet_hbond.range_2_auth_asym_id 
_pdbx_struct_sheet_hbond.range_2_auth_seq_id 
AA1 1 2 N CYS A 12 ? N CYS A 35 O ALA A 25 ? O ALA A 48 
AA1 2 3 N VAL A 32 ? N VAL A 55 O ILE B 30 ? O ILE B 53 
AA1 3 4 O ALA B 25 ? O ALA B 48 N CYS B 12 ? N CYS B 35 
AA2 1 2 O ILE A 52 ? O ILE A 75 N ALA A 40 ? N ALA A 63 
AA2 2 3 O VAL A 41 ? O VAL A 64 N LYS A 28 ? N LYS A 51 
AA2 3 4 N VAL A 32 ? N VAL A 55 O ILE B 30 ? O ILE B 53 
AA2 4 5 N LYS B 28 ? N LYS B 51 O VAL B 41 ? O VAL B 64 
AA2 5 6 N ALA B 40 ? N ALA B 63 O ILE B 52 ? O ILE B 75 
# 
_pdbx_validate_torsion.id              1 
_pdbx_validate_torsion.PDB_model_num   1 
_pdbx_validate_torsion.auth_comp_id    LYS 
_pdbx_validate_torsion.auth_asym_id    B 
_pdbx_validate_torsion.auth_seq_id     44 
_pdbx_validate_torsion.PDB_ins_code    ? 
_pdbx_validate_torsion.label_alt_id    ? 
_pdbx_validate_torsion.phi             -139.61 
_pdbx_validate_torsion.psi             -154.31 
# 
loop_
_pdbx_unobs_or_zero_occ_residues.id 
_pdbx_unobs_or_zero_occ_residues.PDB_model_num 
_pdbx_unobs_or_zero_occ_residues.polymer_flag 
_pdbx_unobs_or_zero_occ_residues.occupancy_flag 
_pdbx_unobs_or_zero_occ_residues.auth_asym_id 
_pdbx_unobs_or_zero_occ_residues.auth_comp_id 
_pdbx_unobs_or_zero_occ_residues.auth_seq_id 
_pdbx_unobs_or_zero_occ_residues.PDB_ins_code 
_pdbx_unobs_or_zero_occ_residues.label_asym_id 
_pdbx_unobs_or_zero_occ_residues.label_comp_id 
_pdbx_unobs_or_zero_occ_residues.label_seq_id 
1  1 Y 1 A SER 24 ? A SER 1  
2  1 Y 1 A PHE 85 ? A PHE 62 
3  1 Y 1 A VAL 86 ? A VAL 63 
4  1 Y 1 A LYS 87 ? A LYS 64 
5  1 Y 1 A ASP 88 ? A ASP 65 
6  1 Y 1 A CYS 89 ? A CYS 66 
7  1 Y 1 A PRO 90 ? A PRO 67 
8  1 Y 1 A ARG 91 ? A ARG 68 
9  1 Y 1 A ASN 92 ? A ASN 69 
10 1 Y 1 B SER 24 ? B SER 1  
11 1 Y 1 B ASP 41 ? B ASP 18 
12 1 Y 1 B ASN 42 ? B ASN 19 
13 1 Y 1 B PHE 85 ? B PHE 62 
14 1 Y 1 B VAL 86 ? B VAL 63 
15 1 Y 1 B LYS 87 ? B LYS 64 
16 1 Y 1 B ASP 88 ? B ASP 65 
17 1 Y 1 B CYS 89 ? B CYS 66 
18 1 Y 1 B PRO 90 ? B PRO 67 
19 1 Y 1 B ARG 91 ? B ARG 68 
20 1 Y 1 B ASN 92 ? B ASN 69 
# 
loop_
_chem_comp_atom.comp_id 
_chem_comp_atom.atom_id 
_chem_comp_atom.type_symbol 
_chem_comp_atom.pdbx_aromatic_flag 
_chem_comp_atom.pdbx_stereo_config 
_chem_comp_atom.pdbx_ordinal 
ALA N    N N N 1   
ALA CA   C N S 2   
ALA C    C N N 3   
ALA O    O N N 4   
ALA CB   C N N 5   
ALA OXT  O N N 6   
ALA H    H N N 7   
ALA H2   H N N 8   
ALA HA   H N N 9   
ALA HB1  H N N 10  
ALA HB2  H N N 11  
ALA HB3  H N N 12  
ALA HXT  H N N 13  
ARG N    N N N 14  
ARG CA   C N S 15  
ARG C    C N N 16  
ARG O    O N N 17  
ARG CB   C N N 18  
ARG CG   C N N 19  
ARG CD   C N N 20  
ARG NE   N N N 21  
ARG CZ   C N N 22  
ARG NH1  N N N 23  
ARG NH2  N N N 24  
ARG OXT  O N N 25  
ARG H    H N N 26  
ARG H2   H N N 27  
ARG HA   H N N 28  
ARG HB2  H N N 29  
ARG HB3  H N N 30  
ARG HG2  H N N 31  
ARG HG3  H N N 32  
ARG HD2  H N N 33  
ARG HD3  H N N 34  
ARG HE   H N N 35  
ARG HH11 H N N 36  
ARG HH12 H N N 37  
ARG HH21 H N N 38  
ARG HH22 H N N 39  
ARG HXT  H N N 40  
ASN N    N N N 41  
ASN CA   C N S 42  
ASN C    C N N 43  
ASN O    O N N 44  
ASN CB   C N N 45  
ASN CG   C N N 46  
ASN OD1  O N N 47  
ASN ND2  N N N 48  
ASN OXT  O N N 49  
ASN H    H N N 50  
ASN H2   H N N 51  
ASN HA   H N N 52  
ASN HB2  H N N 53  
ASN HB3  H N N 54  
ASN HD21 H N N 55  
ASN HD22 H N N 56  
ASN HXT  H N N 57  
ASP N    N N N 58  
ASP CA   C N S 59  
ASP C    C N N 60  
ASP O    O N N 61  
ASP CB   C N N 62  
ASP CG   C N N 63  
ASP OD1  O N N 64  
ASP OD2  O N N 65  
ASP OXT  O N N 66  
ASP H    H N N 67  
ASP H2   H N N 68  
ASP HA   H N N 69  
ASP HB2  H N N 70  
ASP HB3  H N N 71  
ASP HD2  H N N 72  
ASP HXT  H N N 73  
CYS N    N N N 74  
CYS CA   C N R 75  
CYS C    C N N 76  
CYS O    O N N 77  
CYS CB   C N N 78  
CYS SG   S N N 79  
CYS OXT  O N N 80  
CYS H    H N N 81  
CYS H2   H N N 82  
CYS HA   H N N 83  
CYS HB2  H N N 84  
CYS HB3  H N N 85  
CYS HG   H N N 86  
CYS HXT  H N N 87  
GLN N    N N N 88  
GLN CA   C N S 89  
GLN C    C N N 90  
GLN O    O N N 91  
GLN CB   C N N 92  
GLN CG   C N N 93  
GLN CD   C N N 94  
GLN OE1  O N N 95  
GLN NE2  N N N 96  
GLN OXT  O N N 97  
GLN H    H N N 98  
GLN H2   H N N 99  
GLN HA   H N N 100 
GLN HB2  H N N 101 
GLN HB3  H N N 102 
GLN HG2  H N N 103 
GLN HG3  H N N 104 
GLN HE21 H N N 105 
GLN HE22 H N N 106 
GLN HXT  H N N 107 
GLU N    N N N 108 
GLU CA   C N S 109 
GLU C    C N N 110 
GLU O    O N N 111 
GLU CB   C N N 112 
GLU CG   C N N 113 
GLU CD   C N N 114 
GLU OE1  O N N 115 
GLU OE2  O N N 116 
GLU OXT  O N N 117 
GLU H    H N N 118 
GLU H2   H N N 119 
GLU HA   H N N 120 
GLU HB2  H N N 121 
GLU HB3  H N N 122 
GLU HG2  H N N 123 
GLU HG3  H N N 124 
GLU HE2  H N N 125 
GLU HXT  H N N 126 
GLY N    N N N 127 
GLY CA   C N N 128 
GLY C    C N N 129 
GLY O    O N N 130 
GLY OXT  O N N 131 
GLY H    H N N 132 
GLY H2   H N N 133 
GLY HA2  H N N 134 
GLY HA3  H N N 135 
GLY HXT  H N N 136 
HIS N    N N N 137 
HIS CA   C N S 138 
HIS C    C N N 139 
HIS O    O N N 140 
HIS CB   C N N 141 
HIS CG   C Y N 142 
HIS ND1  N Y N 143 
HIS CD2  C Y N 144 
HIS CE1  C Y N 145 
HIS NE2  N Y N 146 
HIS OXT  O N N 147 
HIS H    H N N 148 
HIS H2   H N N 149 
HIS HA   H N N 150 
HIS HB2  H N N 151 
HIS HB3  H N N 152 
HIS HD1  H N N 153 
HIS HD2  H N N 154 
HIS HE1  H N N 155 
HIS HE2  H N N 156 
HIS HXT  H N N 157 
HOH O    O N N 158 
HOH H1   H N N 159 
HOH H2   H N N 160 
ILE N    N N N 161 
ILE CA   C N S 162 
ILE C    C N N 163 
ILE O    O N N 164 
ILE CB   C N S 165 
ILE CG1  C N N 166 
ILE CG2  C N N 167 
ILE CD1  C N N 168 
ILE OXT  O N N 169 
ILE H    H N N 170 
ILE H2   H N N 171 
ILE HA   H N N 172 
ILE HB   H N N 173 
ILE HG12 H N N 174 
ILE HG13 H N N 175 
ILE HG21 H N N 176 
ILE HG22 H N N 177 
ILE HG23 H N N 178 
ILE HD11 H N N 179 
ILE HD12 H N N 180 
ILE HD13 H N N 181 
ILE HXT  H N N 182 
LEU N    N N N 183 
LEU CA   C N S 184 
LEU C    C N N 185 
LEU O    O N N 186 
LEU CB   C N N 187 
LEU CG   C N N 188 
LEU CD1  C N N 189 
LEU CD2  C N N 190 
LEU OXT  O N N 191 
LEU H    H N N 192 
LEU H2   H N N 193 
LEU HA   H N N 194 
LEU HB2  H N N 195 
LEU HB3  H N N 196 
LEU HG   H N N 197 
LEU HD11 H N N 198 
LEU HD12 H N N 199 
LEU HD13 H N N 200 
LEU HD21 H N N 201 
LEU HD22 H N N 202 
LEU HD23 H N N 203 
LEU HXT  H N N 204 
LYS N    N N N 205 
LYS CA   C N S 206 
LYS C    C N N 207 
LYS O    O N N 208 
LYS CB   C N N 209 
LYS CG   C N N 210 
LYS CD   C N N 211 
LYS CE   C N N 212 
LYS NZ   N N N 213 
LYS OXT  O N N 214 
LYS H    H N N 215 
LYS H2   H N N 216 
LYS HA   H N N 217 
LYS HB2  H N N 218 
LYS HB3  H N N 219 
LYS HG2  H N N 220 
LYS HG3  H N N 221 
LYS HD2  H N N 222 
LYS HD3  H N N 223 
LYS HE2  H N N 224 
LYS HE3  H N N 225 
LYS HZ1  H N N 226 
LYS HZ2  H N N 227 
LYS HZ3  H N N 228 
LYS HXT  H N N 229 
MET N    N N N 230 
MET CA   C N S 231 
MET C    C N N 232 
MET O    O N N 233 
MET CB   C N N 234 
MET CG   C N N 235 
MET SD   S N N 236 
MET CE   C N N 237 
MET OXT  O N N 238 
MET H    H N N 239 
MET H2   H N N 240 
MET HA   H N N 241 
MET HB2  H N N 242 
MET HB3  H N N 243 
MET HG2  H N N 244 
MET HG3  H N N 245 
MET HE1  H N N 246 
MET HE2  H N N 247 
MET HE3  H N N 248 
MET HXT  H N N 249 
PHE N    N N N 250 
PHE CA   C N S 251 
PHE C    C N N 252 
PHE O    O N N 253 
PHE CB   C N N 254 
PHE CG   C Y N 255 
PHE CD1  C Y N 256 
PHE CD2  C Y N 257 
PHE CE1  C Y N 258 
PHE CE2  C Y N 259 
PHE CZ   C Y N 260 
PHE OXT  O N N 261 
PHE H    H N N 262 
PHE H2   H N N 263 
PHE HA   H N N 264 
PHE HB2  H N N 265 
PHE HB3  H N N 266 
PHE HD1  H N N 267 
PHE HD2  H N N 268 
PHE HE1  H N N 269 
PHE HE2  H N N 270 
PHE HZ   H N N 271 
PHE HXT  H N N 272 
PRO N    N N N 273 
PRO CA   C N S 274 
PRO C    C N N 275 
PRO O    O N N 276 
PRO CB   C N N 277 
PRO CG   C N N 278 
PRO CD   C N N 279 
PRO OXT  O N N 280 
PRO H    H N N 281 
PRO HA   H N N 282 
PRO HB2  H N N 283 
PRO HB3  H N N 284 
PRO HG2  H N N 285 
PRO HG3  H N N 286 
PRO HD2  H N N 287 
PRO HD3  H N N 288 
PRO HXT  H N N 289 
SER N    N N N 290 
SER CA   C N S 291 
SER C    C N N 292 
SER O    O N N 293 
SER CB   C N N 294 
SER OG   O N N 295 
SER OXT  O N N 296 
SER H    H N N 297 
SER H2   H N N 298 
SER HA   H N N 299 
SER HB2  H N N 300 
SER HB3  H N N 301 
SER HG   H N N 302 
SER HXT  H N N 303 
THR N    N N N 304 
THR CA   C N S 305 
THR C    C N N 306 
THR O    O N N 307 
THR CB   C N R 308 
THR OG1  O N N 309 
THR CG2  C N N 310 
THR OXT  O N N 311 
THR H    H N N 312 
THR H2   H N N 313 
THR HA   H N N 314 
THR HB   H N N 315 
THR HG1  H N N 316 
THR HG21 H N N 317 
THR HG22 H N N 318 
THR HG23 H N N 319 
THR HXT  H N N 320 
TRP N    N N N 321 
TRP CA   C N S 322 
TRP C    C N N 323 
TRP O    O N N 324 
TRP CB   C N N 325 
TRP CG   C Y N 326 
TRP CD1  C Y N 327 
TRP CD2  C Y N 328 
TRP NE1  N Y N 329 
TRP CE2  C Y N 330 
TRP CE3  C Y N 331 
TRP CZ2  C Y N 332 
TRP CZ3  C Y N 333 
TRP CH2  C Y N 334 
TRP OXT  O N N 335 
TRP H    H N N 336 
TRP H2   H N N 337 
TRP HA   H N N 338 
TRP HB2  H N N 339 
TRP HB3  H N N 340 
TRP HD1  H N N 341 
TRP HE1  H N N 342 
TRP HE3  H N N 343 
TRP HZ2  H N N 344 
TRP HZ3  H N N 345 
TRP HH2  H N N 346 
TRP HXT  H N N 347 
TYR N    N N N 348 
TYR CA   C N S 349 
TYR C    C N N 350 
TYR O    O N N 351 
TYR CB   C N N 352 
TYR CG   C Y N 353 
TYR CD1  C Y N 354 
TYR CD2  C Y N 355 
TYR CE1  C Y N 356 
TYR CE2  C Y N 357 
TYR CZ   C Y N 358 
TYR OH   O N N 359 
TYR OXT  O N N 360 
TYR H    H N N 361 
TYR H2   H N N 362 
TYR HA   H N N 363 
TYR HB2  H N N 364 
TYR HB3  H N N 365 
TYR HD1  H N N 366 
TYR HD2  H N N 367 
TYR HE1  H N N 368 
TYR HE2  H N N 369 
TYR HH   H N N 370 
TYR HXT  H N N 371 
VAL N    N N N 372 
VAL CA   C N S 373 
VAL C    C N N 374 
VAL O    O N N 375 
VAL CB   C N N 376 
VAL CG1  C N N 377 
VAL CG2  C N N 378 
VAL OXT  O N N 379 
VAL H    H N N 380 
VAL H2   H N N 381 
VAL HA   H N N 382 
VAL HB   H N N 383 
VAL HG11 H N N 384 
VAL HG12 H N N 385 
VAL HG13 H N N 386 
VAL HG21 H N N 387 
VAL HG22 H N N 388 
VAL HG23 H N N 389 
VAL HXT  H N N 390 
# 
loop_
_chem_comp_bond.comp_id 
_chem_comp_bond.atom_id_1 
_chem_comp_bond.atom_id_2 
_chem_comp_bond.value_order 
_chem_comp_bond.pdbx_aromatic_flag 
_chem_comp_bond.pdbx_stereo_config 
_chem_comp_bond.pdbx_ordinal 
ALA N   CA   sing N N 1   
ALA N   H    sing N N 2   
ALA N   H2   sing N N 3   
ALA CA  C    sing N N 4   
ALA CA  CB   sing N N 5   
ALA CA  HA   sing N N 6   
ALA C   O    doub N N 7   
ALA C   OXT  sing N N 8   
ALA CB  HB1  sing N N 9   
ALA CB  HB2  sing N N 10  
ALA CB  HB3  sing N N 11  
ALA OXT HXT  sing N N 12  
ARG N   CA   sing N N 13  
ARG N   H    sing N N 14  
ARG N   H2   sing N N 15  
ARG CA  C    sing N N 16  
ARG CA  CB   sing N N 17  
ARG CA  HA   sing N N 18  
ARG C   O    doub N N 19  
ARG C   OXT  sing N N 20  
ARG CB  CG   sing N N 21  
ARG CB  HB2  sing N N 22  
ARG CB  HB3  sing N N 23  
ARG CG  CD   sing N N 24  
ARG CG  HG2  sing N N 25  
ARG CG  HG3  sing N N 26  
ARG CD  NE   sing N N 27  
ARG CD  HD2  sing N N 28  
ARG CD  HD3  sing N N 29  
ARG NE  CZ   sing N N 30  
ARG NE  HE   sing N N 31  
ARG CZ  NH1  sing N N 32  
ARG CZ  NH2  doub N N 33  
ARG NH1 HH11 sing N N 34  
ARG NH1 HH12 sing N N 35  
ARG NH2 HH21 sing N N 36  
ARG NH2 HH22 sing N N 37  
ARG OXT HXT  sing N N 38  
ASN N   CA   sing N N 39  
ASN N   H    sing N N 40  
ASN N   H2   sing N N 41  
ASN CA  C    sing N N 42  
ASN CA  CB   sing N N 43  
ASN CA  HA   sing N N 44  
ASN C   O    doub N N 45  
ASN C   OXT  sing N N 46  
ASN CB  CG   sing N N 47  
ASN CB  HB2  sing N N 48  
ASN CB  HB3  sing N N 49  
ASN CG  OD1  doub N N 50  
ASN CG  ND2  sing N N 51  
ASN ND2 HD21 sing N N 52  
ASN ND2 HD22 sing N N 53  
ASN OXT HXT  sing N N 54  
ASP N   CA   sing N N 55  
ASP N   H    sing N N 56  
ASP N   H2   sing N N 57  
ASP CA  C    sing N N 58  
ASP CA  CB   sing N N 59  
ASP CA  HA   sing N N 60  
ASP C   O    doub N N 61  
ASP C   OXT  sing N N 62  
ASP CB  CG   sing N N 63  
ASP CB  HB2  sing N N 64  
ASP CB  HB3  sing N N 65  
ASP CG  OD1  doub N N 66  
ASP CG  OD2  sing N N 67  
ASP OD2 HD2  sing N N 68  
ASP OXT HXT  sing N N 69  
CYS N   CA   sing N N 70  
CYS N   H    sing N N 71  
CYS N   H2   sing N N 72  
CYS CA  C    sing N N 73  
CYS CA  CB   sing N N 74  
CYS CA  HA   sing N N 75  
CYS C   O    doub N N 76  
CYS C   OXT  sing N N 77  
CYS CB  SG   sing N N 78  
CYS CB  HB2  sing N N 79  
CYS CB  HB3  sing N N 80  
CYS SG  HG   sing N N 81  
CYS OXT HXT  sing N N 82  
GLN N   CA   sing N N 83  
GLN N   H    sing N N 84  
GLN N   H2   sing N N 85  
GLN CA  C    sing N N 86  
GLN CA  CB   sing N N 87  
GLN CA  HA   sing N N 88  
GLN C   O    doub N N 89  
GLN C   OXT  sing N N 90  
GLN CB  CG   sing N N 91  
GLN CB  HB2  sing N N 92  
GLN CB  HB3  sing N N 93  
GLN CG  CD   sing N N 94  
GLN CG  HG2  sing N N 95  
GLN CG  HG3  sing N N 96  
GLN CD  OE1  doub N N 97  
GLN CD  NE2  sing N N 98  
GLN NE2 HE21 sing N N 99  
GLN NE2 HE22 sing N N 100 
GLN OXT HXT  sing N N 101 
GLU N   CA   sing N N 102 
GLU N   H    sing N N 103 
GLU N   H2   sing N N 104 
GLU CA  C    sing N N 105 
GLU CA  CB   sing N N 106 
GLU CA  HA   sing N N 107 
GLU C   O    doub N N 108 
GLU C   OXT  sing N N 109 
GLU CB  CG   sing N N 110 
GLU CB  HB2  sing N N 111 
GLU CB  HB3  sing N N 112 
GLU CG  CD   sing N N 113 
GLU CG  HG2  sing N N 114 
GLU CG  HG3  sing N N 115 
GLU CD  OE1  doub N N 116 
GLU CD  OE2  sing N N 117 
GLU OE2 HE2  sing N N 118 
GLU OXT HXT  sing N N 119 
GLY N   CA   sing N N 120 
GLY N   H    sing N N 121 
GLY N   H2   sing N N 122 
GLY CA  C    sing N N 123 
GLY CA  HA2  sing N N 124 
GLY CA  HA3  sing N N 125 
GLY C   O    doub N N 126 
GLY C   OXT  sing N N 127 
GLY OXT HXT  sing N N 128 
HIS N   CA   sing N N 129 
HIS N   H    sing N N 130 
HIS N   H2   sing N N 131 
HIS CA  C    sing N N 132 
HIS CA  CB   sing N N 133 
HIS CA  HA   sing N N 134 
HIS C   O    doub N N 135 
HIS C   OXT  sing N N 136 
HIS CB  CG   sing N N 137 
HIS CB  HB2  sing N N 138 
HIS CB  HB3  sing N N 139 
HIS CG  ND1  sing Y N 140 
HIS CG  CD2  doub Y N 141 
HIS ND1 CE1  doub Y N 142 
HIS ND1 HD1  sing N N 143 
HIS CD2 NE2  sing Y N 144 
HIS CD2 HD2  sing N N 145 
HIS CE1 NE2  sing Y N 146 
HIS CE1 HE1  sing N N 147 
HIS NE2 HE2  sing N N 148 
HIS OXT HXT  sing N N 149 
HOH O   H1   sing N N 150 
HOH O   H2   sing N N 151 
ILE N   CA   sing N N 152 
ILE N   H    sing N N 153 
ILE N   H2   sing N N 154 
ILE CA  C    sing N N 155 
ILE CA  CB   sing N N 156 
ILE CA  HA   sing N N 157 
ILE C   O    doub N N 158 
ILE C   OXT  sing N N 159 
ILE CB  CG1  sing N N 160 
ILE CB  CG2  sing N N 161 
ILE CB  HB   sing N N 162 
ILE CG1 CD1  sing N N 163 
ILE CG1 HG12 sing N N 164 
ILE CG1 HG13 sing N N 165 
ILE CG2 HG21 sing N N 166 
ILE CG2 HG22 sing N N 167 
ILE CG2 HG23 sing N N 168 
ILE CD1 HD11 sing N N 169 
ILE CD1 HD12 sing N N 170 
ILE CD1 HD13 sing N N 171 
ILE OXT HXT  sing N N 172 
LEU N   CA   sing N N 173 
LEU N   H    sing N N 174 
LEU N   H2   sing N N 175 
LEU CA  C    sing N N 176 
LEU CA  CB   sing N N 177 
LEU CA  HA   sing N N 178 
LEU C   O    doub N N 179 
LEU C   OXT  sing N N 180 
LEU CB  CG   sing N N 181 
LEU CB  HB2  sing N N 182 
LEU CB  HB3  sing N N 183 
LEU CG  CD1  sing N N 184 
LEU CG  CD2  sing N N 185 
LEU CG  HG   sing N N 186 
LEU CD1 HD11 sing N N 187 
LEU CD1 HD12 sing N N 188 
LEU CD1 HD13 sing N N 189 
LEU CD2 HD21 sing N N 190 
LEU CD2 HD22 sing N N 191 
LEU CD2 HD23 sing N N 192 
LEU OXT HXT  sing N N 193 
LYS N   CA   sing N N 194 
LYS N   H    sing N N 195 
LYS N   H2   sing N N 196 
LYS CA  C    sing N N 197 
LYS CA  CB   sing N N 198 
LYS CA  HA   sing N N 199 
LYS C   O    doub N N 200 
LYS C   OXT  sing N N 201 
LYS CB  CG   sing N N 202 
LYS CB  HB2  sing N N 203 
LYS CB  HB3  sing N N 204 
LYS CG  CD   sing N N 205 
LYS CG  HG2  sing N N 206 
LYS CG  HG3  sing N N 207 
LYS CD  CE   sing N N 208 
LYS CD  HD2  sing N N 209 
LYS CD  HD3  sing N N 210 
LYS CE  NZ   sing N N 211 
LYS CE  HE2  sing N N 212 
LYS CE  HE3  sing N N 213 
LYS NZ  HZ1  sing N N 214 
LYS NZ  HZ2  sing N N 215 
LYS NZ  HZ3  sing N N 216 
LYS OXT HXT  sing N N 217 
MET N   CA   sing N N 218 
MET N   H    sing N N 219 
MET N   H2   sing N N 220 
MET CA  C    sing N N 221 
MET CA  CB   sing N N 222 
MET CA  HA   sing N N 223 
MET C   O    doub N N 224 
MET C   OXT  sing N N 225 
MET CB  CG   sing N N 226 
MET CB  HB2  sing N N 227 
MET CB  HB3  sing N N 228 
MET CG  SD   sing N N 229 
MET CG  HG2  sing N N 230 
MET CG  HG3  sing N N 231 
MET SD  CE   sing N N 232 
MET CE  HE1  sing N N 233 
MET CE  HE2  sing N N 234 
MET CE  HE3  sing N N 235 
MET OXT HXT  sing N N 236 
PHE N   CA   sing N N 237 
PHE N   H    sing N N 238 
PHE N   H2   sing N N 239 
PHE CA  C    sing N N 240 
PHE CA  CB   sing N N 241 
PHE CA  HA   sing N N 242 
PHE C   O    doub N N 243 
PHE C   OXT  sing N N 244 
PHE CB  CG   sing N N 245 
PHE CB  HB2  sing N N 246 
PHE CB  HB3  sing N N 247 
PHE CG  CD1  doub Y N 248 
PHE CG  CD2  sing Y N 249 
PHE CD1 CE1  sing Y N 250 
PHE CD1 HD1  sing N N 251 
PHE CD2 CE2  doub Y N 252 
PHE CD2 HD2  sing N N 253 
PHE CE1 CZ   doub Y N 254 
PHE CE1 HE1  sing N N 255 
PHE CE2 CZ   sing Y N 256 
PHE CE2 HE2  sing N N 257 
PHE CZ  HZ   sing N N 258 
PHE OXT HXT  sing N N 259 
PRO N   CA   sing N N 260 
PRO N   CD   sing N N 261 
PRO N   H    sing N N 262 
PRO CA  C    sing N N 263 
PRO CA  CB   sing N N 264 
PRO CA  HA   sing N N 265 
PRO C   O    doub N N 266 
PRO C   OXT  sing N N 267 
PRO CB  CG   sing N N 268 
PRO CB  HB2  sing N N 269 
PRO CB  HB3  sing N N 270 
PRO CG  CD   sing N N 271 
PRO CG  HG2  sing N N 272 
PRO CG  HG3  sing N N 273 
PRO CD  HD2  sing N N 274 
PRO CD  HD3  sing N N 275 
PRO OXT HXT  sing N N 276 
SER N   CA   sing N N 277 
SER N   H    sing N N 278 
SER N   H2   sing N N 279 
SER CA  C    sing N N 280 
SER CA  CB   sing N N 281 
SER CA  HA   sing N N 282 
SER C   O    doub N N 283 
SER C   OXT  sing N N 284 
SER CB  OG   sing N N 285 
SER CB  HB2  sing N N 286 
SER CB  HB3  sing N N 287 
SER OG  HG   sing N N 288 
SER OXT HXT  sing N N 289 
THR N   CA   sing N N 290 
THR N   H    sing N N 291 
THR N   H2   sing N N 292 
THR CA  C    sing N N 293 
THR CA  CB   sing N N 294 
THR CA  HA   sing N N 295 
THR C   O    doub N N 296 
THR C   OXT  sing N N 297 
THR CB  OG1  sing N N 298 
THR CB  CG2  sing N N 299 
THR CB  HB   sing N N 300 
THR OG1 HG1  sing N N 301 
THR CG2 HG21 sing N N 302 
THR CG2 HG22 sing N N 303 
THR CG2 HG23 sing N N 304 
THR OXT HXT  sing N N 305 
TRP N   CA   sing N N 306 
TRP N   H    sing N N 307 
TRP N   H2   sing N N 308 
TRP CA  C    sing N N 309 
TRP CA  CB   sing N N 310 
TRP CA  HA   sing N N 311 
TRP C   O    doub N N 312 
TRP C   OXT  sing N N 313 
TRP CB  CG   sing N N 314 
TRP CB  HB2  sing N N 315 
TRP CB  HB3  sing N N 316 
TRP CG  CD1  doub Y N 317 
TRP CG  CD2  sing Y N 318 
TRP CD1 NE1  sing Y N 319 
TRP CD1 HD1  sing N N 320 
TRP CD2 CE2  doub Y N 321 
TRP CD2 CE3  sing Y N 322 
TRP NE1 CE2  sing Y N 323 
TRP NE1 HE1  sing N N 324 
TRP CE2 CZ2  sing Y N 325 
TRP CE3 CZ3  doub Y N 326 
TRP CE3 HE3  sing N N 327 
TRP CZ2 CH2  doub Y N 328 
TRP CZ2 HZ2  sing N N 329 
TRP CZ3 CH2  sing Y N 330 
TRP CZ3 HZ3  sing N N 331 
TRP CH2 HH2  sing N N 332 
TRP OXT HXT  sing N N 333 
TYR N   CA   sing N N 334 
TYR N   H    sing N N 335 
TYR N   H2   sing N N 336 
TYR CA  C    sing N N 337 
TYR CA  CB   sing N N 338 
TYR CA  HA   sing N N 339 
TYR C   O    doub N N 340 
TYR C   OXT  sing N N 341 
TYR CB  CG   sing N N 342 
TYR CB  HB2  sing N N 343 
TYR CB  HB3  sing N N 344 
TYR CG  CD1  doub Y N 345 
TYR CG  CD2  sing Y N 346 
TYR CD1 CE1  sing Y N 347 
TYR CD1 HD1  sing N N 348 
TYR CD2 CE2  doub Y N 349 
TYR CD2 HD2  sing N N 350 
TYR CE1 CZ   doub Y N 351 
TYR CE1 HE1  sing N N 352 
TYR CE2 CZ   sing Y N 353 
TYR CE2 HE2  sing N N 354 
TYR CZ  OH   sing N N 355 
TYR OH  HH   sing N N 356 
TYR OXT HXT  sing N N 357 
VAL N   CA   sing N N 358 
VAL N   H    sing N N 359 
VAL N   H2   sing N N 360 
VAL CA  C    sing N N 361 
VAL CA  CB   sing N N 362 
VAL CA  HA   sing N N 363 
VAL C   O    doub N N 364 
VAL C   OXT  sing N N 365 
VAL CB  CG1  sing N N 366 
VAL CB  CG2  sing N N 367 
VAL CB  HB   sing N N 368 
VAL CG1 HG11 sing N N 369 
VAL CG1 HG12 sing N N 370 
VAL CG1 HG13 sing N N 371 
VAL CG2 HG21 sing N N 372 
VAL CG2 HG22 sing N N 373 
VAL CG2 HG23 sing N N 374 
VAL OXT HXT  sing N N 375 
# 
_pdbx_audit_support.funding_organization   'Wellcome Trust' 
_pdbx_audit_support.country                'United Kingdom' 
_pdbx_audit_support.grant_number           ? 
_pdbx_audit_support.ordinal                1 
# 
_pdbx_initial_refinement_model.id               1 
_pdbx_initial_refinement_model.entity_id_list   ? 
_pdbx_initial_refinement_model.type             'experimental model' 
_pdbx_initial_refinement_model.source_name      PDB 
_pdbx_initial_refinement_model.accession_code   3FDR 
_pdbx_initial_refinement_model.details          ? 
# 
_atom_sites.entry_id                    6HQ9 
_atom_sites.fract_transf_matrix[1][1]   -0.03393102 
_atom_sites.fract_transf_matrix[1][2]   0.00354592 
_atom_sites.fract_transf_matrix[1][3]   0.02531635 
_atom_sites.fract_transf_matrix[2][1]   -0.00501087 
_atom_sites.fract_transf_matrix[2][2]   0.01530770 
_atom_sites.fract_transf_matrix[2][3]   -0.00886003 
_atom_sites.fract_transf_matrix[3][1]   -0.00492948 
_atom_sites.fract_transf_matrix[3][2]   -0.00502990 
_atom_sites.fract_transf_matrix[3][3]   -0.00590238 
_atom_sites.fract_transf_vector[1]      1.257296 
_atom_sites.fract_transf_vector[2]      0.268989 
_atom_sites.fract_transf_vector[3]      0.274663 
# 
loop_
_atom_type.symbol 
C 
N 
O 
S 
# 
loop_
_atom_site.group_PDB 
_atom_site.id 
_atom_site.type_symbol 
_atom_site.label_atom_id 
_atom_site.label_alt_id 
_atom_site.label_comp_id 
_atom_site.label_asym_id 
_atom_site.label_entity_id 
_atom_site.label_seq_id 
_atom_site.pdbx_PDB_ins_code 
_atom_site.Cartn_x 
_atom_site.Cartn_y 
_atom_site.Cartn_z 
_atom_site.occupancy 
_atom_site.B_iso_or_equiv 
_atom_site.pdbx_formal_charge 
_atom_site.auth_seq_id 
_atom_site.auth_comp_id 
_atom_site.auth_asym_id 
_atom_site.auth_atom_id 
_atom_site.pdbx_PDB_model_num 
ATOM   1   N N   . MET A 1 2  ? 3.804   -12.509 -11.480 1.00 66.34 ? 25  MET A N   1 
ATOM   2   C CA  . MET A 1 2  ? 4.901   -11.793 -10.840 1.00 67.75 ? 25  MET A CA  1 
ATOM   3   C C   . MET A 1 2  ? 5.636   -10.900 -11.842 1.00 61.75 ? 25  MET A C   1 
ATOM   4   O O   . MET A 1 2  ? 6.491   -10.099 -11.464 1.00 64.18 ? 25  MET A O   1 
ATOM   5   C CB  . MET A 1 2  ? 5.876   -12.778 -10.191 1.00 66.42 ? 25  MET A CB  1 
ATOM   6   N N   . LYS A 1 3  ? 5.289   -11.039 -13.124 1.00 56.56 ? 26  LYS A N   1 
ATOM   7   C CA  . LYS A 1 3  ? 5.912   -10.240 -14.170 1.00 44.81 ? 26  LYS A CA  1 
ATOM   8   C C   . LYS A 1 3  ? 5.223   -8.899  -14.395 1.00 48.58 ? 26  LYS A C   1 
ATOM   9   O O   . LYS A 1 3  ? 5.869   -7.968  -14.888 1.00 34.96 ? 26  LYS A O   1 
ATOM   10  C CB  . LYS A 1 3  ? 5.950   -11.026 -15.486 1.00 52.35 ? 26  LYS A CB  1 
ATOM   11  C CG  . LYS A 1 3  ? 6.725   -12.335 -15.406 1.00 53.20 ? 26  LYS A CG  1 
ATOM   12  C CD  . LYS A 1 3  ? 7.538   -12.593 -16.676 1.00 53.81 ? 26  LYS A CD  1 
ATOM   13  C CE  . LYS A 1 3  ? 6.645   -12.749 -17.900 1.00 60.38 ? 26  LYS A CE  1 
ATOM   14  N NZ  . LYS A 1 3  ? 7.420   -13.076 -19.134 1.00 63.33 ? 26  LYS A NZ  1 
ATOM   15  N N   . ASP A 1 4  ? 3.944   -8.768  -14.048 1.00 43.22 ? 27  ASP A N   1 
ATOM   16  C CA  . ASP A 1 4  ? 3.257   -7.500  -14.249 1.00 34.43 ? 27  ASP A CA  1 
ATOM   17  C C   . ASP A 1 4  ? 3.763   -6.455  -13.262 1.00 34.85 ? 27  ASP A C   1 
ATOM   18  O O   . ASP A 1 4  ? 4.086   -6.763  -12.113 1.00 35.56 ? 27  ASP A O   1 
ATOM   19  C CB  . ASP A 1 4  ? 1.748   -7.674  -14.093 1.00 39.04 ? 27  ASP A CB  1 
ATOM   20  C CG  . ASP A 1 4  ? 1.126   -8.447  -15.241 1.00 46.81 ? 27  ASP A CG  1 
ATOM   21  O OD1 . ASP A 1 4  ? 1.732   -8.489  -16.333 1.00 51.35 ? 27  ASP A OD1 1 
ATOM   22  O OD2 . ASP A 1 4  ? 0.025   -9.008  -15.055 1.00 50.55 ? 27  ASP A OD2 1 
ATOM   23  N N   . ILE A 1 5  ? 3.843   -5.209  -13.722 1.00 31.47 ? 28  ILE A N   1 
ATOM   24  C CA  . ILE A 1 5  ? 4.262   -4.083  -12.895 1.00 31.00 ? 28  ILE A CA  1 
ATOM   25  C C   . ILE A 1 5  ? 3.077   -3.136  -12.786 1.00 28.79 ? 28  ILE A C   1 
ATOM   26  O O   . ILE A 1 5  ? 2.669   -2.523  -13.780 1.00 34.73 ? 28  ILE A O   1 
ATOM   27  C CB  . ILE A 1 5  ? 5.491   -3.365  -13.468 1.00 34.20 ? 28  ILE A CB  1 
ATOM   28  C CG1 . ILE A 1 5  ? 6.704   -4.288  -13.443 1.00 34.62 ? 28  ILE A CG1 1 
ATOM   29  C CG2 . ILE A 1 5  ? 5.773   -2.094  -12.685 1.00 35.16 ? 28  ILE A CG2 1 
ATOM   30  C CD1 . ILE A 1 5  ? 7.962   -3.627  -13.952 1.00 33.75 ? 28  ILE A CD1 1 
ATOM   31  N N   . TRP A 1 6  ? 2.523   -3.013  -11.587 1.00 31.09 ? 29  TRP A N   1 
ATOM   32  C CA  . TRP A 1 6  ? 1.313   -2.235  -11.371 1.00 25.51 ? 29  TRP A CA  1 
ATOM   33  C C   . TRP A 1 6  ? 1.637   -0.934  -10.654 1.00 31.45 ? 29  TRP A C   1 
ATOM   34  O O   . TRP A 1 6  ? 2.439   -0.911  -9.715  1.00 30.54 ? 29  TRP A O   1 
ATOM   35  C CB  . TRP A 1 6  ? 0.289   -3.034  -10.563 1.00 30.79 ? 29  TRP A CB  1 
ATOM   36  C CG  . TRP A 1 6  ? -0.264  -4.215  -11.292 1.00 22.17 ? 29  TRP A CG  1 
ATOM   37  C CD1 . TRP A 1 6  ? -0.052  -5.530  -11.003 1.00 24.40 ? 29  TRP A CD1 1 
ATOM   38  C CD2 . TRP A 1 6  ? -1.120  -4.187  -12.440 1.00 23.19 ? 29  TRP A CD2 1 
ATOM   39  N NE1 . TRP A 1 6  ? -0.724  -6.326  -11.901 1.00 26.78 ? 29  TRP A NE1 1 
ATOM   40  C CE2 . TRP A 1 6  ? -1.396  -5.524  -12.788 1.00 23.53 ? 29  TRP A CE2 1 
ATOM   41  C CE3 . TRP A 1 6  ? -1.689  -3.160  -13.203 1.00 26.48 ? 29  TRP A CE3 1 
ATOM   42  C CZ2 . TRP A 1 6  ? -2.206  -5.862  -13.870 1.00 28.47 ? 29  TRP A CZ2 1 
ATOM   43  C CZ3 . TRP A 1 6  ? -2.496  -3.500  -14.278 1.00 28.05 ? 29  TRP A CZ3 1 
ATOM   44  C CH2 . TRP A 1 6  ? -2.746  -4.837  -14.601 1.00 31.13 ? 29  TRP A CH2 1 
ATOM   45  N N   . HIS A 1 7  ? 1.008   0.149   -11.105 1.00 31.21 ? 30  HIS A N   1 
ATOM   46  C CA  . HIS A 1 7  ? 1.121   1.454   -10.480 1.00 33.45 ? 30  HIS A CA  1 
ATOM   47  C C   . HIS A 1 7  ? -0.258  1.949   -10.070 1.00 30.88 ? 30  HIS A C   1 
ATOM   48  O O   . HIS A 1 7  ? -1.250  1.648   -10.740 1.00 31.45 ? 30  HIS A O   1 
ATOM   49  C CB  . HIS A 1 7  ? 1.756   2.483   -11.425 1.00 36.69 ? 30  HIS A CB  1 
ATOM   50  C CG  . HIS A 1 7  ? 3.101   2.083   -11.946 1.00 47.11 ? 30  HIS A CG  1 
ATOM   51  N ND1 . HIS A 1 7  ? 4.252   2.198   -11.197 1.00 55.77 ? 30  HIS A ND1 1 
ATOM   52  C CD2 . HIS A 1 7  ? 3.481   1.581   -13.145 1.00 49.71 ? 30  HIS A CD2 1 
ATOM   53  C CE1 . HIS A 1 7  ? 5.283   1.779   -11.910 1.00 44.76 ? 30  HIS A CE1 1 
ATOM   54  N NE2 . HIS A 1 7  ? 4.841   1.399   -13.097 1.00 52.16 ? 30  HIS A NE2 1 
ATOM   55  N N   . PRO A 1 8  ? -0.354  2.709   -8.980  1.00 30.50 ? 31  PRO A N   1 
ATOM   56  C CA  . PRO A 1 8  ? -1.648  3.297   -8.617  1.00 34.32 ? 31  PRO A CA  1 
ATOM   57  C C   . PRO A 1 8  ? -2.126  4.240   -9.710  1.00 40.58 ? 31  PRO A C   1 
ATOM   58  O O   . PRO A 1 8  ? -1.339  4.982   -10.303 1.00 33.90 ? 31  PRO A O   1 
ATOM   59  C CB  . PRO A 1 8  ? -1.350  4.042   -7.311  1.00 36.38 ? 31  PRO A CB  1 
ATOM   60  C CG  . PRO A 1 8  ? -0.102  3.416   -6.784  1.00 36.28 ? 31  PRO A CG  1 
ATOM   61  C CD  . PRO A 1 8  ? 0.691   3.014   -7.990  1.00 30.30 ? 31  PRO A CD  1 
ATOM   62  N N   . GLY A 1 9  ? -3.428  4.190   -9.984  1.00 28.56 ? 32  GLY A N   1 
ATOM   63  C CA  . GLY A 1 9  ? -4.030  4.969   -11.043 1.00 36.12 ? 32  GLY A CA  1 
ATOM   64  C C   . GLY A 1 9  ? -4.149  4.252   -12.369 1.00 32.01 ? 32  GLY A C   1 
ATOM   65  O O   . GLY A 1 9  ? -4.794  4.778   -13.283 1.00 34.45 ? 32  GLY A O   1 
ATOM   66  N N   . GLU A 1 10 ? -3.564  3.069   -12.498 1.00 30.54 ? 33  GLU A N   1 
ATOM   67  C CA  . GLU A 1 10 ? -3.540  2.360   -13.766 1.00 31.53 ? 33  GLU A CA  1 
ATOM   68  C C   . GLU A 1 10 ? -4.849  1.613   -13.995 1.00 38.38 ? 33  GLU A C   1 
ATOM   69  O O   . GLU A 1 10 ? -5.476  1.116   -13.056 1.00 32.01 ? 33  GLU A O   1 
ATOM   70  C CB  . GLU A 1 10 ? -2.364  1.380   -13.796 1.00 35.56 ? 33  GLU A CB  1 
ATOM   71  C CG  . GLU A 1 10 ? -2.041  0.817   -15.161 1.00 45.96 ? 33  GLU A CG  1 
ATOM   72  C CD  . GLU A 1 10 ? -0.798  -0.056  -15.146 1.00 44.73 ? 33  GLU A CD  1 
ATOM   73  O OE1 . GLU A 1 10 ? -0.142  -0.158  -14.083 1.00 32.56 ? 33  GLU A OE1 1 
ATOM   74  O OE2 . GLU A 1 10 ? -0.480  -0.644  -16.201 1.00 47.77 ? 33  GLU A OE2 1 
ATOM   75  N N   . ARG A 1 11 ? -5.271  1.557   -15.255 1.00 30.44 ? 34  ARG A N   1 
ATOM   76  C CA  . ARG A 1 11 ? -6.398  0.710   -15.631 1.00 33.71 ? 34  ARG A CA  1 
ATOM   77  C C   . ARG A 1 11 ? -5.994  -0.757  -15.567 1.00 38.04 ? 34  ARG A C   1 
ATOM   78  O O   . ARG A 1 11 ? -4.874  -1.127  -15.931 1.00 35.77 ? 34  ARG A O   1 
ATOM   79  C CB  . ARG A 1 11 ? -6.886  1.048   -17.042 1.00 36.84 ? 34  ARG A CB  1 
ATOM   80  C CG  . ARG A 1 11 ? -7.961  2.125   -17.127 1.00 44.54 ? 34  ARG A CG  1 
ATOM   81  C CD  . ARG A 1 11 ? -9.186  1.760   -16.299 1.00 47.12 ? 34  ARG A CD  1 
ATOM   82  N NE  . ARG A 1 11 ? -10.443 1.958   -17.017 1.00 51.55 ? 34  ARG A NE  1 
ATOM   83  C CZ  . ARG A 1 11 ? -11.631 2.070   -16.427 1.00 56.37 ? 34  ARG A CZ  1 
ATOM   84  N NH1 . ARG A 1 11 ? -12.726 2.248   -17.157 1.00 58.18 ? 34  ARG A NH1 1 
ATOM   85  N NH2 . ARG A 1 11 ? -11.726 2.022   -15.104 1.00 43.08 ? 34  ARG A NH2 1 
ATOM   86  N N   . CYS A 1 12 ? -6.916  -1.600  -15.113 1.00 27.86 ? 35  CYS A N   1 
ATOM   87  C CA  . CYS A 1 12 ? -6.643  -3.026  -15.004 1.00 31.62 ? 35  CYS A CA  1 
ATOM   88  C C   . CYS A 1 12 ? -7.929  -3.798  -15.256 1.00 35.36 ? 35  CYS A C   1 
ATOM   89  O O   . CYS A 1 12 ? -9.005  -3.221  -15.426 1.00 34.35 ? 35  CYS A O   1 
ATOM   90  C CB  . CYS A 1 12 ? -6.060  -3.371  -13.631 1.00 30.74 ? 35  CYS A CB  1 
ATOM   91  S SG  . CYS A 1 12 ? -7.218  -3.130  -12.262 1.00 36.66 ? 35  CYS A SG  1 
ATOM   92  N N   . LEU A 1 13 ? -7.802  -5.121  -15.299 1.00 34.11 ? 36  LEU A N   1 
ATOM   93  C CA  . LEU A 1 13 ? -8.939  -6.028  -15.269 1.00 37.27 ? 36  LEU A CA  1 
ATOM   94  C C   . LEU A 1 13 ? -8.951  -6.710  -13.912 1.00 40.46 ? 36  LEU A C   1 
ATOM   95  O O   . LEU A 1 13 ? -7.911  -7.186  -13.444 1.00 35.99 ? 36  LEU A O   1 
ATOM   96  C CB  . LEU A 1 13 ? -8.865  -7.066  -16.389 1.00 42.22 ? 36  LEU A CB  1 
ATOM   97  C CG  . LEU A 1 13 ? -8.976  -6.530  -17.816 1.00 42.52 ? 36  LEU A CG  1 
ATOM   98  C CD1 . LEU A 1 13 ? -8.730  -7.645  -18.819 1.00 49.85 ? 36  LEU A CD1 1 
ATOM   99  C CD2 . LEU A 1 13 ? -10.336 -5.898  -18.043 1.00 45.08 ? 36  LEU A CD2 1 
ATOM   100 N N   . ALA A 1 14 ? -10.113 -6.735  -13.273 1.00 37.47 ? 37  ALA A N   1 
ATOM   101 C CA  . ALA A 1 14 ? -10.233 -7.255  -11.923 1.00 39.50 ? 37  ALA A CA  1 
ATOM   102 C C   . ALA A 1 14 ? -11.548 -8.005  -11.791 1.00 40.49 ? 37  ALA A C   1 
ATOM   103 O O   . ALA A 1 14 ? -12.504 -7.721  -12.522 1.00 39.93 ? 37  ALA A O   1 
ATOM   104 C CB  . ALA A 1 14 ? -10.170 -6.126  -10.880 1.00 39.28 ? 37  ALA A CB  1 
ATOM   105 N N   . PRO A 1 15 ? -11.622 -8.974  -10.876 1.00 42.59 ? 38  PRO A N   1 
ATOM   106 C CA  . PRO A 1 15 ? -12.879 -9.707  -10.665 1.00 52.31 ? 38  PRO A CA  1 
ATOM   107 C C   . PRO A 1 15 ? -14.025 -8.770  -10.319 1.00 53.47 ? 38  PRO A C   1 
ATOM   108 O O   . PRO A 1 15 ? -13.961 -8.006  -9.351  1.00 51.59 ? 38  PRO A O   1 
ATOM   109 C CB  . PRO A 1 15 ? -12.546 -10.644 -9.500  1.00 48.09 ? 38  PRO A CB  1 
ATOM   110 C CG  . PRO A 1 15 ? -11.073 -10.827 -9.575  1.00 51.43 ? 38  PRO A CG  1 
ATOM   111 C CD  . PRO A 1 15 ? -10.514 -9.527  -10.076 1.00 38.86 ? 38  PRO A CD  1 
ATOM   112 N N   . SER A 1 16 ? -15.086 -8.843  -11.121 1.00 55.63 ? 39  SER A N   1 
ATOM   113 C CA  . SER A 1 16 ? -16.244 -7.992  -10.918 1.00 54.62 ? 39  SER A CA  1 
ATOM   114 C C   . SER A 1 16 ? -16.980 -8.375  -9.633  1.00 63.47 ? 39  SER A C   1 
ATOM   115 O O   . SER A 1 16 ? -17.021 -9.548  -9.253  1.00 65.13 ? 39  SER A O   1 
ATOM   116 C CB  . SER A 1 16 ? -17.196 -8.095  -12.107 1.00 53.54 ? 39  SER A CB  1 
ATOM   117 O OG  . SER A 1 16 ? -18.397 -7.378  -11.866 1.00 65.66 ? 39  SER A OG  1 
ATOM   118 N N   . PRO A 1 17 ? -17.564 -7.392  -8.940  1.00 65.10 ? 40  PRO A N   1 
ATOM   119 C CA  . PRO A 1 17 ? -18.431 -7.719  -7.798  1.00 65.13 ? 40  PRO A CA  1 
ATOM   120 C C   . PRO A 1 17 ? -19.760 -8.312  -8.229  1.00 73.22 ? 40  PRO A C   1 
ATOM   121 O O   . PRO A 1 17 ? -20.389 -9.037  -7.447  1.00 77.91 ? 40  PRO A O   1 
ATOM   122 C CB  . PRO A 1 17 ? -18.622 -6.364  -7.095  1.00 62.68 ? 40  PRO A CB  1 
ATOM   123 C CG  . PRO A 1 17 ? -17.638 -5.412  -7.752  1.00 50.76 ? 40  PRO A CG  1 
ATOM   124 C CD  . PRO A 1 17 ? -17.408 -5.942  -9.125  1.00 56.99 ? 40  PRO A CD  1 
ATOM   125 N N   . ASP A 1 18 ? -20.204 -8.014  -9.452  1.00 71.92 ? 41  ASP A N   1 
ATOM   126 C CA  . ASP A 1 18 ? -21.482 -8.518  -9.946  1.00 73.41 ? 41  ASP A CA  1 
ATOM   127 C C   . ASP A 1 18 ? -21.461 -10.036 -10.083 1.00 75.53 ? 41  ASP A C   1 
ATOM   128 O O   . ASP A 1 18 ? -22.227 -10.746 -9.420  1.00 83.43 ? 41  ASP A O   1 
ATOM   129 C CB  . ASP A 1 18 ? -21.807 -7.863  -11.292 1.00 74.89 ? 41  ASP A CB  1 
ATOM   130 C CG  . ASP A 1 18 ? -22.100 -6.378  -11.167 1.00 76.92 ? 41  ASP A CG  1 
ATOM   131 O OD1 . ASP A 1 18 ? -23.181 -5.943  -11.623 1.00 67.26 ? 41  ASP A OD1 1 
ATOM   132 O OD2 . ASP A 1 18 ? -21.258 -5.644  -10.602 1.00 76.98 ? 41  ASP A OD2 1 
ATOM   133 N N   . ASN A 1 19 ? -20.580 -10.553 -10.939 1.00 75.74 ? 42  ASN A N   1 
ATOM   134 C CA  . ASN A 1 19 ? -20.555 -11.970 -11.260 1.00 71.34 ? 42  ASN A CA  1 
ATOM   135 C C   . ASN A 1 19 ? -19.212 -12.645 -11.027 1.00 68.82 ? 42  ASN A C   1 
ATOM   136 O O   . ASN A 1 19 ? -19.134 -13.873 -11.140 1.00 71.12 ? 42  ASN A O   1 
ATOM   137 C CB  . ASN A 1 19 ? -20.970 -12.188 -12.725 1.00 68.21 ? 42  ASN A CB  1 
ATOM   138 C CG  . ASN A 1 19 ? -20.123 -11.387 -13.705 1.00 71.34 ? 42  ASN A CG  1 
ATOM   139 O OD1 . ASN A 1 19 ? -19.063 -10.866 -13.355 1.00 71.20 ? 42  ASN A OD1 1 
ATOM   140 N ND2 . ASN A 1 19 ? -20.591 -11.289 -14.944 1.00 73.22 ? 42  ASN A ND2 1 
ATOM   141 N N   . GLY A 1 20 ? -18.158 -11.897 -10.709 1.00 70.53 ? 43  GLY A N   1 
ATOM   142 C CA  . GLY A 1 20 ? -16.831 -12.453 -10.585 1.00 62.69 ? 43  GLY A CA  1 
ATOM   143 C C   . GLY A 1 20 ? -16.026 -12.470 -11.867 1.00 63.96 ? 43  GLY A C   1 
ATOM   144 O O   . GLY A 1 20 ? -14.803 -12.637 -11.811 1.00 60.81 ? 43  GLY A O   1 
ATOM   145 N N   . LYS A 1 21 ? -16.674 -12.305 -13.019 1.00 63.12 ? 44  LYS A N   1 
ATOM   146 C CA  . LYS A 1 21 ? -15.951 -12.237 -14.278 1.00 60.26 ? 44  LYS A CA  1 
ATOM   147 C C   . LYS A 1 21 ? -15.076 -10.987 -14.320 1.00 58.42 ? 44  LYS A C   1 
ATOM   148 O O   . LYS A 1 21 ? -15.244 -10.049 -13.537 1.00 56.02 ? 44  LYS A O   1 
ATOM   149 C CB  . LYS A 1 21 ? -16.921 -12.237 -15.460 1.00 57.06 ? 44  LYS A CB  1 
ATOM   150 C CG  . LYS A 1 21 ? -17.674 -13.542 -15.655 1.00 61.02 ? 44  LYS A CG  1 
ATOM   151 C CD  . LYS A 1 21 ? -18.619 -13.457 -16.846 1.00 60.43 ? 44  LYS A CD  1 
ATOM   152 C CE  . LYS A 1 21 ? -19.342 -14.778 -17.073 1.00 64.19 ? 44  LYS A CE  1 
ATOM   153 N NZ  . LYS A 1 21 ? -20.337 -14.700 -18.179 1.00 64.24 ? 44  LYS A NZ  1 
ATOM   154 N N   . LEU A 1 22 ? -14.129 -10.980 -15.252 1.00 50.61 ? 45  LEU A N   1 
ATOM   155 C CA  . LEU A 1 22 ? -13.226 -9.845  -15.378 1.00 48.45 ? 45  LEU A CA  1 
ATOM   156 C C   . LEU A 1 22 ? -13.951 -8.636  -15.956 1.00 49.21 ? 45  LEU A C   1 
ATOM   157 O O   . LEU A 1 22 ? -14.712 -8.749  -16.921 1.00 50.02 ? 45  LEU A O   1 
ATOM   158 C CB  . LEU A 1 22 ? -12.031 -10.208 -16.258 1.00 53.89 ? 45  LEU A CB  1 
ATOM   159 C CG  . LEU A 1 22 ? -11.033 -11.238 -15.726 1.00 56.41 ? 45  LEU A CG  1 
ATOM   160 C CD1 . LEU A 1 22 ? -9.867  -11.378 -16.694 1.00 52.53 ? 45  LEU A CD1 1 
ATOM   161 C CD2 . LEU A 1 22 ? -10.538 -10.864 -14.335 1.00 55.42 ? 45  LEU A CD2 1 
ATOM   162 N N   . CYS A 1 23 ? -13.708 -7.473  -15.357 1.00 45.16 ? 46  CYS A N   1 
ATOM   163 C CA  . CYS A 1 23 ? -14.213 -6.208  -15.868 1.00 43.53 ? 46  CYS A CA  1 
ATOM   164 C C   . CYS A 1 23 ? -13.165 -5.132  -15.634 1.00 39.45 ? 46  CYS A C   1 
ATOM   165 O O   . CYS A 1 23 ? -12.330 -5.243  -14.733 1.00 44.60 ? 46  CYS A O   1 
ATOM   166 C CB  . CYS A 1 23 ? -15.531 -5.802  -15.203 1.00 46.66 ? 46  CYS A CB  1 
ATOM   167 S SG  . CYS A 1 23 ? -15.356 -5.392  -13.457 1.00 52.71 ? 46  CYS A SG  1 
ATOM   168 N N   . GLU A 1 24 ? -13.218 -4.089  -16.456 1.00 45.42 ? 47  GLU A N   1 
ATOM   169 C CA  . GLU A 1 24 ? -12.238 -3.017  -16.370 1.00 46.60 ? 47  GLU A CA  1 
ATOM   170 C C   . GLU A 1 24 ? -12.433 -2.215  -15.089 1.00 41.63 ? 47  GLU A C   1 
ATOM   171 O O   . GLU A 1 24 ? -13.559 -2.020  -14.621 1.00 46.40 ? 47  GLU A O   1 
ATOM   172 C CB  . GLU A 1 24 ? -12.350 -2.101  -17.583 1.00 45.35 ? 47  GLU A CB  1 
ATOM   173 C CG  . GLU A 1 24 ? -11.011 -1.696  -18.162 1.00 54.91 ? 47  GLU A CG  1 
ATOM   174 C CD  . GLU A 1 24 ? -11.150 -0.933  -19.462 1.00 67.55 ? 47  GLU A CD  1 
ATOM   175 O OE1 . GLU A 1 24 ? -11.597 0.234   -19.426 1.00 68.24 ? 47  GLU A OE1 1 
ATOM   176 O OE2 . GLU A 1 24 ? -10.819 -1.505  -20.522 1.00 74.79 ? 47  GLU A OE2 1 
ATOM   177 N N   . ALA A 1 25 ? -11.325 -1.753  -14.518 1.00 37.34 ? 48  ALA A N   1 
ATOM   178 C CA  . ALA A 1 25 ? -11.344 -1.011  -13.264 1.00 33.81 ? 48  ALA A CA  1 
ATOM   179 C C   . ALA A 1 25 ? -10.020 -0.267  -13.138 1.00 36.47 ? 48  ALA A C   1 
ATOM   180 O O   . ALA A 1 25 ? -9.158  -0.354  -14.015 1.00 31.30 ? 48  ALA A O   1 
ATOM   181 C CB  . ALA A 1 25 ? -11.583 -1.944  -12.078 1.00 32.60 ? 48  ALA A CB  1 
ATOM   182 N N   . SER A 1 26 ? -9.863  0.471   -12.038 1.00 26.34 ? 49  SER A N   1 
ATOM   183 C CA  . SER A 1 26 ? -8.674  1.284   -11.816 1.00 26.33 ? 49  SER A CA  1 
ATOM   184 C C   . SER A 1 26 ? -8.104  1.019   -10.432 1.00 30.47 ? 49  SER A C   1 
ATOM   185 O O   . SER A 1 26 ? -8.838  0.751   -9.476  1.00 27.19 ? 49  SER A O   1 
ATOM   186 C CB  . SER A 1 26 ? -8.970  2.778   -11.971 1.00 29.81 ? 49  SER A CB  1 
ATOM   187 O OG  . SER A 1 26 ? -9.499  3.069   -13.249 1.00 40.33 ? 49  SER A OG  1 
ATOM   188 N N   . ILE A 1 27 ? -6.780  1.098   -10.339 1.00 23.25 ? 50  ILE A N   1 
ATOM   189 C CA  . ILE A 1 27 ? -6.078  0.870   -9.081  1.00 23.82 ? 50  ILE A CA  1 
ATOM   190 C C   . ILE A 1 27 ? -6.080  2.175   -8.294  1.00 28.09 ? 50  ILE A C   1 
ATOM   191 O O   . ILE A 1 27 ? -5.461  3.161   -8.705  1.00 26.23 ? 50  ILE A O   1 
ATOM   192 C CB  . ILE A 1 27 ? -4.649  0.367   -9.312  1.00 24.90 ? 50  ILE A CB  1 
ATOM   193 C CG1 . ILE A 1 27 ? -4.666  -1.029  -9.942  1.00 26.15 ? 50  ILE A CG1 1 
ATOM   194 C CG2 . ILE A 1 27 ? -3.879  0.355   -8.002  1.00 23.76 ? 50  ILE A CG2 1 
ATOM   195 C CD1 . ILE A 1 27 ? -3.309  -1.480  -10.457 1.00 25.98 ? 50  ILE A CD1 1 
ATOM   196 N N   . LYS A 1 28 ? -6.764  2.178   -7.152  1.00 24.26 ? 51  LYS A N   1 
ATOM   197 C CA  . LYS A 1 28 ? -6.758  3.355   -6.294  1.00 21.95 ? 51  LYS A CA  1 
ATOM   198 C C   . LYS A 1 28 ? -5.492  3.424   -5.453  1.00 27.44 ? 51  LYS A C   1 
ATOM   199 O O   . LYS A 1 28 ? -4.921  4.505   -5.280  1.00 32.28 ? 51  LYS A O   1 
ATOM   200 C CB  . LYS A 1 28 ? -7.993  3.350   -5.395  1.00 23.35 ? 51  LYS A CB  1 
ATOM   201 C CG  . LYS A 1 28 ? -8.062  4.538   -4.452  1.00 29.44 ? 51  LYS A CG  1 
ATOM   202 C CD  . LYS A 1 28 ? -9.326  4.486   -3.606  1.00 29.87 ? 51  LYS A CD  1 
ATOM   203 C CE  . LYS A 1 28 ? -9.386  5.656   -2.634  1.00 34.92 ? 51  LYS A CE  1 
ATOM   204 N NZ  . LYS A 1 28 ? -10.679 5.653   -1.882  1.00 49.26 ? 51  LYS A NZ  1 
ATOM   205 N N   . SER A 1 29 ? -5.040  2.288   -4.922  1.00 25.47 ? 52  SER A N   1 
ATOM   206 C CA  . SER A 1 29 ? -3.814  2.254   -4.137  1.00 27.72 ? 52  SER A CA  1 
ATOM   207 C C   . SER A 1 29 ? -3.233  0.851   -4.193  1.00 26.72 ? 52  SER A C   1 
ATOM   208 O O   . SER A 1 29 ? -3.923  -0.109  -4.541  1.00 27.63 ? 52  SER A O   1 
ATOM   209 C CB  . SER A 1 29 ? -4.065  2.677   -2.685  1.00 32.79 ? 52  SER A CB  1 
ATOM   210 O OG  . SER A 1 29 ? -5.083  1.886   -2.102  1.00 28.70 ? 52  SER A OG  1 
ATOM   211 N N   . ILE A 1 30 ? -1.947  0.745   -3.860  1.00 26.18 ? 53  ILE A N   1 
ATOM   212 C CA  . ILE A 1 30 ? -1.260  -0.537  -3.744  1.00 25.15 ? 53  ILE A CA  1 
ATOM   213 C C   . ILE A 1 30 ? -0.582  -0.591  -2.383  1.00 26.26 ? 53  ILE A C   1 
ATOM   214 O O   . ILE A 1 30 ? 0.122   0.350   -2.003  1.00 27.93 ? 53  ILE A O   1 
ATOM   215 C CB  . ILE A 1 30 ? -0.226  -0.746  -4.865  1.00 31.06 ? 53  ILE A CB  1 
ATOM   216 C CG1 . ILE A 1 30 ? -0.901  -0.667  -6.232  1.00 26.71 ? 53  ILE A CG1 1 
ATOM   217 C CG2 . ILE A 1 30 ? 0.472   -2.078  -4.690  1.00 31.33 ? 53  ILE A CG2 1 
ATOM   218 C CD1 . ILE A 1 30 ? 0.025   -0.974  -7.382  1.00 29.86 ? 53  ILE A CD1 1 
ATOM   219 N N   . THR A 1 31 ? -0.790  -1.689  -1.653  1.00 27.50 ? 54  THR A N   1 
ATOM   220 C CA  . THR A 1 31 ? -0.230  -1.858  -0.317  1.00 33.26 ? 54  THR A CA  1 
ATOM   221 C C   . THR A 1 31 ? 0.564   -3.155  -0.235  1.00 31.29 ? 54  THR A C   1 
ATOM   222 O O   . THR A 1 31 ? 0.133   -4.189  -0.750  1.00 33.75 ? 54  THR A O   1 
ATOM   223 C CB  . THR A 1 31 ? -1.332  -1.874  0.753   1.00 33.56 ? 54  THR A CB  1 
ATOM   224 O OG1 . THR A 1 31 ? -2.108  -0.672  0.677   1.00 35.00 ? 54  THR A OG1 1 
ATOM   225 C CG2 . THR A 1 31 ? -0.729  -2.002  2.143   1.00 38.09 ? 54  THR A CG2 1 
ATOM   226 N N   . VAL A 1 32 ? 1.727   -3.093  0.411   1.00 32.31 ? 55  VAL A N   1 
ATOM   227 C CA  . VAL A 1 32 ? 2.490   -4.277  0.794   1.00 33.51 ? 55  VAL A CA  1 
ATOM   228 C C   . VAL A 1 32 ? 2.505   -4.349  2.315   1.00 35.34 ? 55  VAL A C   1 
ATOM   229 O O   . VAL A 1 32 ? 2.718   -3.337  2.992   1.00 34.42 ? 55  VAL A O   1 
ATOM   230 C CB  . VAL A 1 32 ? 3.919   -4.261  0.209   1.00 34.02 ? 55  VAL A CB  1 
ATOM   231 C CG1 . VAL A 1 32 ? 3.864   -4.142  -1.297  1.00 42.45 ? 55  VAL A CG1 1 
ATOM   232 C CG2 . VAL A 1 32 ? 4.743   -3.116  0.770   1.00 36.24 ? 55  VAL A CG2 1 
ATOM   233 N N   . ASP A 1 33 ? 2.252   -5.536  2.857   1.00 41.43 ? 56  ASP A N   1 
ATOM   234 C CA  . ASP A 1 33 ? 2.147   -5.688  4.302   1.00 48.74 ? 56  ASP A CA  1 
ATOM   235 C C   . ASP A 1 33 ? 3.298   -6.529  4.846   1.00 46.54 ? 56  ASP A C   1 
ATOM   236 O O   . ASP A 1 33 ? 4.169   -6.997  4.107   1.00 52.75 ? 56  ASP A O   1 
ATOM   237 C CB  . ASP A 1 33 ? 0.794   -6.286  4.699   1.00 53.89 ? 56  ASP A CB  1 
ATOM   238 C CG  . ASP A 1 33 ? 0.350   -7.399  3.778   1.00 63.84 ? 56  ASP A CG  1 
ATOM   239 O OD1 . ASP A 1 33 ? -0.383  -7.104  2.812   1.00 69.84 ? 56  ASP A OD1 1 
ATOM   240 O OD2 . ASP A 1 33 ? 0.739   -8.563  4.014   1.00 65.35 ? 56  ASP A OD2 1 
ATOM   241 N N   . GLU A 1 34 ? 3.276   -6.720  6.169   1.00 60.22 ? 57  GLU A N   1 
ATOM   242 C CA  . GLU A 1 34 ? 4.402   -7.338  6.864   1.00 61.27 ? 57  GLU A CA  1 
ATOM   243 C C   . GLU A 1 34 ? 4.601   -8.789  6.444   1.00 65.92 ? 57  GLU A C   1 
ATOM   244 O O   . GLU A 1 34 ? 5.723   -9.304  6.506   1.00 70.50 ? 57  GLU A O   1 
ATOM   245 C CB  . GLU A 1 34 ? 4.191   -7.232  8.375   1.00 60.71 ? 57  GLU A CB  1 
ATOM   246 C CG  . GLU A 1 34 ? 5.468   -7.310  9.201   1.00 61.59 ? 57  GLU A CG  1 
ATOM   247 C CD  . GLU A 1 34 ? 5.306   -6.703  10.587  1.00 66.81 ? 57  GLU A CD  1 
ATOM   248 O OE1 . GLU A 1 34 ? 5.816   -5.583  10.816  1.00 61.18 ? 57  GLU A OE1 1 
ATOM   249 O OE2 . GLU A 1 34 ? 4.656   -7.341  11.444  1.00 70.97 ? 57  GLU A OE2 1 
ATOM   250 N N   . ASN A 1 35 ? 3.535   -9.459  6.003   1.00 65.00 ? 58  ASN A N   1 
ATOM   251 C CA  . ASN A 1 35 ? 3.664   -10.805 5.457   1.00 65.11 ? 58  ASN A CA  1 
ATOM   252 C C   . ASN A 1 35 ? 4.314   -10.821 4.082   1.00 65.49 ? 58  ASN A C   1 
ATOM   253 O O   . ASN A 1 35 ? 4.667   -11.901 3.596   1.00 73.22 ? 58  ASN A O   1 
ATOM   254 C CB  . ASN A 1 35 ? 2.291   -11.479 5.377   1.00 61.14 ? 58  ASN A CB  1 
ATOM   255 C CG  . ASN A 1 35 ? 1.673   -11.703 6.740   1.00 74.29 ? 58  ASN A CG  1 
ATOM   256 O OD1 . ASN A 1 35 ? 2.127   -12.552 7.507   1.00 75.81 ? 58  ASN A OD1 1 
ATOM   257 N ND2 . ASN A 1 35 ? 0.622   -10.947 7.047   1.00 67.33 ? 58  ASN A ND2 1 
ATOM   258 N N   . GLY A 1 36 ? 4.485   -9.663  3.449   1.00 64.55 ? 59  GLY A N   1 
ATOM   259 C CA  . GLY A 1 36 ? 4.972   -9.601  2.090   1.00 60.57 ? 59  GLY A CA  1 
ATOM   260 C C   . GLY A 1 36 ? 3.895   -9.694  1.032   1.00 58.07 ? 59  GLY A C   1 
ATOM   261 O O   . GLY A 1 36 ? 4.205   -9.555  -0.159  1.00 66.38 ? 59  GLY A O   1 
ATOM   262 N N   . LYS A 1 37 ? 2.646   -9.928  1.423   1.00 62.02 ? 60  LYS A N   1 
ATOM   263 C CA  . LYS A 1 37 ? 1.557   -9.974  0.461   1.00 58.94 ? 60  LYS A CA  1 
ATOM   264 C C   . LYS A 1 37 ? 1.259   -8.576  -0.069  1.00 57.12 ? 60  LYS A C   1 
ATOM   265 O O   . LYS A 1 37 ? 1.292   -7.592  0.675   1.00 48.69 ? 60  LYS A O   1 
ATOM   266 C CB  . LYS A 1 37 ? 0.308   -10.574 1.104   1.00 55.27 ? 60  LYS A CB  1 
ATOM   267 N N   . SER A 1 38 ? 0.978   -8.489  -1.366  1.00 46.44 ? 61  SER A N   1 
ATOM   268 C CA  . SER A 1 38 ? 0.628   -7.233  -2.013  1.00 39.71 ? 61  SER A CA  1 
ATOM   269 C C   . SER A 1 38 ? -0.828  -7.262  -2.452  1.00 41.48 ? 61  SER A C   1 
ATOM   270 O O   . SER A 1 38 ? -1.291  -8.250  -3.032  1.00 40.64 ? 61  SER A O   1 
ATOM   271 C CB  . SER A 1 38 ? 1.517   -6.968  -3.226  1.00 42.90 ? 61  SER A CB  1 
ATOM   272 O OG  . SER A 1 38 ? 2.806   -6.564  -2.820  1.00 53.41 ? 61  SER A OG  1 
ATOM   273 N N   . PHE A 1 39 ? -1.548  -6.175  -2.182  1.00 34.78 ? 62  PHE A N   1 
ATOM   274 C CA  . PHE A 1 39 ? -2.912  -6.046  -2.670  1.00 34.20 ? 62  PHE A CA  1 
ATOM   275 C C   . PHE A 1 39 ? -3.158  -4.630  -3.167  1.00 31.52 ? 62  PHE A C   1 
ATOM   276 O O   . PHE A 1 39 ? -2.509  -3.672  -2.735  1.00 31.13 ? 62  PHE A O   1 
ATOM   277 C CB  . PHE A 1 39 ? -3.946  -6.420  -1.597  1.00 36.36 ? 62  PHE A CB  1 
ATOM   278 C CG  . PHE A 1 39 ? -3.916  -5.541  -0.378  1.00 40.87 ? 62  PHE A CG  1 
ATOM   279 C CD1 . PHE A 1 39 ? -4.715  -4.410  -0.300  1.00 39.00 ? 62  PHE A CD1 1 
ATOM   280 C CD2 . PHE A 1 39 ? -3.112  -5.861  0.704   1.00 47.29 ? 62  PHE A CD2 1 
ATOM   281 C CE1 . PHE A 1 39 ? -4.702  -3.606  0.829   1.00 35.45 ? 62  PHE A CE1 1 
ATOM   282 C CE2 . PHE A 1 39 ? -3.094  -5.061  1.836   1.00 45.80 ? 62  PHE A CE2 1 
ATOM   283 C CZ  . PHE A 1 39 ? -3.890  -3.932  1.897   1.00 36.63 ? 62  PHE A CZ  1 
ATOM   284 N N   . ALA A 1 40 ? -4.098  -4.517  -4.094  1.00 24.91 ? 63  ALA A N   1 
ATOM   285 C CA  . ALA A 1 40 ? -4.573  -3.240  -4.589  1.00 27.93 ? 63  ALA A CA  1 
ATOM   286 C C   . ALA A 1 40 ? -5.973  -2.972  -4.053  1.00 31.26 ? 63  ALA A C   1 
ATOM   287 O O   . ALA A 1 40 ? -6.758  -3.897  -3.834  1.00 28.45 ? 63  ALA A O   1 
ATOM   288 C CB  . ALA A 1 40 ? -4.598  -3.218  -6.118  1.00 29.80 ? 63  ALA A CB  1 
ATOM   289 N N   . VAL A 1 41 ? -6.276  -1.703  -3.819  1.00 26.40 ? 64  VAL A N   1 
ATOM   290 C CA  . VAL A 1 41 ? -7.658  -1.265  -3.690  1.00 27.42 ? 64  VAL A CA  1 
ATOM   291 C C   . VAL A 1 41 ? -8.114  -0.876  -5.086  1.00 26.02 ? 64  VAL A C   1 
ATOM   292 O O   . VAL A 1 41 ? -7.513  -0.009  -5.727  1.00 27.02 ? 64  VAL A O   1 
ATOM   293 C CB  . VAL A 1 41 ? -7.804  -0.096  -2.705  1.00 28.63 ? 64  VAL A CB  1 
ATOM   294 C CG1 . VAL A 1 41 ? -9.261  0.376   -2.660  1.00 29.18 ? 64  VAL A CG1 1 
ATOM   295 C CG2 . VAL A 1 41 ? -7.341  -0.516  -1.323  1.00 30.96 ? 64  VAL A CG2 1 
ATOM   296 N N   . VAL A 1 42 ? -9.155  -1.538  -5.569  1.00 26.02 ? 65  VAL A N   1 
ATOM   297 C CA  . VAL A 1 42 ? -9.611  -1.398  -6.944  1.00 29.19 ? 65  VAL A CA  1 
ATOM   298 C C   . VAL A 1 42 ? -10.949 -0.671  -6.951  1.00 29.98 ? 65  VAL A C   1 
ATOM   299 O O   . VAL A 1 42 ? -11.841 -0.981  -6.153  1.00 28.35 ? 65  VAL A O   1 
ATOM   300 C CB  . VAL A 1 42 ? -9.713  -2.778  -7.619  1.00 34.70 ? 65  VAL A CB  1 
ATOM   301 C CG1 . VAL A 1 42 ? -10.247 -2.645  -9.015  1.00 35.94 ? 65  VAL A CG1 1 
ATOM   302 C CG2 . VAL A 1 42 ? -8.350  -3.441  -7.642  1.00 30.94 ? 65  VAL A CG2 1 
ATOM   303 N N   . LEU A 1 43 ? -11.082 0.297   -7.850  1.00 28.22 ? 66  LEU A N   1 
ATOM   304 C CA  . LEU A 1 43 ? -12.290 1.099   -7.987  1.00 29.83 ? 66  LEU A CA  1 
ATOM   305 C C   . LEU A 1 43 ? -12.985 0.750   -9.296  1.00 35.07 ? 66  LEU A C   1 
ATOM   306 O O   . LEU A 1 43 ? -12.374 0.822   -10.372 1.00 27.89 ? 66  LEU A O   1 
ATOM   307 C CB  . LEU A 1 43 ? -11.952 2.590   -7.947  1.00 29.94 ? 66  LEU A CB  1 
ATOM   308 C CG  . LEU A 1 43 ? -13.132 3.557   -7.991  1.00 30.22 ? 66  LEU A CG  1 
ATOM   309 C CD1 . LEU A 1 43 ? -13.840 3.594   -6.636  1.00 34.87 ? 66  LEU A CD1 1 
ATOM   310 C CD2 . LEU A 1 43 ? -12.663 4.942   -8.403  1.00 36.09 ? 66  LEU A CD2 1 
ATOM   311 N N   . TYR A 1 44 ? -14.253 0.369   -9.202  1.00 29.19 ? 67  TYR A N   1 
ATOM   312 C CA  . TYR A 1 44 ? -15.053 -0.025  -10.351 1.00 32.12 ? 67  TYR A CA  1 
ATOM   313 C C   . TYR A 1 44 ? -15.909 1.146   -10.830 1.00 36.06 ? 67  TYR A C   1 
ATOM   314 O O   . TYR A 1 44 ? -15.951 2.215   -10.215 1.00 33.10 ? 67  TYR A O   1 
ATOM   315 C CB  . TYR A 1 44 ? -15.930 -1.238  -10.012 1.00 32.37 ? 67  TYR A CB  1 
ATOM   316 C CG  . TYR A 1 44 ? -15.132 -2.463  -9.627  1.00 32.54 ? 67  TYR A CG  1 
ATOM   317 C CD1 . TYR A 1 44 ? -14.685 -2.639  -8.327  1.00 30.60 ? 67  TYR A CD1 1 
ATOM   318 C CD2 . TYR A 1 44 ? -14.811 -3.434  -10.567 1.00 38.73 ? 67  TYR A CD2 1 
ATOM   319 C CE1 . TYR A 1 44 ? -13.949 -3.750  -7.966  1.00 30.00 ? 67  TYR A CE1 1 
ATOM   320 C CE2 . TYR A 1 44 ? -14.074 -4.554  -10.219 1.00 32.49 ? 67  TYR A CE2 1 
ATOM   321 C CZ  . TYR A 1 44 ? -13.648 -4.706  -8.915  1.00 34.93 ? 67  TYR A CZ  1 
ATOM   322 O OH  . TYR A 1 44 ? -12.919 -5.812  -8.547  1.00 35.61 ? 67  TYR A OH  1 
ATOM   323 N N   . ALA A 1 45 ? -16.614 0.914   -11.944 1.00 31.53 ? 68  ALA A N   1 
ATOM   324 C CA  . ALA A 1 45 ? -17.227 2.010   -12.692 1.00 41.12 ? 68  ALA A CA  1 
ATOM   325 C C   . ALA A 1 45 ? -18.334 2.704   -11.907 1.00 44.03 ? 68  ALA A C   1 
ATOM   326 O O   . ALA A 1 45 ? -18.599 3.890   -12.132 1.00 48.20 ? 68  ALA A O   1 
ATOM   327 C CB  . ALA A 1 45 ? -17.766 1.492   -14.023 1.00 46.12 ? 68  ALA A CB  1 
ATOM   328 N N   . ASP A 1 46 ? -18.997 1.995   -10.996 1.00 34.69 ? 69  ASP A N   1 
ATOM   329 C CA  . ASP A 1 46 ? -19.998 2.602   -10.130 1.00 46.34 ? 69  ASP A CA  1 
ATOM   330 C C   . ASP A 1 46 ? -19.434 2.924   -8.753  1.00 42.81 ? 69  ASP A C   1 
ATOM   331 O O   . ASP A 1 46 ? -20.188 3.021   -7.779  1.00 39.54 ? 69  ASP A O   1 
ATOM   332 C CB  . ASP A 1 46 ? -21.225 1.699   -10.031 1.00 45.63 ? 69  ASP A CB  1 
ATOM   333 C CG  . ASP A 1 46 ? -21.835 1.405   -11.393 1.00 64.73 ? 69  ASP A CG  1 
ATOM   334 O OD1 . ASP A 1 46 ? -21.531 0.338   -11.970 1.00 69.74 ? 69  ASP A OD1 1 
ATOM   335 O OD2 . ASP A 1 46 ? -22.599 2.256   -11.899 1.00 67.09 ? 69  ASP A OD2 1 
ATOM   336 N N   . PHE A 1 47 ? -18.112 3.069   -8.664  1.00 38.48 ? 70  PHE A N   1 
ATOM   337 C CA  . PHE A 1 47 ? -17.380 3.513   -7.484  1.00 34.48 ? 70  PHE A CA  1 
ATOM   338 C C   . PHE A 1 47 ? -17.384 2.495   -6.351  1.00 27.49 ? 70  PHE A C   1 
ATOM   339 O O   . PHE A 1 47 ? -17.006 2.825   -5.225  1.00 35.30 ? 70  PHE A O   1 
ATOM   340 C CB  . PHE A 1 47 ? -17.883 4.874   -6.997  1.00 38.90 ? 70  PHE A CB  1 
ATOM   341 C CG  . PHE A 1 47 ? -17.343 6.024   -7.796  1.00 40.18 ? 70  PHE A CG  1 
ATOM   342 C CD1 . PHE A 1 47 ? -17.926 6.388   -8.996  1.00 41.41 ? 70  PHE A CD1 1 
ATOM   343 C CD2 . PHE A 1 47 ? -16.227 6.719   -7.363  1.00 38.62 ? 70  PHE A CD2 1 
ATOM   344 C CE1 . PHE A 1 47 ? -17.418 7.436   -9.741  1.00 37.73 ? 70  PHE A CE1 1 
ATOM   345 C CE2 . PHE A 1 47 ? -15.713 7.767   -8.101  1.00 34.83 ? 70  PHE A CE2 1 
ATOM   346 C CZ  . PHE A 1 47 ? -16.308 8.124   -9.291  1.00 33.55 ? 70  PHE A CZ  1 
ATOM   347 N N   . GLN A 1 48 ? -17.763 1.251   -6.628  1.00 26.30 ? 71  GLN A N   1 
ATOM   348 C CA  . GLN A 1 48 ? -17.508 0.178   -5.677  1.00 28.89 ? 71  GLN A CA  1 
ATOM   349 C C   . GLN A 1 48 ? -16.004 -0.020  -5.514  1.00 34.52 ? 71  GLN A C   1 
ATOM   350 O O   . GLN A 1 48 ? -15.225 0.193   -6.449  1.00 29.85 ? 71  GLN A O   1 
ATOM   351 C CB  . GLN A 1 48 ? -18.150 -1.129  -6.146  1.00 34.65 ? 71  GLN A CB  1 
ATOM   352 C CG  . GLN A 1 48 ? -19.580 -1.002  -6.649  1.00 45.03 ? 71  GLN A CG  1 
ATOM   353 C CD  . GLN A 1 48 ? -19.661 -0.819  -8.154  1.00 49.51 ? 71  GLN A CD  1 
ATOM   354 O OE1 . GLN A 1 48 ? -18.828 -0.144  -8.758  1.00 42.47 ? 71  GLN A OE1 1 
ATOM   355 N NE2 . GLN A 1 48 ? -20.672 -1.427  -8.770  1.00 51.98 ? 71  GLN A NE2 1 
ATOM   356 N N   . GLU A 1 49 ? -15.594 -0.433  -4.316  1.00 32.28 ? 72  GLU A N   1 
ATOM   357 C CA  . GLU A 1 49 ? -14.189 -0.680  -4.016  1.00 35.02 ? 72  GLU A CA  1 
ATOM   358 C C   . GLU A 1 49 ? -14.007 -2.099  -3.501  1.00 38.25 ? 72  GLU A C   1 
ATOM   359 O O   . GLU A 1 49 ? -14.817 -2.589  -2.709  1.00 32.80 ? 72  GLU A O   1 
ATOM   360 C CB  . GLU A 1 49 ? -13.652 0.308   -2.978  1.00 36.23 ? 72  GLU A CB  1 
ATOM   361 C CG  . GLU A 1 49 ? -13.471 1.719   -3.486  1.00 42.25 ? 72  GLU A CG  1 
ATOM   362 C CD  . GLU A 1 49 ? -12.898 2.639   -2.428  1.00 49.72 ? 72  GLU A CD  1 
ATOM   363 O OE1 . GLU A 1 49 ? -12.238 2.134   -1.495  1.00 46.39 ? 72  GLU A OE1 1 
ATOM   364 O OE2 . GLU A 1 49 ? -13.114 3.864   -2.523  1.00 57.28 ? 72  GLU A OE2 1 
ATOM   365 N N   . ARG A 1 50 ? -12.940 -2.760  -3.948  1.00 31.37 ? 73  ARG A N   1 
ATOM   366 C CA  . ARG A 1 50 ? -12.624 -4.098  -3.466  1.00 29.85 ? 73  ARG A CA  1 
ATOM   367 C C   . ARG A 1 50 ? -11.129 -4.212  -3.205  1.00 34.52 ? 73  ARG A C   1 
ATOM   368 O O   . ARG A 1 50 ? -10.312 -3.576  -3.874  1.00 29.03 ? 73  ARG A O   1 
ATOM   369 C CB  . ARG A 1 50 ? -13.059 -5.190  -4.456  1.00 32.26 ? 73  ARG A CB  1 
ATOM   370 C CG  . ARG A 1 50 ? -14.547 -5.211  -4.771  1.00 42.58 ? 73  ARG A CG  1 
ATOM   371 C CD  . ARG A 1 50 ? -14.929 -6.478  -5.516  1.00 46.47 ? 73  ARG A CD  1 
ATOM   372 N NE  . ARG A 1 50 ? -15.046 -7.623  -4.618  1.00 51.15 ? 73  ARG A NE  1 
ATOM   373 C CZ  . ARG A 1 50 ? -15.153 -8.884  -5.023  1.00 64.46 ? 73  ARG A CZ  1 
ATOM   374 N NH1 . ARG A 1 50 ? -15.147 -9.172  -6.319  1.00 59.77 ? 73  ARG A NH1 1 
ATOM   375 N NH2 . ARG A 1 50 ? -15.263 -9.861  -4.130  1.00 65.47 ? 73  ARG A NH2 1 
ATOM   376 N N   . LYS A 1 51 ? -10.786 -5.032  -2.215  1.00 30.88 ? 74  LYS A N   1 
ATOM   377 C CA  . LYS A 1 51 ? -9.398  -5.364  -1.913  1.00 32.83 ? 74  LYS A CA  1 
ATOM   378 C C   . LYS A 1 51 ? -9.043  -6.626  -2.692  1.00 37.67 ? 74  LYS A C   1 
ATOM   379 O O   . LYS A 1 51 ? -9.619  -7.691  -2.454  1.00 33.66 ? 74  LYS A O   1 
ATOM   380 C CB  . LYS A 1 51 ? -9.224  -5.551  -0.408  1.00 38.84 ? 74  LYS A CB  1 
ATOM   381 C CG  . LYS A 1 51 ? -7.827  -5.901  0.052   1.00 39.32 ? 74  LYS A CG  1 
ATOM   382 C CD  . LYS A 1 51 ? -7.802  -6.042  1.569   1.00 46.07 ? 74  LYS A CD  1 
ATOM   383 C CE  . LYS A 1 51 ? -6.466  -6.565  2.071   1.00 55.41 ? 74  LYS A CE  1 
ATOM   384 N NZ  . LYS A 1 51 ? -6.475  -6.742  3.551   1.00 51.73 ? 74  LYS A NZ  1 
ATOM   385 N N   . ILE A 1 52 ? -8.111  -6.508  -3.634  1.00 33.09 ? 75  ILE A N   1 
ATOM   386 C CA  . ILE A 1 52 ? -7.792  -7.570  -4.579  1.00 32.82 ? 75  ILE A CA  1 
ATOM   387 C C   . ILE A 1 52 ? -6.308  -7.887  -4.460  1.00 35.74 ? 75  ILE A C   1 
ATOM   388 O O   . ILE A 1 52 ? -5.483  -6.978  -4.583  1.00 32.38 ? 75  ILE A O   1 
ATOM   389 C CB  . ILE A 1 52 ? -8.133  -7.190  -6.031  1.00 30.62 ? 75  ILE A CB  1 
ATOM   390 C CG1 . ILE A 1 52 ? -9.612  -6.813  -6.165  1.00 35.56 ? 75  ILE A CG1 1 
ATOM   391 C CG2 . ILE A 1 52 ? -7.792  -8.335  -6.968  1.00 35.38 ? 75  ILE A CG2 1 
ATOM   392 C CD1 . ILE A 1 52 ? -10.553 -7.953  -5.877  1.00 36.59 ? 75  ILE A CD1 1 
ATOM   393 N N   . PRO A 1 53 ? -5.923  -9.144  -4.231  1.00 36.31 ? 76  PRO A N   1 
ATOM   394 C CA  . PRO A 1 53 ? -4.500  -9.504  -4.289  1.00 39.25 ? 76  PRO A CA  1 
ATOM   395 C C   . PRO A 1 53 ? -3.894  -9.130  -5.632  1.00 36.93 ? 76  PRO A C   1 
ATOM   396 O O   . PRO A 1 53 ? -4.501  -9.325  -6.688  1.00 34.82 ? 76  PRO A O   1 
ATOM   397 C CB  . PRO A 1 53 ? -4.509  -11.022 -4.080  1.00 43.79 ? 76  PRO A CB  1 
ATOM   398 C CG  . PRO A 1 53 ? -5.749  -11.279 -3.301  1.00 36.65 ? 76  PRO A CG  1 
ATOM   399 C CD  . PRO A 1 53 ? -6.761  -10.271 -3.787  1.00 41.69 ? 76  PRO A CD  1 
ATOM   400 N N   . LEU A 1 54 ? -2.680  -8.583  -5.581  1.00 37.30 ? 77  LEU A N   1 
ATOM   401 C CA  . LEU A 1 54 ? -2.068  -8.017  -6.778  1.00 41.06 ? 77  LEU A CA  1 
ATOM   402 C C   . LEU A 1 54 ? -1.928  -9.060  -7.881  1.00 35.68 ? 77  LEU A C   1 
ATOM   403 O O   . LEU A 1 54 ? -2.083  -8.745  -9.066  1.00 34.64 ? 77  LEU A O   1 
ATOM   404 C CB  . LEU A 1 54 ? -0.712  -7.413  -6.430  1.00 40.47 ? 77  LEU A CB  1 
ATOM   405 C CG  . LEU A 1 54 ? -0.338  -6.117  -7.143  1.00 40.27 ? 77  LEU A CG  1 
ATOM   406 C CD1 . LEU A 1 54 ? -1.361  -5.024  -6.868  1.00 35.76 ? 77  LEU A CD1 1 
ATOM   407 C CD2 . LEU A 1 54 ? 1.045   -5.670  -6.712  1.00 36.15 ? 77  LEU A CD2 1 
ATOM   408 N N   . LYS A 1 55 ? -1.666  -10.312 -7.512  1.00 34.79 ? 78  LYS A N   1 
ATOM   409 C CA  . LYS A 1 55 ? -1.531  -11.361 -8.515  1.00 40.46 ? 78  LYS A CA  1 
ATOM   410 C C   . LYS A 1 55 ? -2.855  -11.697 -9.194  1.00 43.73 ? 78  LYS A C   1 
ATOM   411 O O   . LYS A 1 55 ? -2.844  -12.343 -10.245 1.00 40.16 ? 78  LYS A O   1 
ATOM   412 C CB  . LYS A 1 55 ? -0.930  -12.616 -7.879  1.00 38.33 ? 78  LYS A CB  1 
ATOM   413 C CG  . LYS A 1 55 ? -1.798  -13.252 -6.811  1.00 50.75 ? 78  LYS A CG  1 
ATOM   414 C CD  . LYS A 1 55 ? -0.964  -14.118 -5.881  1.00 57.42 ? 78  LYS A CD  1 
ATOM   415 C CE  . LYS A 1 55 ? -1.826  -15.129 -5.147  1.00 66.15 ? 78  LYS A CE  1 
ATOM   416 N NZ  . LYS A 1 55 ? -3.085  -14.524 -4.628  1.00 68.30 ? 78  LYS A NZ  1 
ATOM   417 N N   . GLN A 1 56 ? -3.989  -11.274 -8.634  1.00 38.49 ? 79  GLN A N   1 
ATOM   418 C CA  . GLN A 1 56 ? -5.268  -11.535 -9.283  1.00 35.85 ? 79  GLN A CA  1 
ATOM   419 C C   . GLN A 1 56 ? -5.614  -10.519 -10.365 1.00 36.38 ? 79  GLN A C   1 
ATOM   420 O O   . GLN A 1 56 ? -6.536  -10.766 -11.148 1.00 40.91 ? 79  GLN A O   1 
ATOM   421 C CB  . GLN A 1 56 ? -6.388  -11.577 -8.244  1.00 43.26 ? 79  GLN A CB  1 
ATOM   422 C CG  . GLN A 1 56 ? -6.333  -12.794 -7.342  1.00 48.82 ? 79  GLN A CG  1 
ATOM   423 C CD  . GLN A 1 56 ? -7.606  -12.980 -6.548  1.00 46.55 ? 79  GLN A CD  1 
ATOM   424 O OE1 . GLN A 1 56 ? -8.666  -12.484 -6.932  1.00 53.20 ? 79  GLN A OE1 1 
ATOM   425 N NE2 . GLN A 1 56 ? -7.510  -13.693 -5.432  1.00 49.01 ? 79  GLN A NE2 1 
ATOM   426 N N   . LEU A 1 57 ? -4.914  -9.391  -10.430 1.00 30.26 ? 80  LEU A N   1 
ATOM   427 C CA  . LEU A 1 57 ? -5.164  -8.424  -11.487 1.00 30.10 ? 80  LEU A CA  1 
ATOM   428 C C   . LEU A 1 57 ? -4.661  -8.955  -12.828 1.00 37.68 ? 80  LEU A C   1 
ATOM   429 O O   . LEU A 1 57 ? -3.774  -9.805  -12.893 1.00 37.39 ? 80  LEU A O   1 
ATOM   430 C CB  . LEU A 1 57 ? -4.482  -7.094  -11.169 1.00 34.28 ? 80  LEU A CB  1 
ATOM   431 C CG  . LEU A 1 57 ? -4.882  -6.438  -9.847  1.00 25.66 ? 80  LEU A CG  1 
ATOM   432 C CD1 . LEU A 1 57 ? -4.173  -5.105  -9.678  1.00 23.21 ? 80  LEU A CD1 1 
ATOM   433 C CD2 . LEU A 1 57 ? -6.396  -6.262  -9.782  1.00 29.94 ? 80  LEU A CD2 1 
ATOM   434 N N   . GLN A 1 58 ? -5.242  -8.438  -13.908 1.00 35.63 ? 81  GLN A N   1 
ATOM   435 C CA  . GLN A 1 58 ? -4.786  -8.751  -15.253 1.00 41.28 ? 81  GLN A CA  1 
ATOM   436 C C   . GLN A 1 58 ? -4.753  -7.478  -16.082 1.00 44.99 ? 81  GLN A C   1 
ATOM   437 O O   . GLN A 1 58 ? -5.586  -6.586  -15.907 1.00 37.13 ? 81  GLN A O   1 
ATOM   438 C CB  . GLN A 1 58 ? -5.679  -9.785  -15.948 1.00 41.81 ? 81  GLN A CB  1 
ATOM   439 C CG  . GLN A 1 58 ? -5.676  -11.148 -15.301 1.00 49.00 ? 81  GLN A CG  1 
ATOM   440 C CD  . GLN A 1 58 ? -6.464  -12.156 -16.102 1.00 58.77 ? 81  GLN A CD  1 
ATOM   441 O OE1 . GLN A 1 58 ? -6.462  -12.129 -17.333 1.00 66.60 ? 81  GLN A OE1 1 
ATOM   442 N NE2 . GLN A 1 58 ? -7.153  -13.048 -15.408 1.00 59.62 ? 81  GLN A NE2 1 
ATOM   443 N N   . GLU A 1 59 ? -3.781  -7.408  -16.987 1.00 39.10 ? 82  GLU A N   1 
ATOM   444 C CA  . GLU A 1 59 ? -3.657  -6.263  -17.877 1.00 39.29 ? 82  GLU A CA  1 
ATOM   445 C C   . GLU A 1 59 ? -4.857  -6.184  -18.814 1.00 38.35 ? 82  GLU A C   1 
ATOM   446 O O   . GLU A 1 59 ? -5.479  -7.194  -19.153 1.00 36.92 ? 82  GLU A O   1 
ATOM   447 C CB  . GLU A 1 59 ? -2.359  -6.351  -18.689 1.00 41.48 ? 82  GLU A CB  1 
ATOM   448 C CG  . GLU A 1 59 ? -1.082  -6.479  -17.853 1.00 42.64 ? 82  GLU A CG  1 
ATOM   449 C CD  . GLU A 1 59 ? -0.540  -5.140  -17.357 1.00 50.04 ? 82  GLU A CD  1 
ATOM   450 O OE1 . GLU A 1 59 ? -1.158  -4.093  -17.651 1.00 46.62 ? 82  GLU A OE1 1 
ATOM   451 O OE2 . GLU A 1 59 ? 0.512   -5.136  -16.677 1.00 44.16 ? 82  GLU A OE2 1 
ATOM   452 N N   . VAL A 1 60 ? -5.195  -4.958  -19.219 1.00 41.97 ? 83  VAL A N   1 
ATOM   453 C CA  . VAL A 1 60 ? -6.290  -4.761  -20.156 1.00 50.25 ? 83  VAL A CA  1 
ATOM   454 C C   . VAL A 1 60 ? -5.858  -5.217  -21.546 1.00 47.68 ? 83  VAL A C   1 
ATOM   455 O O   . VAL A 1 60 ? -4.691  -5.082  -21.935 1.00 50.40 ? 83  VAL A O   1 
ATOM   456 C CB  . VAL A 1 60 ? -6.735  -3.288  -20.169 1.00 51.61 ? 83  VAL A CB  1 
ATOM   457 C CG1 . VAL A 1 60 ? -8.005  -3.119  -20.990 1.00 59.43 ? 83  VAL A CG1 1 
ATOM   458 C CG2 . VAL A 1 60 ? -6.936  -2.780  -18.749 1.00 50.11 ? 83  VAL A CG2 1 
ATOM   459 N N   . LYS A 1 61 ? -6.806  -5.770  -22.298 1.00 54.93 ? 84  LYS A N   1 
ATOM   460 C CA  . LYS A 1 61 ? -6.544  -6.245  -23.654 1.00 62.70 ? 84  LYS A CA  1 
ATOM   461 C C   . LYS A 1 61 ? -6.303  -5.084  -24.616 1.00 60.02 ? 84  LYS A C   1 
ATOM   462 O O   . LYS A 1 61 ? -5.331  -5.082  -25.373 1.00 65.90 ? 84  LYS A O   1 
ATOM   463 C CB  . LYS A 1 61 ? -7.709  -7.105  -24.151 1.00 53.83 ? 84  LYS A CB  1 
ATOM   464 N N   . MET B 1 2  ? 11.249  8.339   -3.292  1.00 76.52 ? 25  MET B N   1 
ATOM   465 C CA  . MET B 1 2  ? 12.353  9.065   -2.672  1.00 72.69 ? 25  MET B CA  1 
ATOM   466 C C   . MET B 1 2  ? 13.640  8.243   -2.690  1.00 62.55 ? 25  MET B C   1 
ATOM   467 O O   . MET B 1 2  ? 13.750  7.252   -3.414  1.00 63.36 ? 25  MET B O   1 
ATOM   468 C CB  . MET B 1 2  ? 11.997  9.458   -1.235  1.00 68.06 ? 25  MET B CB  1 
ATOM   469 N N   . LYS B 1 3  ? 14.625  8.679   -1.919  1.00 59.30 ? 26  LYS B N   1 
ATOM   470 C CA  . LYS B 1 3  ? 15.936  7.998   -1.901  1.00 57.34 ? 26  LYS B CA  1 
ATOM   471 C C   . LYS B 1 3  ? 15.882  6.738   -1.037  1.00 51.61 ? 26  LYS B C   1 
ATOM   472 O O   . LYS B 1 3  ? 16.358  5.745   -1.500  1.00 41.62 ? 26  LYS B O   1 
ATOM   473 C CB  . LYS B 1 3  ? 17.027  8.953   -1.428  1.00 61.13 ? 26  LYS B CB  1 
ATOM   474 C CG  . LYS B 1 3  ? 17.761  9.688   -2.537  1.00 66.62 ? 26  LYS B CG  1 
ATOM   475 C CD  . LYS B 1 3  ? 19.212  9.281   -2.722  1.00 74.04 ? 26  LYS B CD  1 
ATOM   476 C CE  . LYS B 1 3  ? 20.222  10.157  -2.018  1.00 63.15 ? 26  LYS B CE  1 
ATOM   477 N NZ  . LYS B 1 3  ? 21.137  10.845  -2.961  1.00 73.68 ? 26  LYS B NZ  1 
ATOM   478 N N   . ASP B 1 4  ? 15.346  6.812   0.180   1.00 45.48 ? 27  ASP B N   1 
ATOM   479 C CA  . ASP B 1 4  ? 15.292  5.643   1.046   1.00 34.16 ? 27  ASP B CA  1 
ATOM   480 C C   . ASP B 1 4  ? 14.322  4.613   0.486   1.00 33.28 ? 27  ASP B C   1 
ATOM   481 O O   . ASP B 1 4  ? 13.284  4.958   -0.087  1.00 40.10 ? 27  ASP B O   1 
ATOM   482 C CB  . ASP B 1 4  ? 14.861  6.036   2.459   1.00 47.25 ? 27  ASP B CB  1 
ATOM   483 C CG  . ASP B 1 4  ? 15.864  6.929   3.142   1.00 52.32 ? 27  ASP B CG  1 
ATOM   484 O OD1 . ASP B 1 4  ? 17.076  6.745   2.909   1.00 56.06 ? 27  ASP B OD1 1 
ATOM   485 O OD2 . ASP B 1 4  ? 15.440  7.818   3.911   1.00 63.53 ? 27  ASP B OD2 1 
ATOM   486 N N   . ILE B 1 5  ? 14.664  3.343   0.660   1.00 33.77 ? 28  ILE B N   1 
ATOM   487 C CA  . ILE B 1 5  ? 13.826  2.229   0.236   1.00 34.82 ? 28  ILE B CA  1 
ATOM   488 C C   . ILE B 1 5  ? 13.386  1.483   1.484   1.00 32.59 ? 28  ILE B C   1 
ATOM   489 O O   . ILE B 1 5  ? 14.221  0.925   2.208   1.00 33.20 ? 28  ILE B O   1 
ATOM   490 C CB  . ILE B 1 5  ? 14.572  1.296   -0.729  1.00 39.75 ? 28  ILE B CB  1 
ATOM   491 C CG1 . ILE B 1 5  ? 15.027  2.067   -1.964  1.00 32.65 ? 28  ILE B CG1 1 
ATOM   492 C CG2 . ILE B 1 5  ? 13.693  0.122   -1.118  1.00 34.76 ? 28  ILE B CG2 1 
ATOM   493 C CD1 . ILE B 1 5  ? 15.902  1.250   -2.882  1.00 37.23 ? 28  ILE B CD1 1 
ATOM   494 N N   . TRP B 1 6  ? 12.082  1.477   1.743   1.00 32.11 ? 29  TRP B N   1 
ATOM   495 C CA  . TRP B 1 6  ? 11.532  0.859   2.937   1.00 25.26 ? 29  TRP B CA  1 
ATOM   496 C C   . TRP B 1 6  ? 10.764  -0.410  2.587   1.00 35.34 ? 29  TRP B C   1 
ATOM   497 O O   . TRP B 1 6  ? 10.139  -0.507  1.527   1.00 33.45 ? 29  TRP B O   1 
ATOM   498 C CB  . TRP B 1 6  ? 10.595  1.828   3.674   1.00 29.91 ? 29  TRP B CB  1 
ATOM   499 C CG  . TRP B 1 6  ? 11.232  3.110   4.136   1.00 28.71 ? 29  TRP B CG  1 
ATOM   500 C CD1 . TRP B 1 6  ? 11.093  4.347   3.572   1.00 27.96 ? 29  TRP B CD1 1 
ATOM   501 C CD2 . TRP B 1 6  ? 12.093  3.282   5.269   1.00 27.94 ? 29  TRP B CD2 1 
ATOM   502 N NE1 . TRP B 1 6  ? 11.820  5.274   4.278   1.00 27.55 ? 29  TRP B NE1 1 
ATOM   503 C CE2 . TRP B 1 6  ? 12.441  4.646   5.327   1.00 23.01 ? 29  TRP B CE2 1 
ATOM   504 C CE3 . TRP B 1 6  ? 12.604  2.414   6.239   1.00 27.56 ? 29  TRP B CE3 1 
ATOM   505 C CZ2 . TRP B 1 6  ? 13.276  5.163   6.313   1.00 30.23 ? 29  TRP B CZ2 1 
ATOM   506 C CZ3 . TRP B 1 6  ? 13.433  2.929   7.218   1.00 32.85 ? 29  TRP B CZ3 1 
ATOM   507 C CH2 . TRP B 1 6  ? 13.761  4.291   7.247   1.00 31.36 ? 29  TRP B CH2 1 
ATOM   508 N N   . HIS B 1 7  ? 10.804  -1.383  3.494   1.00 32.02 ? 30  HIS B N   1 
ATOM   509 C CA  A HIS B 1 7  ? 10.032  -2.611  3.378   0.51 34.75 ? 30  HIS B CA  1 
ATOM   510 C CA  B HIS B 1 7  ? 10.000  -2.585  3.367   0.49 34.73 ? 30  HIS B CA  1 
ATOM   511 C C   . HIS B 1 7  ? 9.277   -2.857  4.676   1.00 30.69 ? 30  HIS B C   1 
ATOM   512 O O   . HIS B 1 7  ? 9.737   -2.447  5.747   1.00 31.97 ? 30  HIS B O   1 
ATOM   513 C CB  A HIS B 1 7  ? 10.932  -3.821  3.080   0.51 37.10 ? 30  HIS B CB  1 
ATOM   514 C CB  B HIS B 1 7  ? 10.855  -3.803  2.977   0.49 37.15 ? 30  HIS B CB  1 
ATOM   515 C CG  A HIS B 1 7  ? 11.817  -3.648  1.882   0.51 37.07 ? 30  HIS B CG  1 
ATOM   516 C CG  B HIS B 1 7  ? 11.969  -4.104  3.933   0.49 36.77 ? 30  HIS B CG  1 
ATOM   517 N ND1 A HIS B 1 7  ? 11.434  -4.019  0.612   0.51 39.14 ? 30  HIS B ND1 1 
ATOM   518 N ND1 B HIS B 1 7  ? 11.819  -4.958  5.004   0.49 38.95 ? 30  HIS B ND1 1 
ATOM   519 C CD2 A HIS B 1 7  ? 13.078  -3.165  1.769   0.51 38.81 ? 30  HIS B CD2 1 
ATOM   520 C CD2 B HIS B 1 7  ? 13.255  -3.683  3.966   0.49 36.27 ? 30  HIS B CD2 1 
ATOM   521 C CE1 A HIS B 1 7  ? 12.415  -3.762  -0.236  0.51 35.57 ? 30  HIS B CE1 1 
ATOM   522 C CE1 B HIS B 1 7  ? 12.961  -5.042  5.661   0.49 32.47 ? 30  HIS B CE1 1 
ATOM   523 N NE2 A HIS B 1 7  ? 13.424  -3.243  0.441   0.51 34.39 ? 30  HIS B NE2 1 
ATOM   524 N NE2 B HIS B 1 7  ? 13.849  -4.278  5.053   0.49 38.00 ? 30  HIS B NE2 1 
ATOM   525 N N   . PRO B 1 8  ? 8.122   -3.522  4.620   1.00 33.08 ? 31  PRO B N   1 
ATOM   526 C CA  . PRO B 1 8  ? 7.415   -3.843  5.865   1.00 37.37 ? 31  PRO B CA  1 
ATOM   527 C C   . PRO B 1 8  ? 8.244   -4.787  6.725   1.00 41.27 ? 31  PRO B C   1 
ATOM   528 O O   . PRO B 1 8  ? 8.944   -5.667  6.218   1.00 35.12 ? 31  PRO B O   1 
ATOM   529 C CB  . PRO B 1 8  ? 6.120   -4.505  5.384   1.00 36.60 ? 31  PRO B CB  1 
ATOM   530 C CG  . PRO B 1 8  ? 5.921   -3.975  4.012   1.00 33.66 ? 31  PRO B CG  1 
ATOM   531 C CD  . PRO B 1 8  ? 7.310   -3.850  3.436   1.00 35.91 ? 31  PRO B CD  1 
ATOM   532 N N   . GLY B 1 9  ? 8.162   -4.587  8.040   1.00 35.50 ? 32  GLY B N   1 
ATOM   533 C CA  . GLY B 1 9  ? 8.993   -5.299  8.986   1.00 36.12 ? 32  GLY B CA  1 
ATOM   534 C C   . GLY B 1 9  ? 10.304  -4.616  9.306   1.00 41.02 ? 32  GLY B C   1 
ATOM   535 O O   . GLY B 1 9  ? 10.997  -5.047  10.235  1.00 37.90 ? 32  GLY B O   1 
ATOM   536 N N   . GLU B 1 10 ? 10.658  -3.563  8.576   1.00 35.68 ? 33  GLU B N   1 
ATOM   537 C CA  . GLU B 1 10 ? 11.904  -2.851  8.807   1.00 33.85 ? 33  GLU B CA  1 
ATOM   538 C C   . GLU B 1 10 ? 11.760  -1.882  9.974   1.00 39.05 ? 33  GLU B C   1 
ATOM   539 O O   . GLU B 1 10 ? 10.715  -1.249  10.152  1.00 32.00 ? 33  GLU B O   1 
ATOM   540 C CB  . GLU B 1 10 ? 12.316  -2.096  7.542   1.00 36.19 ? 33  GLU B CB  1 
ATOM   541 C CG  . GLU B 1 10 ? 13.680  -1.447  7.613   1.00 35.26 ? 33  GLU B CG  1 
ATOM   542 C CD  . GLU B 1 10 ? 14.117  -0.842  6.288   1.00 39.99 ? 33  GLU B CD  1 
ATOM   543 O OE1 . GLU B 1 10 ? 13.330  -0.871  5.316   1.00 31.91 ? 33  GLU B OE1 1 
ATOM   544 O OE2 . GLU B 1 10 ? 15.259  -0.335  6.223   1.00 42.23 ? 33  GLU B OE2 1 
ATOM   545 N N   . ARG B 1 11 ? 12.818  -1.769  10.773  1.00 33.18 ? 34  ARG B N   1 
ATOM   546 C CA  . ARG B 1 11 ? 12.853  -0.787  11.848  1.00 35.65 ? 34  ARG B CA  1 
ATOM   547 C C   . ARG B 1 11 ? 13.136  0.599   11.282  1.00 43.70 ? 34  ARG B C   1 
ATOM   548 O O   . ARG B 1 11 ? 13.872  0.755   10.302  1.00 35.53 ? 34  ARG B O   1 
ATOM   549 C CB  . ARG B 1 11 ? 13.925  -1.147  12.873  1.00 48.35 ? 34  ARG B CB  1 
ATOM   550 C CG  . ARG B 1 11 ? 13.808  -2.548  13.429  1.00 51.21 ? 34  ARG B CG  1 
ATOM   551 C CD  . ARG B 1 11 ? 13.265  -2.533  14.842  1.00 45.73 ? 34  ARG B CD  1 
ATOM   552 N NE  . ARG B 1 11 ? 13.612  -3.761  15.551  1.00 58.52 ? 34  ARG B NE  1 
ATOM   553 C CZ  . ARG B 1 11 ? 14.747  -3.941  16.220  1.00 53.70 ? 34  ARG B CZ  1 
ATOM   554 N NH1 . ARG B 1 11 ? 14.980  -5.093  16.836  1.00 56.96 ? 34  ARG B NH1 1 
ATOM   555 N NH2 . ARG B 1 11 ? 15.650  -2.969  16.280  1.00 55.89 ? 34  ARG B NH2 1 
ATOM   556 N N   . CYS B 1 12 ? 12.551  1.613   11.913  1.00 32.33 ? 35  CYS B N   1 
ATOM   557 C CA  . CYS B 1 12 ? 12.727  2.987   11.467  1.00 33.43 ? 35  CYS B CA  1 
ATOM   558 C C   . CYS B 1 12 ? 12.610  3.921   12.663  1.00 36.22 ? 35  CYS B C   1 
ATOM   559 O O   . CYS B 1 12 ? 12.384  3.491   13.797  1.00 42.87 ? 35  CYS B O   1 
ATOM   560 C CB  . CYS B 1 12 ? 11.703  3.353   10.387  1.00 31.63 ? 35  CYS B CB  1 
ATOM   561 S SG  . CYS B 1 12 ? 9.979   3.244   10.939  1.00 40.01 ? 35  CYS B SG  1 
ATOM   562 N N   . LEU B 1 13 ? 12.780  5.215   12.397  1.00 35.10 ? 36  LEU B N   1 
ATOM   563 C CA  . LEU B 1 13 ? 12.427  6.279   13.326  1.00 40.09 ? 36  LEU B CA  1 
ATOM   564 C C   . LEU B 1 13 ? 11.240  7.038   12.757  1.00 41.04 ? 36  LEU B C   1 
ATOM   565 O O   . LEU B 1 13 ? 11.228  7.372   11.567  1.00 37.90 ? 36  LEU B O   1 
ATOM   566 C CB  . LEU B 1 13 ? 13.596  7.237   13.556  1.00 40.32 ? 36  LEU B CB  1 
ATOM   567 C CG  . LEU B 1 13 ? 14.852  6.650   14.190  1.00 41.44 ? 36  LEU B CG  1 
ATOM   568 C CD1 . LEU B 1 13 ? 15.822  7.767   14.514  1.00 49.55 ? 36  LEU B CD1 1 
ATOM   569 C CD2 . LEU B 1 13 ? 14.502  5.857   15.436  1.00 46.19 ? 36  LEU B CD2 1 
ATOM   570 N N   . ALA B 1 14 ? 10.250  7.305   13.599  1.00 44.21 ? 37  ALA B N   1 
ATOM   571 C CA  . ALA B 1 14 ? 9.027   7.967   13.180  1.00 43.89 ? 37  ALA B CA  1 
ATOM   572 C C   . ALA B 1 14 ? 8.638   9.016   14.209  1.00 46.24 ? 37  ALA B C   1 
ATOM   573 O O   . ALA B 1 14 ? 8.924   8.858   15.402  1.00 46.70 ? 37  ALA B O   1 
ATOM   574 C CB  . ALA B 1 14 ? 7.873   6.966   13.006  1.00 47.01 ? 37  ALA B CB  1 
ATOM   575 N N   . PRO B 1 15 ? 7.998   10.100  13.777  1.00 51.14 ? 38  PRO B N   1 
ATOM   576 C CA  . PRO B 1 15 ? 7.544   11.120  14.729  1.00 57.41 ? 38  PRO B CA  1 
ATOM   577 C C   . PRO B 1 15 ? 6.478   10.582  15.672  1.00 58.69 ? 38  PRO B C   1 
ATOM   578 O O   . PRO B 1 15 ? 5.780   9.608   15.384  1.00 54.11 ? 38  PRO B O   1 
ATOM   579 C CB  . PRO B 1 15 ? 6.980   12.224  13.826  1.00 51.78 ? 38  PRO B CB  1 
ATOM   580 C CG  . PRO B 1 15 ? 7.654   12.015  12.507  1.00 59.91 ? 38  PRO B CG  1 
ATOM   581 C CD  . PRO B 1 15 ? 7.832   10.533  12.379  1.00 48.78 ? 38  PRO B CD  1 
ATOM   582 N N   . SER B 1 16 ? 6.361   11.243  16.818  1.00 65.28 ? 39  SER B N   1 
ATOM   583 C CA  . SER B 1 16 ? 5.383   10.935  17.845  1.00 72.59 ? 39  SER B CA  1 
ATOM   584 C C   . SER B 1 16 ? 4.426   12.108  18.031  1.00 77.51 ? 39  SER B C   1 
ATOM   585 O O   . SER B 1 16 ? 4.754   13.249  17.681  1.00 78.58 ? 39  SER B O   1 
ATOM   586 C CB  . SER B 1 16 ? 6.080   10.619  19.176  1.00 68.92 ? 39  SER B CB  1 
ATOM   587 O OG  . SER B 1 16 ? 6.917   11.689  19.576  1.00 68.46 ? 39  SER B OG  1 
ATOM   588 N N   . PRO B 1 17 ? 3.218   11.862  18.569  1.00 78.56 ? 40  PRO B N   1 
ATOM   589 C CA  . PRO B 1 17 ? 2.277   12.955  18.843  1.00 82.27 ? 40  PRO B CA  1 
ATOM   590 C C   . PRO B 1 17 ? 2.766   13.890  19.950  1.00 83.77 ? 40  PRO B C   1 
ATOM   591 O O   . PRO B 1 17 ? 3.631   14.734  19.706  1.00 82.81 ? 40  PRO B O   1 
ATOM   592 C CB  . PRO B 1 17 ? 1.000   12.223  19.279  1.00 83.84 ? 40  PRO B CB  1 
ATOM   593 C CG  . PRO B 1 17 ? 1.142   10.834  18.740  1.00 74.65 ? 40  PRO B CG  1 
ATOM   594 C CD  . PRO B 1 17 ? 2.607   10.540  18.802  1.00 77.63 ? 40  PRO B CD  1 
ATOM   595 N N   . GLY B 1 20 ? 6.933   14.458  22.124  1.00 70.87 ? 43  GLY B N   1 
ATOM   596 C CA  . GLY B 1 20 ? 6.830   14.810  20.720  1.00 67.06 ? 43  GLY B CA  1 
ATOM   597 C C   . GLY B 1 20 ? 8.163   14.880  19.997  1.00 77.47 ? 43  GLY B C   1 
ATOM   598 O O   . GLY B 1 20 ? 8.612   15.962  19.617  1.00 78.22 ? 43  GLY B O   1 
ATOM   599 N N   . LYS B 1 21 ? 8.796   13.721  19.805  1.00 68.95 ? 44  LYS B N   1 
ATOM   600 C CA  . LYS B 1 21 ? 10.078  13.637  19.111  1.00 63.34 ? 44  LYS B CA  1 
ATOM   601 C C   . LYS B 1 21 ? 10.117  12.422  18.191  1.00 61.60 ? 44  LYS B C   1 
ATOM   602 O O   . LYS B 1 21 ? 9.069   11.950  17.736  1.00 60.61 ? 44  LYS B O   1 
ATOM   603 C CB  . LYS B 1 21 ? 11.231  13.580  20.116  1.00 59.77 ? 44  LYS B CB  1 
ATOM   604 N N   . LEU B 1 22 ? 11.315  11.910  17.910  1.00 59.61 ? 45  LEU B N   1 
ATOM   605 C CA  . LEU B 1 22 ? 11.491  10.726  17.076  1.00 45.62 ? 45  LEU B CA  1 
ATOM   606 C C   . LEU B 1 22 ? 11.634  9.490   17.956  1.00 52.88 ? 45  LEU B C   1 
ATOM   607 O O   . LEU B 1 22 ? 12.480  9.456   18.855  1.00 54.51 ? 45  LEU B O   1 
ATOM   608 C CB  . LEU B 1 22 ? 12.715  10.865  16.168  1.00 55.76 ? 45  LEU B CB  1 
ATOM   609 C CG  . LEU B 1 22 ? 12.563  11.725  14.913  1.00 53.64 ? 45  LEU B CG  1 
ATOM   610 C CD1 . LEU B 1 22 ? 13.857  11.731  14.111  1.00 56.68 ? 45  LEU B CD1 1 
ATOM   611 C CD2 . LEU B 1 22 ? 11.403  11.233  14.061  1.00 54.07 ? 45  LEU B CD2 1 
ATOM   612 N N   . CYS B 1 23 ? 10.808  8.482   17.688  1.00 45.46 ? 46  CYS B N   1 
ATOM   613 C CA  . CYS B 1 23 ? 10.816  7.229   18.427  1.00 47.87 ? 46  CYS B CA  1 
ATOM   614 C C   . CYS B 1 23 ? 11.047  6.081   17.459  1.00 34.65 ? 46  CYS B C   1 
ATOM   615 O O   . CYS B 1 23 ? 10.682  6.163   16.282  1.00 40.67 ? 46  CYS B O   1 
ATOM   616 C CB  . CYS B 1 23 ? 9.494   7.005   19.174  1.00 41.04 ? 46  CYS B CB  1 
ATOM   617 S SG  . CYS B 1 23 ? 8.793   8.497   19.875  1.00 71.17 ? 46  CYS B SG  1 
ATOM   618 N N   . GLU B 1 24 ? 11.653  5.008   17.954  1.00 37.27 ? 47  GLU B N   1 
ATOM   619 C CA  . GLU B 1 24 ? 11.804  3.837   17.111  1.00 42.38 ? 47  GLU B CA  1 
ATOM   620 C C   . GLU B 1 24 ? 10.441  3.212   16.846  1.00 42.31 ? 47  GLU B C   1 
ATOM   621 O O   . GLU B 1 24 ? 9.542   3.233   17.692  1.00 37.94 ? 47  GLU B O   1 
ATOM   622 C CB  . GLU B 1 24 ? 12.745  2.810   17.740  1.00 51.48 ? 47  GLU B CB  1 
ATOM   623 C CG  . GLU B 1 24 ? 13.117  1.682   16.769  1.00 52.16 ? 47  GLU B CG  1 
ATOM   624 C CD  . GLU B 1 24 ? 14.328  0.887   17.207  1.00 62.13 ? 47  GLU B CD  1 
ATOM   625 O OE1 . GLU B 1 24 ? 14.720  -0.056  16.481  1.00 46.48 ? 47  GLU B OE1 1 
ATOM   626 O OE2 . GLU B 1 24 ? 14.889  1.208   18.277  1.00 67.14 ? 47  GLU B OE2 1 
ATOM   627 N N   . ALA B 1 25 ? 10.289  2.675   15.639  1.00 35.88 ? 48  ALA B N   1 
ATOM   628 C CA  . ALA B 1 25 ? 9.047   2.053   15.215  1.00 36.40 ? 48  ALA B CA  1 
ATOM   629 C C   . ALA B 1 25 ? 9.373   0.945   14.226  1.00 34.62 ? 48  ALA B C   1 
ATOM   630 O O   . ALA B 1 25 ? 10.511  0.800   13.772  1.00 36.00 ? 48  ALA B O   1 
ATOM   631 C CB  . ALA B 1 25 ? 8.094   3.076   14.593  1.00 34.65 ? 48  ALA B CB  1 
ATOM   632 N N   . SER B 1 26 ? 8.355   0.161   13.900  1.00 25.47 ? 49  SER B N   1 
ATOM   633 C CA  . SER B 1 26 ? 8.468   -0.916  12.929  1.00 28.07 ? 49  SER B CA  1 
ATOM   634 C C   . SER B 1 26 ? 7.384   -0.749  11.879  1.00 33.14 ? 49  SER B C   1 
ATOM   635 O O   . SER B 1 26 ? 6.226   -0.471  12.208  1.00 32.13 ? 49  SER B O   1 
ATOM   636 C CB  . SER B 1 26 ? 8.346   -2.287  13.600  1.00 34.48 ? 49  SER B CB  1 
ATOM   637 O OG  . SER B 1 26 ? 8.523   -3.328  12.659  1.00 44.51 ? 49  SER B OG  1 
ATOM   638 N N   . ILE B 1 27 ? 7.757   -0.920  10.614  1.00 27.80 ? 50  ILE B N   1 
ATOM   639 C CA  . ILE B 1 27 ? 6.818   -0.717  9.517   1.00 28.00 ? 50  ILE B CA  1 
ATOM   640 C C   . ILE B 1 27 ? 5.909   -1.931  9.400   1.00 32.30 ? 50  ILE B C   1 
ATOM   641 O O   . ILE B 1 27 ? 6.376   -3.052  9.172   1.00 31.87 ? 50  ILE B O   1 
ATOM   642 C CB  . ILE B 1 27 ? 7.554   -0.459  8.197   1.00 28.02 ? 50  ILE B CB  1 
ATOM   643 C CG1 . ILE B 1 27 ? 8.424   0.794   8.312   1.00 30.89 ? 50  ILE B CG1 1 
ATOM   644 C CG2 . ILE B 1 27 ? 6.543   -0.322  7.068   1.00 27.72 ? 50  ILE B CG2 1 
ATOM   645 C CD1 . ILE B 1 27 ? 9.302   1.038   7.101   1.00 26.05 ? 50  ILE B CD1 1 
ATOM   646 N N   . LYS B 1 28 ? 4.605   -1.707  9.532   1.00 25.07 ? 51  LYS B N   1 
ATOM   647 C CA  . LYS B 1 28 ? 3.622   -2.767  9.355   1.00 25.98 ? 51  LYS B CA  1 
ATOM   648 C C   . LYS B 1 28 ? 3.183   -2.905  7.900   1.00 27.40 ? 51  LYS B C   1 
ATOM   649 O O   . LYS B 1 28 ? 3.011   -4.026  7.410   1.00 32.45 ? 51  LYS B O   1 
ATOM   650 C CB  . LYS B 1 28 ? 2.412   -2.505  10.258  1.00 27.20 ? 51  LYS B CB  1 
ATOM   651 C CG  . LYS B 1 28 ? 1.326   -3.556  10.178  1.00 37.03 ? 51  LYS B CG  1 
ATOM   652 C CD  . LYS B 1 28 ? 0.245   -3.304  11.227  1.00 41.70 ? 51  LYS B CD  1 
ATOM   653 C CE  . LYS B 1 28 ? -0.862  -4.338  11.133  1.00 52.16 ? 51  LYS B CE  1 
ATOM   654 N NZ  . LYS B 1 28 ? -1.973  -4.042  12.079  1.00 63.52 ? 51  LYS B NZ  1 
ATOM   655 N N   . SER B 1 29 ? 3.006   -1.792  7.193   1.00 26.03 ? 52  SER B N   1 
ATOM   656 C CA  . SER B 1 29 ? 2.611   -1.838  5.791   1.00 30.04 ? 52  SER B CA  1 
ATOM   657 C C   . SER B 1 29 ? 2.996   -0.524  5.138   1.00 33.74 ? 52  SER B C   1 
ATOM   658 O O   . SER B 1 29 ? 3.181   0.492   5.811   1.00 28.59 ? 52  SER B O   1 
ATOM   659 C CB  . SER B 1 29 ? 1.108   -2.091  5.637   1.00 33.65 ? 52  SER B CB  1 
ATOM   660 O OG  . SER B 1 29 ? 0.366   -1.102  6.328   1.00 31.87 ? 52  SER B OG  1 
ATOM   661 N N   . ILE B 1 30 ? 3.115   -0.555  3.811   1.00 27.22 ? 53  ILE B N   1 
ATOM   662 C CA  . ILE B 1 30 ? 3.404   0.634   3.019   1.00 27.48 ? 53  ILE B CA  1 
ATOM   663 C C   . ILE B 1 30 ? 2.392   0.719   1.888   1.00 30.21 ? 53  ILE B C   1 
ATOM   664 O O   . ILE B 1 30 ? 2.195   -0.254  1.153   1.00 30.57 ? 53  ILE B O   1 
ATOM   665 C CB  . ILE B 1 30 ? 4.833   0.618   2.448   1.00 26.31 ? 53  ILE B CB  1 
ATOM   666 C CG1 . ILE B 1 30 ? 5.859   0.532   3.576   1.00 25.97 ? 53  ILE B CG1 1 
ATOM   667 C CG2 . ILE B 1 30 ? 5.063   1.853   1.585   1.00 27.91 ? 53  ILE B CG2 1 
ATOM   668 C CD1 . ILE B 1 30 ? 7.284   0.494   3.094   1.00 30.79 ? 53  ILE B CD1 1 
ATOM   669 N N   . THR B 1 31 ? 1.769   1.886   1.739   1.00 28.89 ? 54  THR B N   1 
ATOM   670 C CA  . THR B 1 31 ? 0.727   2.112   0.748   1.00 36.08 ? 54  THR B CA  1 
ATOM   671 C C   . THR B 1 31 ? 1.097   3.297   -0.132  1.00 34.37 ? 54  THR B C   1 
ATOM   672 O O   . THR B 1 31 ? 1.568   4.326   0.361   1.00 29.67 ? 54  THR B O   1 
ATOM   673 C CB  . THR B 1 31 ? -0.629  2.380   1.416   1.00 32.28 ? 54  THR B CB  1 
ATOM   674 O OG1 . THR B 1 31 ? -1.021  1.244   2.194   1.00 32.53 ? 54  THR B OG1 1 
ATOM   675 C CG2 . THR B 1 31 ? -1.700  2.676   0.374   1.00 35.85 ? 54  THR B CG2 1 
ATOM   676 N N   . VAL B 1 32 ? 0.876   3.145   -1.436  1.00 29.57 ? 55  VAL B N   1 
ATOM   677 C CA  . VAL B 1 32 ? 1.040   4.217   -2.409  1.00 32.03 ? 55  VAL B CA  1 
ATOM   678 C C   . VAL B 1 32 ? -0.313  4.468   -3.060  1.00 28.85 ? 55  VAL B C   1 
ATOM   679 O O   . VAL B 1 32 ? -0.943  3.535   -3.569  1.00 29.52 ? 55  VAL B O   1 
ATOM   680 C CB  . VAL B 1 32 ? 2.101   3.867   -3.469  1.00 34.23 ? 55  VAL B CB  1 
ATOM   681 C CG1 . VAL B 1 32 ? 3.501   4.028   -2.895  1.00 39.70 ? 55  VAL B CG1 1 
ATOM   682 C CG2 . VAL B 1 32 ? 1.902   2.441   -3.955  1.00 35.48 ? 55  VAL B CG2 1 
ATOM   683 N N   . ASP B 1 33 ? -0.759  5.709   -3.031  1.00 26.58 ? 56  ASP B N   1 
ATOM   684 C CA  . ASP B 1 33 ? -2.100  6.039   -3.567  1.00 37.58 ? 56  ASP B CA  1 
ATOM   685 C C   . ASP B 1 33 ? -2.010  6.644   -4.961  1.00 38.45 ? 56  ASP B C   1 
ATOM   686 O O   . ASP B 1 33 ? -1.035  7.231   -5.269  1.00 36.62 ? 56  ASP B O   1 
ATOM   687 C CB  . ASP B 1 33 ? -2.845  6.942   -2.595  1.00 37.22 ? 56  ASP B CB  1 
ATOM   688 C CG  . ASP B 1 33 ? -4.350  6.971   -2.760  1.00 51.61 ? 56  ASP B CG  1 
ATOM   689 O OD1 . ASP B 1 33 ? -4.821  7.617   -3.691  1.00 51.22 ? 56  ASP B OD1 1 
ATOM   690 O OD2 . ASP B 1 33 ? -5.016  6.344   -1.974  1.00 49.80 ? 56  ASP B OD2 1 
ATOM   691 N N   . GLU B 1 34 ? -3.107  6.614   -5.707  1.00 35.78 ? 57  GLU B N   1 
ATOM   692 C CA  . GLU B 1 34 ? -3.206  7.203   -7.060  1.00 46.91 ? 57  GLU B CA  1 
ATOM   693 C C   . GLU B 1 34 ? -3.008  8.710   -7.027  1.00 48.96 ? 57  GLU B C   1 
ATOM   694 O O   . GLU B 1 34 ? -2.514  9.196   -7.990  1.00 52.66 ? 57  GLU B O   1 
ATOM   695 C CB  . GLU B 1 34 ? -4.533  6.929   -7.756  1.00 44.24 ? 57  GLU B CB  1 
ATOM   696 C CG  . GLU B 1 34 ? -5.696  7.547   -7.068  1.00 44.72 ? 57  GLU B CG  1 
ATOM   697 C CD  . GLU B 1 34 ? -6.036  8.920   -7.586  1.00 52.46 ? 57  GLU B CD  1 
ATOM   698 O OE1 . GLU B 1 34 ? -5.526  9.291   -8.607  1.00 47.46 ? 57  GLU B OE1 1 
ATOM   699 O OE2 . GLU B 1 34 ? -6.799  9.609   -6.934  1.00 61.70 ? 57  GLU B OE2 1 
ATOM   700 N N   . ASN B 1 35 ? -3.292  9.391   -5.919  1.00 45.98 ? 58  ASN B N   1 
ATOM   701 C CA  . ASN B 1 35 ? -3.102  10.852  -5.763  1.00 53.35 ? 58  ASN B CA  1 
ATOM   702 C C   . ASN B 1 35 ? -1.645  11.225  -5.486  1.00 54.97 ? 58  ASN B C   1 
ATOM   703 O O   . ASN B 1 35 ? -1.433  12.367  -5.219  1.00 62.11 ? 58  ASN B O   1 
ATOM   704 C CB  . ASN B 1 35 ? -3.990  11.397  -4.659  1.00 49.77 ? 58  ASN B CB  1 
ATOM   705 C CG  . ASN B 1 35 ? -3.647  10.782  -3.332  1.00 57.61 ? 58  ASN B CG  1 
ATOM   706 O OD1 . ASN B 1 35 ? -2.613  10.177  -3.197  1.00 55.36 ? 58  ASN B OD1 1 
ATOM   707 N ND2 . ASN B 1 35 ? -4.499  10.950  -2.348  1.00 62.06 ? 58  ASN B ND2 1 
ATOM   708 N N   . GLY B 1 36 ? -0.709  10.285  -5.481  1.00 46.79 ? 59  GLY B N   1 
ATOM   709 C CA  . GLY B 1 36 ? 0.726   10.537  -5.321  1.00 55.23 ? 59  GLY B CA  1 
ATOM   710 C C   . GLY B 1 36 ? 1.211   10.414  -3.896  1.00 54.67 ? 59  GLY B C   1 
ATOM   711 O O   . GLY B 1 36 ? 2.384   10.436  -3.711  1.00 56.54 ? 59  GLY B O   1 
ATOM   712 N N   . LYS B 1 37 ? 0.332   10.240  -2.936  1.00 48.59 ? 60  LYS B N   1 
ATOM   713 C CA  . LYS B 1 37 ? 0.802   10.159  -1.543  1.00 49.78 ? 60  LYS B CA  1 
ATOM   714 C C   . LYS B 1 37 ? 1.267   8.747   -1.185  1.00 44.43 ? 60  LYS B C   1 
ATOM   715 O O   . LYS B 1 37 ? 0.695   7.804   -1.642  1.00 43.01 ? 60  LYS B O   1 
ATOM   716 C CB  . LYS B 1 37 ? -0.335  10.569  -0.623  1.00 53.13 ? 60  LYS B CB  1 
ATOM   717 C CG  . LYS B 1 37 ? -0.944  11.926  -0.926  1.00 62.32 ? 60  LYS B CG  1 
ATOM   718 C CD  . LYS B 1 37 ? -1.154  12.784  0.279   1.00 62.68 ? 60  LYS B CD  1 
ATOM   719 C CE  . LYS B 1 37 ? -2.588  12.817  0.736   1.00 68.94 ? 60  LYS B CE  1 
ATOM   720 N NZ  . LYS B 1 37 ? -3.128  11.449  0.779   1.00 75.26 ? 60  LYS B NZ  1 
ATOM   721 N N   . SER B 1 38 ? 2.304   8.653   -0.376  1.00 48.56 ? 61  SER B N   1 
ATOM   722 C CA  . SER B 1 38 ? 2.820   7.355   0.101   1.00 43.41 ? 61  SER B CA  1 
ATOM   723 C C   . SER B 1 38 ? 2.812   7.396   1.613   1.00 39.48 ? 61  SER B C   1 
ATOM   724 O O   . SER B 1 38 ? 3.204   8.379   2.132   1.00 38.66 ? 61  SER B O   1 
ATOM   725 C CB  . SER B 1 38 ? 4.179   7.120   -0.372  1.00 35.27 ? 61  SER B CB  1 
ATOM   726 O OG  . SER B 1 38 ? 4.160   6.792   -1.720  1.00 59.36 ? 61  SER B OG  1 
ATOM   727 N N   . PHE B 1 39 ? 2.397   6.321   2.252   1.00 33.78 ? 62  PHE B N   1 
ATOM   728 C CA  . PHE B 1 39 ? 2.359   6.307   3.721   1.00 35.67 ? 62  PHE B CA  1 
ATOM   729 C C   . PHE B 1 39 ? 2.686   4.924   4.257   1.00 35.34 ? 62  PHE B C   1 
ATOM   730 O O   . PHE B 1 39 ? 2.540   3.960   3.547   1.00 34.27 ? 62  PHE B O   1 
ATOM   731 C CB  . PHE B 1 39 ? 1.035   6.852   4.240   1.00 32.28 ? 62  PHE B CB  1 
ATOM   732 C CG  . PHE B 1 39 ? -0.160  5.980   4.035   1.00 36.48 ? 62  PHE B CG  1 
ATOM   733 C CD1 . PHE B 1 39 ? -0.469  4.988   4.928   1.00 32.73 ? 62  PHE B CD1 1 
ATOM   734 C CD2 . PHE B 1 39 ? -1.006  6.187   2.972   1.00 45.90 ? 62  PHE B CD2 1 
ATOM   735 C CE1 . PHE B 1 39 ? -1.583  4.196   4.760   1.00 33.73 ? 62  PHE B CE1 1 
ATOM   736 C CE2 . PHE B 1 39 ? -2.126  5.398   2.804   1.00 37.27 ? 62  PHE B CE2 1 
ATOM   737 C CZ  . PHE B 1 39 ? -2.401  4.399   3.691   1.00 39.38 ? 62  PHE B CZ  1 
ATOM   738 N N   . ALA B 1 40 ? 3.267   4.915   5.443   1.00 30.82 ? 63  ALA B N   1 
ATOM   739 C CA  . ALA B 1 40 ? 3.508   3.670   6.153   1.00 27.11 ? 63  ALA B CA  1 
ATOM   740 C C   . ALA B 1 40 ? 2.619   3.619   7.385   1.00 31.32 ? 63  ALA B C   1 
ATOM   741 O O   . ALA B 1 40 ? 2.398   4.639   8.042   1.00 31.22 ? 63  ALA B O   1 
ATOM   742 C CB  . ALA B 1 40 ? 4.968   3.539   6.580   1.00 27.26 ? 63  ALA B CB  1 
ATOM   743 N N   . VAL B 1 41 ? 2.093   2.437   7.679   1.00 28.98 ? 64  VAL B N   1 
ATOM   744 C CA  . VAL B 1 41 ? 1.529   2.151   8.992   1.00 31.24 ? 64  VAL B CA  1 
ATOM   745 C C   . VAL B 1 41 ? 2.671   1.634   9.852   1.00 29.51 ? 64  VAL B C   1 
ATOM   746 O O   . VAL B 1 41 ? 3.267   0.598   9.540   1.00 28.05 ? 64  VAL B O   1 
ATOM   747 C CB  . VAL B 1 41 ? 0.382   1.131   8.905   1.00 30.27 ? 64  VAL B CB  1 
ATOM   748 C CG1 . VAL B 1 41 ? -0.129  0.777   10.303  1.00 31.60 ? 64  VAL B CG1 1 
ATOM   749 C CG2 . VAL B 1 41 ? -0.746  1.670   8.043   1.00 32.12 ? 64  VAL B CG2 1 
ATOM   750 N N   . VAL B 1 42 ? 3.004   2.367   10.908  1.00 25.49 ? 65  VAL B N   1 
ATOM   751 C CA  . VAL B 1 42 ? 4.113   1.994   11.767  1.00 25.62 ? 65  VAL B CA  1 
ATOM   752 C C   . VAL B 1 42 ? 3.577   1.593   13.133  1.00 33.65 ? 65  VAL B C   1 
ATOM   753 O O   . VAL B 1 42 ? 2.511   2.036   13.571  1.00 28.85 ? 65  VAL B O   1 
ATOM   754 C CB  . VAL B 1 42 ? 5.164   3.120   11.886  1.00 26.96 ? 65  VAL B CB  1 
ATOM   755 C CG1 . VAL B 1 42 ? 5.574   3.593   10.495  1.00 30.75 ? 65  VAL B CG1 1 
ATOM   756 C CG2 . VAL B 1 42 ? 4.646   4.270   12.717  1.00 31.25 ? 65  VAL B CG2 1 
ATOM   757 N N   . LEU B 1 43 ? 4.332   0.726   13.796  1.00 28.04 ? 66  LEU B N   1 
ATOM   758 C CA  . LEU B 1 43 ? 4.007   0.203   15.112  1.00 35.04 ? 66  LEU B CA  1 
ATOM   759 C C   . LEU B 1 43 ? 5.107   0.632   16.071  1.00 35.66 ? 66  LEU B C   1 
ATOM   760 O O   . LEU B 1 43 ? 6.294   0.435   15.786  1.00 35.23 ? 66  LEU B O   1 
ATOM   761 C CB  . LEU B 1 43 ? 3.889   -1.320  15.064  1.00 36.35 ? 66  LEU B CB  1 
ATOM   762 C CG  . LEU B 1 43 ? 3.439   -2.079  16.307  1.00 47.46 ? 66  LEU B CG  1 
ATOM   763 C CD1 . LEU B 1 43 ? 1.922   -2.241  16.321  1.00 47.58 ? 66  LEU B CD1 1 
ATOM   764 C CD2 . LEU B 1 43 ? 4.142   -3.427  16.364  1.00 45.18 ? 66  LEU B CD2 1 
ATOM   765 N N   . TYR B 1 44 ? 4.720   1.245   17.183  1.00 30.68 ? 67  TYR B N   1 
ATOM   766 C CA  . TYR B 1 44 ? 5.685   1.637   18.194  1.00 29.28 ? 67  TYR B CA  1 
ATOM   767 C C   . TYR B 1 44 ? 5.900   0.498   19.186  1.00 35.11 ? 67  TYR B C   1 
ATOM   768 O O   . TYR B 1 44 ? 5.210   -0.522  19.162  1.00 30.54 ? 67  TYR B O   1 
ATOM   769 C CB  . TYR B 1 44 ? 5.225   2.903   18.911  1.00 33.47 ? 67  TYR B CB  1 
ATOM   770 C CG  . TYR B 1 44 ? 5.150   4.100   17.998  1.00 38.04 ? 67  TYR B CG  1 
ATOM   771 C CD1 . TYR B 1 44 ? 3.990   4.385   17.296  1.00 40.74 ? 67  TYR B CD1 1 
ATOM   772 C CD2 . TYR B 1 44 ? 6.246   4.936   17.823  1.00 37.05 ? 67  TYR B CD2 1 
ATOM   773 C CE1 . TYR B 1 44 ? 3.916   5.471   16.451  1.00 46.10 ? 67  TYR B CE1 1 
ATOM   774 C CE2 . TYR B 1 44 ? 6.181   6.027   16.979  1.00 32.79 ? 67  TYR B CE2 1 
ATOM   775 C CZ  . TYR B 1 44 ? 5.014   6.290   16.296  1.00 44.91 ? 67  TYR B CZ  1 
ATOM   776 O OH  . TYR B 1 44 ? 4.935   7.374   15.455  1.00 50.04 ? 67  TYR B OH  1 
ATOM   777 N N   . ALA B 1 45 ? 6.878   0.686   20.076  1.00 30.16 ? 68  ALA B N   1 
ATOM   778 C CA  . ALA B 1 45 ? 7.248   -0.371  21.012  1.00 29.38 ? 68  ALA B CA  1 
ATOM   779 C C   . ALA B 1 45 ? 6.135   -0.701  22.006  1.00 40.06 ? 68  ALA B C   1 
ATOM   780 O O   . ALA B 1 45 ? 6.193   -1.754  22.651  1.00 34.18 ? 68  ALA B O   1 
ATOM   781 C CB  . ALA B 1 45 ? 8.523   0.019   21.758  1.00 36.36 ? 68  ALA B CB  1 
ATOM   782 N N   . ASP B 1 46 ? 5.129   0.158   22.149  1.00 30.59 ? 69  ASP B N   1 
ATOM   783 C CA  . ASP B 1 46 ? 3.967   -0.155  22.973  1.00 36.50 ? 69  ASP B CA  1 
ATOM   784 C C   . ASP B 1 46 ? 2.770   -0.601  22.144  1.00 37.77 ? 69  ASP B C   1 
ATOM   785 O O   . ASP B 1 46 ? 1.652   -0.654  22.665  1.00 36.54 ? 69  ASP B O   1 
ATOM   786 C CB  . ASP B 1 46 ? 3.587   1.042   23.850  1.00 41.54 ? 69  ASP B CB  1 
ATOM   787 C CG  . ASP B 1 46 ? 3.073   2.227   23.049  1.00 48.10 ? 69  ASP B CG  1 
ATOM   788 O OD1 . ASP B 1 46 ? 3.246   2.246   21.811  1.00 31.48 ? 69  ASP B OD1 1 
ATOM   789 O OD2 . ASP B 1 46 ? 2.486   3.144   23.662  1.00 50.24 ? 69  ASP B OD2 1 
ATOM   790 N N   . PHE B 1 47 ? 2.983   -0.914  20.866  1.00 34.50 ? 70  PHE B N   1 
ATOM   791 C CA  . PHE B 1 47 ? 1.990   -1.439  19.932  1.00 33.40 ? 70  PHE B CA  1 
ATOM   792 C C   . PHE B 1 47 ? 0.969   -0.405  19.485  1.00 30.78 ? 70  PHE B C   1 
ATOM   793 O O   . PHE B 1 47 ? 0.008   -0.759  18.794  1.00 41.62 ? 70  PHE B O   1 
ATOM   794 C CB  . PHE B 1 47 ? 1.271   -2.668  20.497  1.00 35.72 ? 70  PHE B CB  1 
ATOM   795 C CG  . PHE B 1 47 ? 2.191   -3.810  20.777  1.00 37.90 ? 70  PHE B CG  1 
ATOM   796 C CD1 . PHE B 1 47 ? 2.922   -4.380  19.752  1.00 39.42 ? 70  PHE B CD1 1 
ATOM   797 C CD2 . PHE B 1 47 ? 2.341   -4.305  22.059  1.00 42.15 ? 70  PHE B CD2 1 
ATOM   798 C CE1 . PHE B 1 47 ? 3.782   -5.428  19.992  1.00 43.75 ? 70  PHE B CE1 1 
ATOM   799 C CE2 . PHE B 1 47 ? 3.199   -5.358  22.305  1.00 39.90 ? 70  PHE B CE2 1 
ATOM   800 C CZ  . PHE B 1 47 ? 3.925   -5.917  21.269  1.00 38.54 ? 70  PHE B CZ  1 
ATOM   801 N N   . GLN B 1 48 ? 1.146   0.863   19.850  1.00 30.30 ? 71  GLN B N   1 
ATOM   802 C CA  . GLN B 1 48 ? 0.377   1.921   19.211  1.00 30.36 ? 71  GLN B CA  1 
ATOM   803 C C   . GLN B 1 48 ? 0.725   1.977   17.725  1.00 35.29 ? 71  GLN B C   1 
ATOM   804 O O   . GLN B 1 48 ? 1.872   1.742   17.335  1.00 32.66 ? 71  GLN B O   1 
ATOM   805 C CB  . GLN B 1 48 ? 0.668   3.265   19.883  1.00 27.15 ? 71  GLN B CB  1 
ATOM   806 C CG  . GLN B 1 48 ? -0.125  4.440   19.329  1.00 34.14 ? 71  GLN B CG  1 
ATOM   807 C CD  . GLN B 1 48 ? -1.594  4.378   19.700  1.00 47.02 ? 71  GLN B CD  1 
ATOM   808 O OE1 . GLN B 1 48 ? -1.943  4.299   20.880  1.00 49.72 ? 71  GLN B OE1 1 
ATOM   809 N NE2 . GLN B 1 48 ? -2.465  4.404   18.693  1.00 45.33 ? 71  GLN B NE2 1 
ATOM   810 N N   . GLU B 1 49 ? -0.274  2.265   16.891  1.00 28.92 ? 72  GLU B N   1 
ATOM   811 C CA  . GLU B 1 49 ? -0.092  2.380   15.450  1.00 33.34 ? 72  GLU B CA  1 
ATOM   812 C C   . GLU B 1 49 ? -0.377  3.804   14.998  1.00 33.25 ? 72  GLU B C   1 
ATOM   813 O O   . GLU B 1 49 ? -1.269  4.467   15.535  1.00 30.69 ? 72  GLU B O   1 
ATOM   814 C CB  . GLU B 1 49 ? -1.014  1.429   14.681  1.00 37.02 ? 72  GLU B CB  1 
ATOM   815 C CG  . GLU B 1 49 ? -0.811  -0.042  14.943  1.00 42.20 ? 72  GLU B CG  1 
ATOM   816 C CD  . GLU B 1 49 ? -1.732  -0.892  14.089  1.00 52.76 ? 72  GLU B CD  1 
ATOM   817 O OE1 . GLU B 1 49 ? -2.003  -0.495  12.935  1.00 52.12 ? 72  GLU B OE1 1 
ATOM   818 O OE2 . GLU B 1 49 ? -2.198  -1.946  14.572  1.00 65.76 ? 72  GLU B OE2 1 
ATOM   819 N N   . ARG B 1 50 ? 0.369   4.261   13.995  1.00 29.02 ? 73  ARG B N   1 
ATOM   820 C CA  . ARG B 1 50 ? 0.152   5.571   13.397  1.00 27.02 ? 73  ARG B CA  1 
ATOM   821 C C   . ARG B 1 50 ? 0.381   5.496   11.893  1.00 32.11 ? 73  ARG B C   1 
ATOM   822 O O   . ARG B 1 50 ? 1.194   4.706   11.409  1.00 32.39 ? 73  ARG B O   1 
ATOM   823 C CB  . ARG B 1 50 ? 1.077   6.642   13.994  1.00 35.44 ? 73  ARG B CB  1 
ATOM   824 C CG  . ARG B 1 50 ? 0.837   6.947   15.468  1.00 50.04 ? 73  ARG B CG  1 
ATOM   825 C CD  . ARG B 1 50 ? 1.562   8.219   15.876  1.00 54.01 ? 73  ARG B CD  1 
ATOM   826 N NE  . ARG B 1 50 ? 1.060   9.381   15.147  1.00 66.16 ? 73  ARG B NE  1 
ATOM   827 C CZ  . ARG B 1 50 ? 1.801   10.436  14.821  1.00 75.21 ? 73  ARG B CZ  1 
ATOM   828 N NH1 . ARG B 1 50 ? 3.085   10.475  15.151  1.00 75.80 ? 73  ARG B NH1 1 
ATOM   829 N NH2 . ARG B 1 50 ? 1.262   11.448  14.155  1.00 78.19 ? 73  ARG B NH2 1 
ATOM   830 N N   . LYS B 1 51 ? -0.347  6.334   11.164  1.00 32.23 ? 74  LYS B N   1 
ATOM   831 C CA  . LYS B 1 51 ? -0.168  6.495   9.729   1.00 37.09 ? 74  LYS B CA  1 
ATOM   832 C C   . LYS B 1 51 ? 0.797   7.653   9.501   1.00 35.36 ? 74  LYS B C   1 
ATOM   833 O O   . LYS B 1 51 ? 0.517   8.786   9.904   1.00 38.63 ? 74  LYS B O   1 
ATOM   834 C CB  . LYS B 1 51 ? -1.518  6.749   9.059   1.00 37.48 ? 74  LYS B CB  1 
ATOM   835 C CG  . LYS B 1 51 ? -1.464  7.083   7.587   1.00 45.90 ? 74  LYS B CG  1 
ATOM   836 C CD  . LYS B 1 51 ? -2.844  7.505   7.090   1.00 51.01 ? 74  LYS B CD  1 
ATOM   837 C CE  . LYS B 1 51 ? -2.790  8.028   5.664   1.00 53.26 ? 74  LYS B CE  1 
ATOM   838 N NZ  . LYS B 1 51 ? -4.125  8.487   5.188   1.00 63.83 ? 74  LYS B NZ  1 
ATOM   839 N N   . ILE B 1 52 ? 1.934   7.371   8.872   1.00 33.37 ? 75  ILE B N   1 
ATOM   840 C CA  . ILE B 1 52 ? 3.042   8.312   8.763   1.00 28.91 ? 75  ILE B CA  1 
ATOM   841 C C   . ILE B 1 52 ? 3.357   8.512   7.289   1.00 36.42 ? 75  ILE B C   1 
ATOM   842 O O   . ILE B 1 52 ? 3.591   7.530   6.580   1.00 32.51 ? 75  ILE B O   1 
ATOM   843 C CB  . ILE B 1 52 ? 4.299   7.826   9.510   1.00 33.43 ? 75  ILE B CB  1 
ATOM   844 C CG1 . ILE B 1 52 ? 3.979   7.557   10.984  1.00 34.77 ? 75  ILE B CG1 1 
ATOM   845 C CG2 . ILE B 1 52 ? 5.432   8.836   9.364   1.00 33.93 ? 75  ILE B CG2 1 
ATOM   846 C CD1 . ILE B 1 52 ? 3.431   8.753   11.721  1.00 42.84 ? 75  ILE B CD1 1 
ATOM   847 N N   . PRO B 1 53 ? 3.377   9.747   6.787   1.00 35.03 ? 76  PRO B N   1 
ATOM   848 C CA  . PRO B 1 53 ? 3.860   9.980   5.422   1.00 39.36 ? 76  PRO B CA  1 
ATOM   849 C C   . PRO B 1 53 ? 5.247   9.389   5.240   1.00 38.09 ? 76  PRO B C   1 
ATOM   850 O O   . PRO B 1 53 ? 6.133   9.574   6.077   1.00 35.52 ? 76  PRO B O   1 
ATOM   851 C CB  . PRO B 1 53 ? 3.871   11.509  5.307   1.00 42.50 ? 76  PRO B CB  1 
ATOM   852 C CG  . PRO B 1 53 ? 2.860   11.964  6.299   1.00 35.21 ? 76  PRO B CG  1 
ATOM   853 C CD  . PRO B 1 53 ? 2.946   10.993  7.443   1.00 40.20 ? 76  PRO B CD  1 
ATOM   854 N N   . LEU B 1 54 ? 5.424   8.654   4.140   1.00 36.88 ? 77  LEU B N   1 
ATOM   855 C CA  . LEU B 1 54 ? 6.641   7.873   3.952   1.00 34.79 ? 77  LEU B CA  1 
ATOM   856 C C   . LEU B 1 54 ? 7.890   8.743   4.001   1.00 40.68 ? 77  LEU B C   1 
ATOM   857 O O   . LEU B 1 54 ? 8.930   8.307   4.507   1.00 36.18 ? 77  LEU B O   1 
ATOM   858 C CB  . LEU B 1 54 ? 6.566   7.113   2.626   1.00 40.40 ? 77  LEU B CB  1 
ATOM   859 C CG  . LEU B 1 54 ? 7.397   5.838   2.516   1.00 39.88 ? 77  LEU B CG  1 
ATOM   860 C CD1 . LEU B 1 54 ? 6.974   4.835   3.576   1.00 35.40 ? 77  LEU B CD1 1 
ATOM   861 C CD2 . LEU B 1 54 ? 7.265   5.238   1.124   1.00 41.15 ? 77  LEU B CD2 1 
ATOM   862 N N   . LYS B 1 55 ? 7.809   9.977   3.504   1.00 41.08 ? 78  LYS B N   1 
ATOM   863 C CA  . LYS B 1 55 ? 8.970   10.857  3.524   1.00 45.05 ? 78  LYS B CA  1 
ATOM   864 C C   . LYS B 1 55 ? 9.362   11.294  4.928   1.00 47.51 ? 78  LYS B C   1 
ATOM   865 O O   . LYS B 1 55 ? 10.447  11.859  5.096   1.00 46.72 ? 78  LYS B O   1 
ATOM   866 C CB  . LYS B 1 55 ? 8.715   12.092  2.656   1.00 51.74 ? 78  LYS B CB  1 
ATOM   867 C CG  . LYS B 1 55 ? 7.410   12.806  2.962   1.00 55.79 ? 78  LYS B CG  1 
ATOM   868 C CD  . LYS B 1 55 ? 7.246   14.053  2.103   1.00 62.90 ? 78  LYS B CD  1 
ATOM   869 C CE  . LYS B 1 55 ? 5.798   14.523  2.068   1.00 65.91 ? 78  LYS B CE  1 
ATOM   870 N NZ  . LYS B 1 55 ? 5.221   14.704  3.429   1.00 71.97 ? 78  LYS B NZ  1 
ATOM   871 N N   . GLN B 1 56 ? 8.524   11.052  5.934   1.00 43.81 ? 79  GLN B N   1 
ATOM   872 C CA  . GLN B 1 56 ? 8.845   11.466  7.293   1.00 42.24 ? 79  GLN B CA  1 
ATOM   873 C C   . GLN B 1 56 ? 9.549   10.387  8.102   1.00 41.59 ? 79  GLN B C   1 
ATOM   874 O O   . GLN B 1 56 ? 9.952   10.655  9.239   1.00 39.38 ? 79  GLN B O   1 
ATOM   875 C CB  . GLN B 1 56 ? 7.575   11.911  8.022   1.00 47.21 ? 79  GLN B CB  1 
ATOM   876 C CG  . GLN B 1 56 ? 6.934   13.143  7.411   1.00 50.48 ? 79  GLN B CG  1 
ATOM   877 C CD  . GLN B 1 56 ? 5.722   13.612  8.186   1.00 52.41 ? 79  GLN B CD  1 
ATOM   878 O OE1 . GLN B 1 56 ? 5.498   13.195  9.321   1.00 54.30 ? 79  GLN B OE1 1 
ATOM   879 N NE2 . GLN B 1 56 ? 4.930   14.483  7.572   1.00 61.95 ? 79  GLN B NE2 1 
ATOM   880 N N   . LEU B 1 57 ? 9.708   9.185   7.557   1.00 32.57 ? 80  LEU B N   1 
ATOM   881 C CA  . LEU B 1 57 ? 10.461  8.156   8.257   1.00 30.78 ? 80  LEU B CA  1 
ATOM   882 C C   . LEU B 1 57 ? 11.956  8.431   8.129   1.00 41.39 ? 80  LEU B C   1 
ATOM   883 O O   . LEU B 1 57 ? 12.419  9.012   7.145   1.00 38.81 ? 80  LEU B O   1 
ATOM   884 C CB  . LEU B 1 57 ? 10.136  6.771   7.699   1.00 29.88 ? 80  LEU B CB  1 
ATOM   885 C CG  . LEU B 1 57 ? 8.676   6.329   7.610   1.00 31.71 ? 80  LEU B CG  1 
ATOM   886 C CD1 . LEU B 1 57 ? 8.597   4.944   6.986   1.00 31.49 ? 80  LEU B CD1 1 
ATOM   887 C CD2 . LEU B 1 57 ? 8.004   6.338   8.982   1.00 25.66 ? 80  LEU B CD2 1 
ATOM   888 N N   . GLN B 1 58 ? 12.714  8.010   9.139   1.00 40.01 ? 81  GLN B N   1 
ATOM   889 C CA  . GLN B 1 58 ? 14.157  8.198   9.160   1.00 42.94 ? 81  GLN B CA  1 
ATOM   890 C C   . GLN B 1 58 ? 14.839  6.905   9.582   1.00 42.92 ? 81  GLN B C   1 
ATOM   891 O O   . GLN B 1 58 ? 14.255  6.072   10.284  1.00 40.80 ? 81  GLN B O   1 
ATOM   892 C CB  . GLN B 1 58 ? 14.564  9.336   10.102  1.00 46.00 ? 81  GLN B CB  1 
ATOM   893 C CG  . GLN B 1 58 ? 13.906  10.666  9.771   1.00 49.90 ? 81  GLN B CG  1 
ATOM   894 C CD  . GLN B 1 58 ? 14.511  11.825  10.538  1.00 61.82 ? 81  GLN B CD  1 
ATOM   895 O OE1 . GLN B 1 58 ? 15.676  11.781  10.938  1.00 66.81 ? 81  GLN B OE1 1 
ATOM   896 N NE2 . GLN B 1 58 ? 13.720  12.871  10.749  1.00 61.30 ? 81  GLN B NE2 1 
ATOM   897 N N   . GLU B 1 59 ? 16.085  6.748   9.146   1.00 38.70 ? 82  GLU B N   1 
ATOM   898 C CA  . GLU B 1 59 ? 16.827  5.524   9.398   1.00 39.94 ? 82  GLU B CA  1 
ATOM   899 C C   . GLU B 1 59 ? 17.235  5.429   10.863  1.00 38.99 ? 82  GLU B C   1 
ATOM   900 O O   . GLU B 1 59 ? 17.429  6.437   11.547  1.00 38.77 ? 82  GLU B O   1 
ATOM   901 C CB  . GLU B 1 59 ? 18.069  5.461   8.505   1.00 39.79 ? 82  GLU B CB  1 
ATOM   902 N N   . VAL B 1 60 ? 17.352  4.199   11.346  1.00 44.49 ? 83  VAL B N   1 
ATOM   903 C CA  . VAL B 1 60 ? 17.883  3.960   12.683  1.00 48.11 ? 83  VAL B CA  1 
ATOM   904 C C   . VAL B 1 60 ? 19.404  4.029   12.624  1.00 57.55 ? 83  VAL B C   1 
ATOM   905 O O   . VAL B 1 60 ? 20.030  3.434   11.738  1.00 54.51 ? 83  VAL B O   1 
ATOM   906 C CB  . VAL B 1 60 ? 17.406  2.603   13.224  1.00 45.82 ? 83  VAL B CB  1 
ATOM   907 C CG1 . VAL B 1 60 ? 18.050  2.307   14.568  1.00 55.44 ? 83  VAL B CG1 1 
ATOM   908 C CG2 . VAL B 1 60 ? 15.887  2.585   13.345  1.00 42.71 ? 83  VAL B CG2 1 
ATOM   909 N N   . LYS B 1 61 ? 20.000  4.768   13.554  1.00 59.06 ? 84  LYS B N   1 
ATOM   910 C CA  . LYS B 1 61 ? 21.459  4.826   13.665  1.00 61.79 ? 84  LYS B CA  1 
ATOM   911 C C   . LYS B 1 61 ? 21.885  5.415   15.006  1.00 65.98 ? 84  LYS B C   1 
ATOM   912 O O   . LYS B 1 61 ? 21.597  6.573   15.306  1.00 76.83 ? 84  LYS B O   1 
ATOM   913 C CB  . LYS B 1 61 ? 22.065  5.642   12.519  1.00 59.68 ? 84  LYS B CB  1 
HETATM 914 O O   . HOH C 2 .  ? -6.904  2.897   -0.982  1.00 40.27 ? 101 HOH A O   1 
HETATM 915 O O   . HOH C 2 .  ? -3.832  -0.857  -1.066  1.00 35.53 ? 102 HOH A O   1 
HETATM 916 O O   . HOH C 2 .  ? -15.906 -1.444  -13.542 1.00 40.27 ? 103 HOH A O   1 
HETATM 917 O O   . HOH C 2 .  ? 1.351   -2.663  -16.228 1.00 39.70 ? 104 HOH A O   1 
HETATM 918 O O   . HOH C 2 .  ? -13.090 2.316   -12.447 1.00 35.87 ? 105 HOH A O   1 
HETATM 919 O O   . HOH C 2 .  ? -3.553  -2.774  -17.762 1.00 37.38 ? 106 HOH A O   1 
HETATM 920 O O   . HOH C 2 .  ? -15.347 4.847   -3.879  1.00 51.75 ? 107 HOH A O   1 
HETATM 921 O O   . HOH C 2 .  ? -15.473 -11.694 -7.482  1.00 59.26 ? 108 HOH A O   1 
HETATM 922 O O   . HOH C 2 .  ? -0.834  -10.653 -4.836  1.00 47.51 ? 109 HOH A O   1 
HETATM 923 O O   . HOH C 2 .  ? -0.817  -9.284  -11.576 1.00 40.22 ? 110 HOH A O   1 
HETATM 924 O O   . HOH C 2 .  ? 3.413   -4.592  -9.351  1.00 34.61 ? 111 HOH A O   1 
HETATM 925 O O   . HOH C 2 .  ? -7.397  4.803   -14.662 1.00 36.87 ? 112 HOH A O   1 
HETATM 926 O O   . HOH C 2 .  ? -9.794  4.173   -18.865 1.00 53.38 ? 113 HOH A O   1 
HETATM 927 O O   . HOH C 2 .  ? -10.294 3.573   0.354   1.00 51.05 ? 114 HOH A O   1 
HETATM 928 O O   . HOH C 2 .  ? -13.792 3.582   -19.699 1.00 65.22 ? 115 HOH A O   1 
HETATM 929 O O   . HOH C 2 .  ? -1.944  -10.268 -17.278 1.00 46.62 ? 116 HOH A O   1 
HETATM 930 O O   . HOH C 2 .  ? -15.100 0.100   -18.954 1.00 65.80 ? 117 HOH A O   1 
HETATM 931 O O   . HOH C 2 .  ? -13.656 -7.336  -20.073 1.00 59.68 ? 118 HOH A O   1 
HETATM 932 O O   . HOH C 2 .  ? -19.495 -2.716  -11.943 1.00 59.45 ? 119 HOH A O   1 
HETATM 933 O O   . HOH C 2 .  ? -12.691 7.164   -4.538  1.00 50.49 ? 120 HOH A O   1 
HETATM 934 O O   . HOH C 2 .  ? -16.966 -12.962 -5.441  1.00 61.23 ? 121 HOH A O   1 
HETATM 935 O O   . HOH C 2 .  ? 1.786   -9.244  -9.655  1.00 59.27 ? 122 HOH A O   1 
HETATM 936 O O   . HOH C 2 .  ? -5.242  1.287   2.278   1.00 51.15 ? 123 HOH A O   1 
HETATM 937 O O   . HOH C 2 .  ? -17.805 -2.479  -15.759 1.00 56.48 ? 124 HOH A O   1 
HETATM 938 O O   . HOH D 2 .  ? -7.096  11.819  -6.863  1.00 59.82 ? 101 HOH B O   1 
HETATM 939 O O   . HOH D 2 .  ? 0.215   1.419   4.420   1.00 40.79 ? 102 HOH B O   1 
HETATM 940 O O   . HOH D 2 .  ? 11.514  8.229   4.113   1.00 47.61 ? 103 HOH B O   1 
HETATM 941 O O   . HOH D 2 .  ? -2.418  -1.420  18.058  1.00 47.93 ? 104 HOH B O   1 
HETATM 942 O O   . HOH D 2 .  ? -2.505  3.754   23.521  1.00 43.78 ? 105 HOH B O   1 
HETATM 943 O O   . HOH D 2 .  ? 8.767   3.385   20.425  1.00 45.79 ? 106 HOH B O   1 
HETATM 944 O O   . HOH D 2 .  ? 10.225  3.008   0.150   1.00 38.70 ? 107 HOH B O   1 
HETATM 945 O O   . HOH D 2 .  ? 15.416  -3.120  10.511  1.00 50.94 ? 108 HOH B O   1 
HETATM 946 O O   . HOH D 2 .  ? 5.470   10.544  1.805   1.00 51.96 ? 109 HOH B O   1 
HETATM 947 O O   . HOH D 2 .  ? 3.131   -0.140  -1.682  1.00 41.22 ? 110 HOH B O   1 
HETATM 948 O O   . HOH D 2 .  ? 3.178   11.424  0.913   1.00 57.65 ? 111 HOH B O   1 
HETATM 949 O O   . HOH D 2 .  ? -4.132  -0.978  10.435  1.00 57.69 ? 112 HOH B O   1 
HETATM 950 O O   . HOH D 2 .  ? 17.308  -1.424  8.654   1.00 57.73 ? 113 HOH B O   1 
HETATM 951 O O   . HOH D 2 .  ? 10.637  7.040   0.524   1.00 49.06 ? 114 HOH B O   1 
HETATM 952 O O   . HOH D 2 .  ? -4.024  9.078   -11.824 1.00 55.69 ? 115 HOH B O   1 
# 
